data_6WI6
# 
_entry.id   6WI6 
# 
_audit_conform.dict_name       mmcif_pdbx.dic 
_audit_conform.dict_version    5.397 
_audit_conform.dict_location   http://mmcif.pdb.org/dictionaries/ascii/mmcif_pdbx.dic 
# 
loop_
_database_2.database_id 
_database_2.database_code 
_database_2.pdbx_database_accession 
_database_2.pdbx_DOI 
PDB   6WI6         pdb_00006wi6 10.2210/pdb6wi6/pdb 
WWPDB D_1000248087 ?            ?                   
# 
loop_
_pdbx_audit_revision_history.ordinal 
_pdbx_audit_revision_history.data_content_type 
_pdbx_audit_revision_history.major_revision 
_pdbx_audit_revision_history.minor_revision 
_pdbx_audit_revision_history.revision_date 
1 'Structure model' 1 0 2021-01-06 
2 'Structure model' 1 1 2021-01-13 
3 'Structure model' 1 2 2021-02-03 
4 'Structure model' 1 3 2024-10-09 
# 
_pdbx_audit_revision_details.ordinal             1 
_pdbx_audit_revision_details.revision_ordinal    1 
_pdbx_audit_revision_details.data_content_type   'Structure model' 
_pdbx_audit_revision_details.provider            repository 
_pdbx_audit_revision_details.type                'Initial release' 
_pdbx_audit_revision_details.description         ? 
_pdbx_audit_revision_details.details             ? 
# 
loop_
_pdbx_audit_revision_group.ordinal 
_pdbx_audit_revision_group.revision_ordinal 
_pdbx_audit_revision_group.data_content_type 
_pdbx_audit_revision_group.group 
1 2 'Structure model' 'Database references' 
2 3 'Structure model' 'Database references' 
3 4 'Structure model' 'Data collection'     
4 4 'Structure model' 'Database references' 
5 4 'Structure model' 'Structure summary'   
# 
loop_
_pdbx_audit_revision_category.ordinal 
_pdbx_audit_revision_category.revision_ordinal 
_pdbx_audit_revision_category.data_content_type 
_pdbx_audit_revision_category.category 
1 2 'Structure model' citation                  
2 2 'Structure model' citation_author           
3 3 'Structure model' citation                  
4 4 'Structure model' chem_comp_atom            
5 4 'Structure model' chem_comp_bond            
6 4 'Structure model' database_2                
7 4 'Structure model' pdbx_entry_details        
8 4 'Structure model' pdbx_modification_feature 
# 
loop_
_pdbx_audit_revision_item.ordinal 
_pdbx_audit_revision_item.revision_ordinal 
_pdbx_audit_revision_item.data_content_type 
_pdbx_audit_revision_item.item 
1 3 'Structure model' '_citation.details'                            
2 3 'Structure model' '_citation.pdbx_database_id_patent'            
3 4 'Structure model' '_database_2.pdbx_DOI'                         
4 4 'Structure model' '_database_2.pdbx_database_accession'          
5 4 'Structure model' '_pdbx_entry_details.has_protein_modification' 
# 
_pdbx_database_status.status_code                     REL 
_pdbx_database_status.status_code_sf                  REL 
_pdbx_database_status.status_code_mr                  ? 
_pdbx_database_status.entry_id                        6WI6 
_pdbx_database_status.recvd_initial_deposition_date   2020-04-08 
_pdbx_database_status.SG_entry                        N 
_pdbx_database_status.deposit_site                    RCSB 
_pdbx_database_status.process_site                    RCSB 
_pdbx_database_status.status_code_cs                  ? 
_pdbx_database_status.status_code_nmr_data            ? 
_pdbx_database_status.methods_development_category    ? 
_pdbx_database_status.pdb_format_compatible           Y 
# 
loop_
_audit_author.name 
_audit_author.pdbx_ordinal 
_audit_author.identifier_ORCID 
'Smith, A.T.'  1 0000-0002-0926-1878 
'Gor, M.C.'    2 0000-0002-0143-5386 
'Vezina, B.'   3 0000-0003-4224-2537 
'McMahon, R.'  4 0000-0001-5437-0355 
'King, G.'     5 0000-0001-5592-5789 
'Panjikar, S.' 6 0000-0001-7429-3879 
'Rehm, B.'     7 0000-0003-3908-8903 
'Martin, J.'   8 0000-0002-9225-8863 
# 
loop_
_citation.abstract 
_citation.abstract_id_CAS 
_citation.book_id_ISBN 
_citation.book_publisher 
_citation.book_publisher_city 
_citation.book_title 
_citation.coordinate_linkage 
_citation.country 
_citation.database_id_Medline 
_citation.details 
_citation.id 
_citation.journal_abbrev 
_citation.journal_id_ASTM 
_citation.journal_id_CSD 
_citation.journal_id_ISSN 
_citation.journal_full 
_citation.journal_issue 
_citation.journal_volume 
_citation.language 
_citation.page_first 
_citation.page_last 
_citation.title 
_citation.year 
_citation.database_id_CSD 
_citation.pdbx_database_id_DOI 
_citation.pdbx_database_id_PubMed 
_citation.unpublished_flag 
_citation.pdbx_database_id_patent 
? ? ? ? ? ? ? UK ? ? primary 'Sci Rep'  ? ? 2045-2322 ? ? 10 ? 17398    17398    
;Crystal structure and site-directed mutagenesis of circular bacteriocin plantacyclin B21AG reveals cationic and aromatic residues important for antimicrobial activity.
;
2020 ? 10.1038/s41598-020-74332-1    33060678 ? ?              
? ? ? ? ? ? ? UK ? ? 1       Heliyon    ? ? 2405-8440 ? ? 6  ? e04715   e04715   
'Discovery and characterisation of circular bacteriocin plantacyclin B21AG from Lactiplantibacillus plantarum B21.' 2020 ? 
10.1016/j.heliyon.2020.e04715 32904251 ? ?              
? ? ? ? ? ? ? US ? ? 2       'Plos One' ? ? 1932-6203 ? ? 15 ? e0232806 e0232806 
;Cloning and functional expression of a food-grade circular bacteriocin, plantacyclin B21AG, in probiotic Lactobacillus plantarum WCFS1.
;
2020 ? 10.1371/journal.pone.0232806  32785265 ? ?              
? ? ? ? ? ? ? ?  ? ? 3       Patent     ? ? ?         ? ? ?  ? ?        ?        'Bacteriocin polypeptides and uses thereof' 2016 
? ?                             ?        ? WO2016176729A1 
# 
loop_
_citation_author.citation_id 
_citation_author.name 
_citation_author.ordinal 
_citation_author.identifier_ORCID 
primary 'Gor, M.C.'      1  ?                   
primary 'Vezina, B.'     2  ?                   
primary 'McMahon, R.M.'  3  ?                   
primary 'King, G.J.'     4  ?                   
primary 'Panjikar, S.'   5  ?                   
primary 'Rehm, B.H.A.'   6  ?                   
primary 'Martin, J.L.'   7  ?                   
primary 'Smith, A.T.'    8  ?                   
1       'Golneshin, A.'  9  ?                   
1       'Gor, M.C.'      10 ?                   
1       'Williamson, N.' 11 ?                   
1       'Vezina, B.'     12 ?                   
1       'Van, T.T.H.'    13 ?                   
1       'May, B.K.'      14 ?                   
1       'Smith, A.T.'    15 ?                   
2       'Gor, M.C.'      16 0000-0002-0143-5386 
2       'Golneshin, A.'  17 ?                   
2       'Van, T.T.H.'    18 ?                   
2       'Moore, R.J.'    19 ?                   
2       'Smith, A.T.'    20 0000-0002-0926-1878 
3       'Golneshin, A.'  21 ?                   
3       'Gor, M.C.'      22 ?                   
3       'Van, T.T.H.'    23 ?                   
3       'May, B.K.'      24 ?                   
3       'Moore, R.J.'    25 ?                   
3       'Smith, A.T.'    26 ?                   
# 
loop_
_entity.id 
_entity.type 
_entity.src_method 
_entity.pdbx_description 
_entity.formula_weight 
_entity.pdbx_number_of_molecules 
_entity.pdbx_ec 
_entity.pdbx_mutation 
_entity.pdbx_fragment 
_entity.details 
1 polymer     nat 'Plantacyclin B21AG' 5689.649 2  ? ? ? ? 
2 non-polymer syn 'MALONATE ION'       102.046  1  ? ? ? ? 
3 water       nat water                18.015   56 ? ? ? ? 
# 
_entity_poly.entity_id                      1 
_entity_poly.type                           'polypeptide(L)' 
_entity_poly.nstd_linkage                   no 
_entity_poly.nstd_monomer                   no 
_entity_poly.pdbx_seq_one_letter_code       IVWIARQFGVHLTTKLTQKALDLLSSGASLGTVAAVILGVTLPGWAVAAAGALGGTAA 
_entity_poly.pdbx_seq_one_letter_code_can   IVWIARQFGVHLTTKLTQKALDLLSSGASLGTVAAVILGVTLPGWAVAAAGALGGTAA 
_entity_poly.pdbx_strand_id                 A,B 
_entity_poly.pdbx_target_identifier         ? 
# 
loop_
_pdbx_entity_nonpoly.entity_id 
_pdbx_entity_nonpoly.name 
_pdbx_entity_nonpoly.comp_id 
2 'MALONATE ION' MLI 
3 water          HOH 
# 
loop_
_entity_poly_seq.entity_id 
_entity_poly_seq.num 
_entity_poly_seq.mon_id 
_entity_poly_seq.hetero 
1 1  ILE n 
1 2  VAL n 
1 3  TRP n 
1 4  ILE n 
1 5  ALA n 
1 6  ARG n 
1 7  GLN n 
1 8  PHE n 
1 9  GLY n 
1 10 VAL n 
1 11 HIS n 
1 12 LEU n 
1 13 THR n 
1 14 THR n 
1 15 LYS n 
1 16 LEU n 
1 17 THR n 
1 18 GLN n 
1 19 LYS n 
1 20 ALA n 
1 21 LEU n 
1 22 ASP n 
1 23 LEU n 
1 24 LEU n 
1 25 SER n 
1 26 SER n 
1 27 GLY n 
1 28 ALA n 
1 29 SER n 
1 30 LEU n 
1 31 GLY n 
1 32 THR n 
1 33 VAL n 
1 34 ALA n 
1 35 ALA n 
1 36 VAL n 
1 37 ILE n 
1 38 LEU n 
1 39 GLY n 
1 40 VAL n 
1 41 THR n 
1 42 LEU n 
1 43 PRO n 
1 44 GLY n 
1 45 TRP n 
1 46 ALA n 
1 47 VAL n 
1 48 ALA n 
1 49 ALA n 
1 50 ALA n 
1 51 GLY n 
1 52 ALA n 
1 53 LEU n 
1 54 GLY n 
1 55 GLY n 
1 56 THR n 
1 57 ALA n 
1 58 ALA n 
# 
_entity_src_nat.entity_id                  1 
_entity_src_nat.pdbx_src_id                1 
_entity_src_nat.pdbx_alt_source_flag       sample 
_entity_src_nat.pdbx_beg_seq_num           1 
_entity_src_nat.pdbx_end_seq_num           58 
_entity_src_nat.common_name                ? 
_entity_src_nat.pdbx_organism_scientific   'Lactobacillus plantarum' 
_entity_src_nat.pdbx_ncbi_taxonomy_id      1590 
_entity_src_nat.genus                      ? 
_entity_src_nat.species                    ? 
_entity_src_nat.strain                     B21 
_entity_src_nat.tissue                     ? 
_entity_src_nat.tissue_fraction            ? 
_entity_src_nat.pdbx_secretion             ? 
_entity_src_nat.pdbx_fragment              ? 
_entity_src_nat.pdbx_variant               ? 
_entity_src_nat.pdbx_cell_line             ? 
_entity_src_nat.pdbx_atcc                  ? 
_entity_src_nat.pdbx_cellular_location     ? 
_entity_src_nat.pdbx_organ                 ? 
_entity_src_nat.pdbx_organelle             ? 
_entity_src_nat.pdbx_cell                  ? 
_entity_src_nat.pdbx_plasmid_name          ? 
_entity_src_nat.pdbx_plasmid_details       ? 
_entity_src_nat.details                    ? 
# 
loop_
_chem_comp.id 
_chem_comp.type 
_chem_comp.mon_nstd_flag 
_chem_comp.name 
_chem_comp.pdbx_synonyms 
_chem_comp.formula 
_chem_comp.formula_weight 
ALA 'L-peptide linking' y ALANINE         ? 'C3 H7 N O2'     89.093  
ARG 'L-peptide linking' y ARGININE        ? 'C6 H15 N4 O2 1' 175.209 
ASP 'L-peptide linking' y 'ASPARTIC ACID' ? 'C4 H7 N O4'     133.103 
GLN 'L-peptide linking' y GLUTAMINE       ? 'C5 H10 N2 O3'   146.144 
GLY 'peptide linking'   y GLYCINE         ? 'C2 H5 N O2'     75.067  
HIS 'L-peptide linking' y HISTIDINE       ? 'C6 H10 N3 O2 1' 156.162 
HOH non-polymer         . WATER           ? 'H2 O'           18.015  
ILE 'L-peptide linking' y ISOLEUCINE      ? 'C6 H13 N O2'    131.173 
LEU 'L-peptide linking' y LEUCINE         ? 'C6 H13 N O2'    131.173 
LYS 'L-peptide linking' y LYSINE          ? 'C6 H15 N2 O2 1' 147.195 
MLI non-polymer         . 'MALONATE ION'  ? 'C3 H2 O4 -2'    102.046 
PHE 'L-peptide linking' y PHENYLALANINE   ? 'C9 H11 N O2'    165.189 
PRO 'L-peptide linking' y PROLINE         ? 'C5 H9 N O2'     115.130 
SER 'L-peptide linking' y SERINE          ? 'C3 H7 N O3'     105.093 
THR 'L-peptide linking' y THREONINE       ? 'C4 H9 N O3'     119.119 
TRP 'L-peptide linking' y TRYPTOPHAN      ? 'C11 H12 N2 O2'  204.225 
VAL 'L-peptide linking' y VALINE          ? 'C5 H11 N O2'    117.146 
# 
loop_
_pdbx_poly_seq_scheme.asym_id 
_pdbx_poly_seq_scheme.entity_id 
_pdbx_poly_seq_scheme.seq_id 
_pdbx_poly_seq_scheme.mon_id 
_pdbx_poly_seq_scheme.ndb_seq_num 
_pdbx_poly_seq_scheme.pdb_seq_num 
_pdbx_poly_seq_scheme.auth_seq_num 
_pdbx_poly_seq_scheme.pdb_mon_id 
_pdbx_poly_seq_scheme.auth_mon_id 
_pdbx_poly_seq_scheme.pdb_strand_id 
_pdbx_poly_seq_scheme.pdb_ins_code 
_pdbx_poly_seq_scheme.hetero 
A 1 1  ILE 1  1  1  ILE ILE A . n 
A 1 2  VAL 2  2  2  VAL VAL A . n 
A 1 3  TRP 3  3  3  TRP TRP A . n 
A 1 4  ILE 4  4  4  ILE ILE A . n 
A 1 5  ALA 5  5  5  ALA ALA A . n 
A 1 6  ARG 6  6  6  ARG ARG A . n 
A 1 7  GLN 7  7  7  GLN GLN A . n 
A 1 8  PHE 8  8  8  PHE PHE A . n 
A 1 9  GLY 9  9  9  GLY GLY A . n 
A 1 10 VAL 10 10 10 VAL VAL A . n 
A 1 11 HIS 11 11 11 HIS HIS A . n 
A 1 12 LEU 12 12 12 LEU LEU A . n 
A 1 13 THR 13 13 13 THR THR A . n 
A 1 14 THR 14 14 14 THR THR A . n 
A 1 15 LYS 15 15 15 LYS LYS A . n 
A 1 16 LEU 16 16 16 LEU LEU A . n 
A 1 17 THR 17 17 17 THR THR A . n 
A 1 18 GLN 18 18 18 GLN GLN A . n 
A 1 19 LYS 19 19 19 LYS LYS A . n 
A 1 20 ALA 20 20 20 ALA ALA A . n 
A 1 21 LEU 21 21 21 LEU LEU A . n 
A 1 22 ASP 22 22 22 ASP ASP A . n 
A 1 23 LEU 23 23 23 LEU LEU A . n 
A 1 24 LEU 24 24 24 LEU LEU A . n 
A 1 25 SER 25 25 25 SER SER A . n 
A 1 26 SER 26 26 26 SER SER A . n 
A 1 27 GLY 27 27 27 GLY GLY A . n 
A 1 28 ALA 28 28 28 ALA ALA A . n 
A 1 29 SER 29 29 29 SER SER A . n 
A 1 30 LEU 30 30 30 LEU LEU A . n 
A 1 31 GLY 31 31 31 GLY GLY A . n 
A 1 32 THR 32 32 32 THR THR A . n 
A 1 33 VAL 33 33 33 VAL VAL A . n 
A 1 34 ALA 34 34 34 ALA ALA A . n 
A 1 35 ALA 35 35 35 ALA ALA A . n 
A 1 36 VAL 36 36 36 VAL VAL A . n 
A 1 37 ILE 37 37 37 ILE ILE A . n 
A 1 38 LEU 38 38 38 LEU LEU A . n 
A 1 39 GLY 39 39 39 GLY GLY A . n 
A 1 40 VAL 40 40 40 VAL VAL A . n 
A 1 41 THR 41 41 41 THR THR A . n 
A 1 42 LEU 42 42 42 LEU LEU A . n 
A 1 43 PRO 43 43 43 PRO PRO A . n 
A 1 44 GLY 44 44 44 GLY GLY A . n 
A 1 45 TRP 45 45 45 TRP TRP A . n 
A 1 46 ALA 46 46 46 ALA ALA A . n 
A 1 47 VAL 47 47 47 VAL VAL A . n 
A 1 48 ALA 48 48 48 ALA ALA A . n 
A 1 49 ALA 49 49 49 ALA ALA A . n 
A 1 50 ALA 50 50 50 ALA ALA A . n 
A 1 51 GLY 51 51 51 GLY GLY A . n 
A 1 52 ALA 52 52 52 ALA ALA A . n 
A 1 53 LEU 53 53 53 LEU LEU A . n 
A 1 54 GLY 54 54 54 GLY GLY A . n 
A 1 55 GLY 55 55 55 GLY GLY A . n 
A 1 56 THR 56 56 56 THR THR A . n 
A 1 57 ALA 57 57 57 ALA ALA A . n 
A 1 58 ALA 58 58 58 ALA ALA A . n 
B 1 1  ILE 1  1  1  ILE ILE B . n 
B 1 2  VAL 2  2  2  VAL VAL B . n 
B 1 3  TRP 3  3  3  TRP TRP B . n 
B 1 4  ILE 4  4  4  ILE ILE B . n 
B 1 5  ALA 5  5  5  ALA ALA B . n 
B 1 6  ARG 6  6  6  ARG ARG B . n 
B 1 7  GLN 7  7  7  GLN GLN B . n 
B 1 8  PHE 8  8  8  PHE PHE B . n 
B 1 9  GLY 9  9  9  GLY GLY B . n 
B 1 10 VAL 10 10 10 VAL VAL B . n 
B 1 11 HIS 11 11 11 HIS HIS B . n 
B 1 12 LEU 12 12 12 LEU LEU B . n 
B 1 13 THR 13 13 13 THR THR B . n 
B 1 14 THR 14 14 14 THR THR B . n 
B 1 15 LYS 15 15 15 LYS LYS B . n 
B 1 16 LEU 16 16 16 LEU LEU B . n 
B 1 17 THR 17 17 17 THR THR B . n 
B 1 18 GLN 18 18 18 GLN GLN B . n 
B 1 19 LYS 19 19 19 LYS LYS B . n 
B 1 20 ALA 20 20 20 ALA ALA B . n 
B 1 21 LEU 21 21 21 LEU LEU B . n 
B 1 22 ASP 22 22 22 ASP ASP B . n 
B 1 23 LEU 23 23 23 LEU LEU B . n 
B 1 24 LEU 24 24 24 LEU LEU B . n 
B 1 25 SER 25 25 25 SER SER B . n 
B 1 26 SER 26 26 26 SER SER B . n 
B 1 27 GLY 27 27 27 GLY GLY B . n 
B 1 28 ALA 28 28 28 ALA ALA B . n 
B 1 29 SER 29 29 29 SER SER B . n 
B 1 30 LEU 30 30 30 LEU LEU B . n 
B 1 31 GLY 31 31 31 GLY GLY B . n 
B 1 32 THR 32 32 32 THR THR B . n 
B 1 33 VAL 33 33 33 VAL VAL B . n 
B 1 34 ALA 34 34 34 ALA ALA B . n 
B 1 35 ALA 35 35 35 ALA ALA B . n 
B 1 36 VAL 36 36 36 VAL VAL B . n 
B 1 37 ILE 37 37 37 ILE ILE B . n 
B 1 38 LEU 38 38 38 LEU LEU B . n 
B 1 39 GLY 39 39 39 GLY GLY B . n 
B 1 40 VAL 40 40 40 VAL VAL B . n 
B 1 41 THR 41 41 41 THR THR B . n 
B 1 42 LEU 42 42 42 LEU LEU B . n 
B 1 43 PRO 43 43 43 PRO PRO B . n 
B 1 44 GLY 44 44 44 GLY GLY B . n 
B 1 45 TRP 45 45 45 TRP TRP B . n 
B 1 46 ALA 46 46 46 ALA ALA B . n 
B 1 47 VAL 47 47 47 VAL VAL B . n 
B 1 48 ALA 48 48 48 ALA ALA B . n 
B 1 49 ALA 49 49 49 ALA ALA B . n 
B 1 50 ALA 50 50 50 ALA ALA B . n 
B 1 51 GLY 51 51 51 GLY GLY B . n 
B 1 52 ALA 52 52 52 ALA ALA B . n 
B 1 53 LEU 53 53 53 LEU LEU B . n 
B 1 54 GLY 54 54 54 GLY GLY B . n 
B 1 55 GLY 55 55 55 GLY GLY B . n 
B 1 56 THR 56 56 56 THR THR B . n 
B 1 57 ALA 57 57 57 ALA ALA B . n 
B 1 58 ALA 58 58 58 ALA ALA B . n 
# 
loop_
_pdbx_nonpoly_scheme.asym_id 
_pdbx_nonpoly_scheme.entity_id 
_pdbx_nonpoly_scheme.mon_id 
_pdbx_nonpoly_scheme.ndb_seq_num 
_pdbx_nonpoly_scheme.pdb_seq_num 
_pdbx_nonpoly_scheme.auth_seq_num 
_pdbx_nonpoly_scheme.pdb_mon_id 
_pdbx_nonpoly_scheme.auth_mon_id 
_pdbx_nonpoly_scheme.pdb_strand_id 
_pdbx_nonpoly_scheme.pdb_ins_code 
C 2 MLI 1  101 1  MLI MLI B . 
D 3 HOH 1  101 1  HOH HOH A . 
D 3 HOH 2  102 24 HOH HOH A . 
D 3 HOH 3  103 20 HOH HOH A . 
D 3 HOH 4  104 37 HOH HOH A . 
D 3 HOH 5  105 51 HOH HOH A . 
D 3 HOH 6  106 17 HOH HOH A . 
D 3 HOH 7  107 9  HOH HOH A . 
D 3 HOH 8  108 22 HOH HOH A . 
D 3 HOH 9  109 19 HOH HOH A . 
D 3 HOH 10 110 10 HOH HOH A . 
D 3 HOH 11 111 16 HOH HOH A . 
D 3 HOH 12 112 6  HOH HOH A . 
D 3 HOH 13 113 56 HOH HOH A . 
D 3 HOH 14 114 32 HOH HOH A . 
D 3 HOH 15 115 36 HOH HOH A . 
D 3 HOH 16 116 14 HOH HOH A . 
D 3 HOH 17 117 26 HOH HOH A . 
D 3 HOH 18 118 27 HOH HOH A . 
D 3 HOH 19 119 49 HOH HOH A . 
D 3 HOH 20 120 53 HOH HOH A . 
D 3 HOH 21 121 52 HOH HOH A . 
D 3 HOH 22 122 40 HOH HOH A . 
D 3 HOH 23 123 55 HOH HOH A . 
D 3 HOH 24 124 11 HOH HOH A . 
E 3 HOH 1  201 3  HOH HOH B . 
E 3 HOH 2  202 29 HOH HOH B . 
E 3 HOH 3  203 7  HOH HOH B . 
E 3 HOH 4  204 31 HOH HOH B . 
E 3 HOH 5  205 33 HOH HOH B . 
E 3 HOH 6  206 23 HOH HOH B . 
E 3 HOH 7  207 25 HOH HOH B . 
E 3 HOH 8  208 13 HOH HOH B . 
E 3 HOH 9  209 39 HOH HOH B . 
E 3 HOH 10 210 30 HOH HOH B . 
E 3 HOH 11 211 34 HOH HOH B . 
E 3 HOH 12 212 45 HOH HOH B . 
E 3 HOH 13 213 4  HOH HOH B . 
E 3 HOH 14 214 47 HOH HOH B . 
E 3 HOH 15 215 28 HOH HOH B . 
E 3 HOH 16 216 38 HOH HOH B . 
E 3 HOH 17 217 46 HOH HOH B . 
E 3 HOH 18 218 2  HOH HOH B . 
E 3 HOH 19 219 18 HOH HOH B . 
E 3 HOH 20 220 21 HOH HOH B . 
E 3 HOH 21 221 15 HOH HOH B . 
E 3 HOH 22 222 48 HOH HOH B . 
E 3 HOH 23 223 41 HOH HOH B . 
E 3 HOH 24 224 5  HOH HOH B . 
E 3 HOH 25 225 12 HOH HOH B . 
E 3 HOH 26 226 8  HOH HOH B . 
E 3 HOH 27 227 44 HOH HOH B . 
E 3 HOH 28 228 43 HOH HOH B . 
E 3 HOH 29 229 50 HOH HOH B . 
E 3 HOH 30 230 35 HOH HOH B . 
E 3 HOH 31 231 42 HOH HOH B . 
E 3 HOH 32 232 54 HOH HOH B . 
# 
loop_
_software.citation_id 
_software.classification 
_software.compiler_name 
_software.compiler_version 
_software.contact_author 
_software.contact_author_email 
_software.date 
_software.description 
_software.dependencies 
_software.hardware 
_software.language 
_software.location 
_software.mods 
_software.name 
_software.os 
_software.os_version 
_software.type 
_software.version 
_software.pdbx_ordinal 
? refinement        ? ? ? ? ? ? ? ? ? ? ? REFMAC      ? ? ? 5.8.0189 1 
? 'data scaling'    ? ? ? ? ? ? ? ? ? ? ? Aimless     ? ? ? 0.5.32   2 
? 'data extraction' ? ? ? ? ? ? ? ? ? ? ? PDB_EXTRACT ? ? ? 3.25     3 
? 'data reduction'  ? ? ? ? ? ? ? ? ? ? ? XDS         ? ? ? .        4 
? phasing           ? ? ? ? ? ? ? ? ? ? ? PHASER      ? ? ? .        5 
? 'model building'  ? ? ? ? ? ? ? ? ? ? ? ARP/wARP    ? ? ? .        6 
# 
_cell.angle_alpha                  90.000 
_cell.angle_alpha_esd              ? 
_cell.angle_beta                   90.000 
_cell.angle_beta_esd               ? 
_cell.angle_gamma                  90.000 
_cell.angle_gamma_esd              ? 
_cell.entry_id                     6WI6 
_cell.details                      ? 
_cell.formula_units_Z              ? 
_cell.length_a                     44.131 
_cell.length_a_esd                 ? 
_cell.length_b                     93.170 
_cell.length_b_esd                 ? 
_cell.length_c                     49.493 
_cell.length_c_esd                 ? 
_cell.volume                       ? 
_cell.volume_esd                   ? 
_cell.Z_PDB                        16 
_cell.reciprocal_angle_alpha       ? 
_cell.reciprocal_angle_beta        ? 
_cell.reciprocal_angle_gamma       ? 
_cell.reciprocal_angle_alpha_esd   ? 
_cell.reciprocal_angle_beta_esd    ? 
_cell.reciprocal_angle_gamma_esd   ? 
_cell.reciprocal_length_a          ? 
_cell.reciprocal_length_b          ? 
_cell.reciprocal_length_c          ? 
_cell.reciprocal_length_a_esd      ? 
_cell.reciprocal_length_b_esd      ? 
_cell.reciprocal_length_c_esd      ? 
_cell.pdbx_unique_axis             ? 
# 
_symmetry.entry_id                         6WI6 
_symmetry.cell_setting                     ? 
_symmetry.Int_Tables_number                20 
_symmetry.space_group_name_Hall            ? 
_symmetry.space_group_name_H-M             'C 2 2 21' 
_symmetry.pdbx_full_space_group_name_H-M   ? 
# 
_exptl.absorpt_coefficient_mu     ? 
_exptl.absorpt_correction_T_max   ? 
_exptl.absorpt_correction_T_min   ? 
_exptl.absorpt_correction_type    ? 
_exptl.absorpt_process_details    ? 
_exptl.entry_id                   6WI6 
_exptl.crystals_number            1 
_exptl.details                    ? 
_exptl.method                     'X-RAY DIFFRACTION' 
_exptl.method_details             ? 
# 
_exptl_crystal.colour                      ? 
_exptl_crystal.density_diffrn              ? 
_exptl_crystal.density_Matthews            2.24 
_exptl_crystal.density_method              ? 
_exptl_crystal.density_percent_sol         44.98 
_exptl_crystal.description                 'Cubic shape' 
_exptl_crystal.F_000                       ? 
_exptl_crystal.id                          1 
_exptl_crystal.preparation                 ? 
_exptl_crystal.size_max                    ? 
_exptl_crystal.size_mid                    ? 
_exptl_crystal.size_min                    ? 
_exptl_crystal.size_rad                    ? 
_exptl_crystal.colour_lustre               ? 
_exptl_crystal.colour_modifier             ? 
_exptl_crystal.colour_primary              ? 
_exptl_crystal.density_meas                ? 
_exptl_crystal.density_meas_esd            ? 
_exptl_crystal.density_meas_gt             ? 
_exptl_crystal.density_meas_lt             ? 
_exptl_crystal.density_meas_temp           ? 
_exptl_crystal.density_meas_temp_esd       ? 
_exptl_crystal.density_meas_temp_gt        ? 
_exptl_crystal.density_meas_temp_lt        ? 
_exptl_crystal.pdbx_crystal_image_url      ? 
_exptl_crystal.pdbx_crystal_image_format   ? 
_exptl_crystal.pdbx_mosaicity              ? 
_exptl_crystal.pdbx_mosaicity_esd          ? 
# 
_exptl_crystal_grow.apparatus       ? 
_exptl_crystal_grow.atmosphere      ? 
_exptl_crystal_grow.crystal_id      1 
_exptl_crystal_grow.details         ? 
_exptl_crystal_grow.method          'VAPOR DIFFUSION, HANGING DROP' 
_exptl_crystal_grow.method_ref      ? 
_exptl_crystal_grow.pH              7 
_exptl_crystal_grow.pressure        ? 
_exptl_crystal_grow.pressure_esd    ? 
_exptl_crystal_grow.seeding         ? 
_exptl_crystal_grow.seeding_ref     ? 
_exptl_crystal_grow.temp            293.15 
_exptl_crystal_grow.temp_details    ? 
_exptl_crystal_grow.temp_esd        ? 
_exptl_crystal_grow.time            ? 
_exptl_crystal_grow.pdbx_details    '1.1 M sodium malonate, 0.1 M HEPES pH7.0 and 0.5% v/v JED-2003' 
_exptl_crystal_grow.pdbx_pH_range   ? 
# 
_diffrn.ambient_environment              ? 
_diffrn.ambient_temp                     100 
_diffrn.ambient_temp_details             ? 
_diffrn.ambient_temp_esd                 ? 
_diffrn.crystal_id                       1 
_diffrn.crystal_support                  ? 
_diffrn.crystal_treatment                ? 
_diffrn.details                          ? 
_diffrn.id                               1 
_diffrn.ambient_pressure                 ? 
_diffrn.ambient_pressure_esd             ? 
_diffrn.ambient_pressure_gt              ? 
_diffrn.ambient_pressure_lt              ? 
_diffrn.ambient_temp_gt                  ? 
_diffrn.ambient_temp_lt                  ? 
_diffrn.pdbx_serial_crystal_experiment   N 
# 
_diffrn_detector.details                      ? 
_diffrn_detector.detector                     PIXEL 
_diffrn_detector.diffrn_id                    1 
_diffrn_detector.type                         'DECTRIS EIGER X 16M' 
_diffrn_detector.area_resol_mean              ? 
_diffrn_detector.dtime                        ? 
_diffrn_detector.pdbx_frames_total            ? 
_diffrn_detector.pdbx_collection_time_total   ? 
_diffrn_detector.pdbx_collection_date         2017-10-15 
_diffrn_detector.pdbx_frequency               ? 
# 
_diffrn_radiation.collimation                      ? 
_diffrn_radiation.diffrn_id                        1 
_diffrn_radiation.filter_edge                      ? 
_diffrn_radiation.inhomogeneity                    ? 
_diffrn_radiation.monochromator                    ? 
_diffrn_radiation.polarisn_norm                    ? 
_diffrn_radiation.polarisn_ratio                   ? 
_diffrn_radiation.probe                            ? 
_diffrn_radiation.type                             ? 
_diffrn_radiation.xray_symbol                      ? 
_diffrn_radiation.wavelength_id                    1 
_diffrn_radiation.pdbx_monochromatic_or_laue_m_l   M 
_diffrn_radiation.pdbx_wavelength_list             ? 
_diffrn_radiation.pdbx_wavelength                  ? 
_diffrn_radiation.pdbx_diffrn_protocol             'SINGLE WAVELENGTH' 
_diffrn_radiation.pdbx_analyzer                    ? 
_diffrn_radiation.pdbx_scattering_type             x-ray 
# 
_diffrn_radiation_wavelength.id           1 
_diffrn_radiation_wavelength.wavelength   0.9537 
_diffrn_radiation_wavelength.wt           1.0 
# 
_diffrn_source.current                     ? 
_diffrn_source.details                     ? 
_diffrn_source.diffrn_id                   1 
_diffrn_source.power                       ? 
_diffrn_source.size                        ? 
_diffrn_source.source                      SYNCHROTRON 
_diffrn_source.target                      ? 
_diffrn_source.type                        'AUSTRALIAN SYNCHROTRON BEAMLINE MX2' 
_diffrn_source.voltage                     ? 
_diffrn_source.take-off_angle              ? 
_diffrn_source.pdbx_wavelength_list        0.9537 
_diffrn_source.pdbx_wavelength             ? 
_diffrn_source.pdbx_synchrotron_beamline   MX2 
_diffrn_source.pdbx_synchrotron_site       'Australian Synchrotron' 
# 
_reflns.B_iso_Wilson_estimate            ? 
_reflns.entry_id                         6WI6 
_reflns.data_reduction_details           ? 
_reflns.data_reduction_method            ? 
_reflns.d_resolution_high                1.800 
_reflns.d_resolution_low                 46.580 
_reflns.details                          ? 
_reflns.limit_h_max                      ? 
_reflns.limit_h_min                      ? 
_reflns.limit_k_max                      ? 
_reflns.limit_k_min                      ? 
_reflns.limit_l_max                      ? 
_reflns.limit_l_min                      ? 
_reflns.number_all                       ? 
_reflns.number_obs                       9770 
_reflns.observed_criterion               ? 
_reflns.observed_criterion_F_max         ? 
_reflns.observed_criterion_F_min         ? 
_reflns.observed_criterion_I_max         ? 
_reflns.observed_criterion_I_min         ? 
_reflns.observed_criterion_sigma_F       ? 
_reflns.observed_criterion_sigma_I       ? 
_reflns.percent_possible_obs             99.800 
_reflns.R_free_details                   ? 
_reflns.Rmerge_F_all                     ? 
_reflns.Rmerge_F_obs                     ? 
_reflns.Friedel_coverage                 ? 
_reflns.number_gt                        ? 
_reflns.threshold_expression             ? 
_reflns.pdbx_redundancy                  13.100 
_reflns.pdbx_Rmerge_I_obs                0.076 
_reflns.pdbx_Rmerge_I_all                ? 
_reflns.pdbx_Rsym_value                  ? 
_reflns.pdbx_netI_over_av_sigmaI         ? 
_reflns.pdbx_netI_over_sigmaI            15.500 
_reflns.pdbx_res_netI_over_av_sigmaI_2   ? 
_reflns.pdbx_res_netI_over_sigmaI_2      ? 
_reflns.pdbx_chi_squared                 ? 
_reflns.pdbx_scaling_rejects             ? 
_reflns.pdbx_d_res_high_opt              ? 
_reflns.pdbx_d_res_low_opt               ? 
_reflns.pdbx_d_res_opt_method            ? 
_reflns.phase_calculation_details        ? 
_reflns.pdbx_Rrim_I_all                  0.079 
_reflns.pdbx_Rpim_I_all                  0.022 
_reflns.pdbx_d_opt                       ? 
_reflns.pdbx_number_measured_all         128402 
_reflns.pdbx_diffrn_id                   1 
_reflns.pdbx_ordinal                     1 
_reflns.pdbx_CC_half                     0.999 
_reflns.pdbx_CC_star                     ? 
_reflns.pdbx_R_split                     ? 
# 
loop_
_reflns_shell.d_res_high 
_reflns_shell.d_res_low 
_reflns_shell.meanI_over_sigI_all 
_reflns_shell.meanI_over_sigI_obs 
_reflns_shell.number_measured_all 
_reflns_shell.number_measured_obs 
_reflns_shell.number_possible 
_reflns_shell.number_unique_all 
_reflns_shell.number_unique_obs 
_reflns_shell.percent_possible_all 
_reflns_shell.percent_possible_obs 
_reflns_shell.Rmerge_F_all 
_reflns_shell.Rmerge_F_obs 
_reflns_shell.Rmerge_I_all 
_reflns_shell.Rmerge_I_obs 
_reflns_shell.meanI_over_sigI_gt 
_reflns_shell.meanI_over_uI_all 
_reflns_shell.meanI_over_uI_gt 
_reflns_shell.number_measured_gt 
_reflns_shell.number_unique_gt 
_reflns_shell.percent_possible_gt 
_reflns_shell.Rmerge_F_gt 
_reflns_shell.Rmerge_I_gt 
_reflns_shell.pdbx_redundancy 
_reflns_shell.pdbx_Rsym_value 
_reflns_shell.pdbx_chi_squared 
_reflns_shell.pdbx_netI_over_sigmaI_all 
_reflns_shell.pdbx_netI_over_sigmaI_obs 
_reflns_shell.pdbx_Rrim_I_all 
_reflns_shell.pdbx_Rpim_I_all 
_reflns_shell.pdbx_rejects 
_reflns_shell.pdbx_ordinal 
_reflns_shell.pdbx_diffrn_id 
_reflns_shell.pdbx_CC_half 
_reflns_shell.pdbx_CC_star 
_reflns_shell.pdbx_R_split 
1.800 1.840  ? ? 7062 ? ? ? 573 96.700 ? ? ? ? 0.762 ? ? ? ? ? ? ? ? 12.300 ? ? ? 2.400  0.795 0.223 ? 1 1 0.900 ? ? 
9.010 46.580 ? ? 1068 ? ? ? 101 99.700 ? ? ? ? 0.034 ? ? ? ? ? ? ? ? 10.600 ? ? ? 35.600 0.036 0.012 ? 2 1 1.000 ? ? 
# 
_refine.aniso_B[1][1]                            0.9400 
_refine.aniso_B[1][2]                            0.0000 
_refine.aniso_B[1][3]                            -0.0000 
_refine.aniso_B[2][2]                            -0.4200 
_refine.aniso_B[2][3]                            0.0000 
_refine.aniso_B[3][3]                            -0.5200 
_refine.B_iso_max                                73.420 
_refine.B_iso_mean                               26.5030 
_refine.B_iso_min                                15.880 
_refine.correlation_coeff_Fo_to_Fc               0.9730 
_refine.correlation_coeff_Fo_to_Fc_free          0.9550 
_refine.details                                  
'HYDROGENS HAVE BEEN ADDED IN THE RIDING POSITIONS U VALUES      : REFINED INDIVIDUALLY' 
_refine.diff_density_max                         ? 
_refine.diff_density_max_esd                     ? 
_refine.diff_density_min                         ? 
_refine.diff_density_min_esd                     ? 
_refine.diff_density_rms                         ? 
_refine.diff_density_rms_esd                     ? 
_refine.entry_id                                 6WI6 
_refine.pdbx_refine_id                           'X-RAY DIFFRACTION' 
_refine.ls_abs_structure_details                 ? 
_refine.ls_abs_structure_Flack                   ? 
_refine.ls_abs_structure_Flack_esd               ? 
_refine.ls_abs_structure_Rogers                  ? 
_refine.ls_abs_structure_Rogers_esd              ? 
_refine.ls_d_res_high                            1.8000 
_refine.ls_d_res_low                             46.5800 
_refine.ls_extinction_coef                       ? 
_refine.ls_extinction_coef_esd                   ? 
_refine.ls_extinction_expression                 ? 
_refine.ls_extinction_method                     ? 
_refine.ls_goodness_of_fit_all                   ? 
_refine.ls_goodness_of_fit_all_esd               ? 
_refine.ls_goodness_of_fit_obs                   ? 
_refine.ls_goodness_of_fit_obs_esd               ? 
_refine.ls_hydrogen_treatment                    ? 
_refine.ls_matrix_type                           ? 
_refine.ls_number_constraints                    ? 
_refine.ls_number_parameters                     ? 
_refine.ls_number_reflns_all                     ? 
_refine.ls_number_reflns_obs                     8753 
_refine.ls_number_reflns_R_free                  993 
_refine.ls_number_reflns_R_work                  ? 
_refine.ls_number_restraints                     ? 
_refine.ls_percent_reflns_obs                    99.8300 
_refine.ls_percent_reflns_R_free                 10.2000 
_refine.ls_R_factor_all                          ? 
_refine.ls_R_factor_obs                          0.1739 
_refine.ls_R_factor_R_free                       0.2152 
_refine.ls_R_factor_R_free_error                 ? 
_refine.ls_R_factor_R_free_error_details         ? 
_refine.ls_R_factor_R_work                       0.1693 
_refine.ls_R_Fsqd_factor_obs                     ? 
_refine.ls_R_I_factor_obs                        ? 
_refine.ls_redundancy_reflns_all                 ? 
_refine.ls_redundancy_reflns_obs                 ? 
_refine.ls_restrained_S_all                      ? 
_refine.ls_restrained_S_obs                      ? 
_refine.ls_shift_over_esd_max                    ? 
_refine.ls_shift_over_esd_mean                   ? 
_refine.ls_structure_factor_coef                 ? 
_refine.ls_weighting_details                     ? 
_refine.ls_weighting_scheme                      ? 
_refine.ls_wR_factor_all                         ? 
_refine.ls_wR_factor_obs                         ? 
_refine.ls_wR_factor_R_free                      ? 
_refine.ls_wR_factor_R_work                      ? 
_refine.occupancy_max                            ? 
_refine.occupancy_min                            ? 
_refine.solvent_model_details                    MASK 
_refine.solvent_model_param_bsol                 ? 
_refine.solvent_model_param_ksol                 ? 
_refine.pdbx_R_complete                          ? 
_refine.ls_R_factor_gt                           ? 
_refine.ls_goodness_of_fit_gt                    ? 
_refine.ls_goodness_of_fit_ref                   ? 
_refine.ls_shift_over_su_max                     ? 
_refine.ls_shift_over_su_max_lt                  ? 
_refine.ls_shift_over_su_mean                    ? 
_refine.ls_shift_over_su_mean_lt                 ? 
_refine.pdbx_ls_sigma_I                          ? 
_refine.pdbx_ls_sigma_F                          0.000 
_refine.pdbx_ls_sigma_Fsqd                       ? 
_refine.pdbx_data_cutoff_high_absF               ? 
_refine.pdbx_data_cutoff_high_rms_absF           ? 
_refine.pdbx_data_cutoff_low_absF                ? 
_refine.pdbx_isotropic_thermal_model             ? 
_refine.pdbx_ls_cross_valid_method               THROUGHOUT 
_refine.pdbx_method_to_determine_struct          'AB INITIO PHASING' 
_refine.pdbx_starting_model                      ? 
_refine.pdbx_stereochemistry_target_values       'MAXIMUM LIKELIHOOD' 
_refine.pdbx_R_Free_selection_details            RANDOM 
_refine.pdbx_stereochem_target_val_spec_case     ? 
_refine.pdbx_overall_ESU_R                       0.1280 
_refine.pdbx_overall_ESU_R_Free                  0.1270 
_refine.pdbx_solvent_vdw_probe_radii             1.2000 
_refine.pdbx_solvent_ion_probe_radii             0.8000 
_refine.pdbx_solvent_shrinkage_radii             0.8000 
_refine.pdbx_real_space_R                        ? 
_refine.pdbx_density_correlation                 ? 
_refine.pdbx_pd_number_of_powder_patterns        ? 
_refine.pdbx_pd_number_of_points                 ? 
_refine.pdbx_pd_meas_number_of_points            ? 
_refine.pdbx_pd_proc_ls_prof_R_factor            ? 
_refine.pdbx_pd_proc_ls_prof_wR_factor           ? 
_refine.pdbx_pd_Marquardt_correlation_coeff      ? 
_refine.pdbx_pd_Fsqrd_R_factor                   ? 
_refine.pdbx_pd_ls_matrix_band_width             ? 
_refine.pdbx_overall_phase_error                 ? 
_refine.pdbx_overall_SU_R_free_Cruickshank_DPI   ? 
_refine.pdbx_overall_SU_R_free_Blow_DPI          ? 
_refine.pdbx_overall_SU_R_Blow_DPI               ? 
_refine.pdbx_TLS_residual_ADP_flag               ? 
_refine.pdbx_diffrn_id                           1 
_refine.overall_SU_B                             3.1870 
_refine.overall_SU_ML                            0.0950 
_refine.overall_SU_R_Cruickshank_DPI             ? 
_refine.overall_SU_R_free                        ? 
_refine.overall_FOM_free_R_set                   ? 
_refine.overall_FOM_work_R_set                   ? 
_refine.pdbx_average_fsc_overall                 ? 
_refine.pdbx_average_fsc_work                    ? 
_refine.pdbx_average_fsc_free                    ? 
# 
_refine_hist.pdbx_refine_id                   'X-RAY DIFFRACTION' 
_refine_hist.cycle_id                         final 
_refine_hist.details                          ? 
_refine_hist.d_res_high                       1.8000 
_refine_hist.d_res_low                        46.5800 
_refine_hist.number_atoms_solvent             56 
_refine_hist.number_atoms_total               865 
_refine_hist.number_reflns_all                ? 
_refine_hist.number_reflns_obs                ? 
_refine_hist.number_reflns_R_free             ? 
_refine_hist.number_reflns_R_work             ? 
_refine_hist.R_factor_all                     ? 
_refine_hist.R_factor_obs                     ? 
_refine_hist.R_factor_R_free                  ? 
_refine_hist.R_factor_R_work                  ? 
_refine_hist.pdbx_number_residues_total       116 
_refine_hist.pdbx_B_iso_mean_ligand           21.63 
_refine_hist.pdbx_B_iso_mean_solvent          39.23 
_refine_hist.pdbx_number_atoms_protein        802 
_refine_hist.pdbx_number_atoms_nucleic_acid   0 
_refine_hist.pdbx_number_atoms_ligand         7 
_refine_hist.pdbx_number_atoms_lipid          ? 
_refine_hist.pdbx_number_atoms_carb           ? 
_refine_hist.pdbx_pseudo_atom_details         ? 
# 
loop_
_refine_ls_restr.pdbx_refine_id 
_refine_ls_restr.criterion 
_refine_ls_restr.dev_ideal 
_refine_ls_restr.dev_ideal_target 
_refine_ls_restr.number 
_refine_ls_restr.rejects 
_refine_ls_restr.type 
_refine_ls_restr.weight 
_refine_ls_restr.pdbx_restraint_function 
'X-RAY DIFFRACTION' ? 0.019  0.019  820  ? r_bond_refined_d       ? ? 
'X-RAY DIFFRACTION' ? 0.002  0.020  836  ? r_bond_other_d         ? ? 
'X-RAY DIFFRACTION' ? 1.697  1.959  1121 ? r_angle_refined_deg    ? ? 
'X-RAY DIFFRACTION' ? 1.058  3.000  1909 ? r_angle_other_deg      ? ? 
'X-RAY DIFFRACTION' ? 5.437  5.000  114  ? r_dihedral_angle_1_deg ? ? 
'X-RAY DIFFRACTION' ? 26.382 22.500 16   ? r_dihedral_angle_2_deg ? ? 
'X-RAY DIFFRACTION' ? 11.655 15.000 118  ? r_dihedral_angle_3_deg ? ? 
'X-RAY DIFFRACTION' ? 31.947 15.000 2    ? r_dihedral_angle_4_deg ? ? 
'X-RAY DIFFRACTION' ? 0.103  0.200  148  ? r_chiral_restr         ? ? 
'X-RAY DIFFRACTION' ? 0.009  0.020  908  ? r_gen_planes_refined   ? ? 
'X-RAY DIFFRACTION' ? 0.001  0.020  158  ? r_gen_planes_other     ? ? 
# 
_refine_ls_shell.pdbx_refine_id                   'X-RAY DIFFRACTION' 
_refine_ls_shell.d_res_high                       1.8030 
_refine_ls_shell.d_res_low                        1.8490 
_refine_ls_shell.number_reflns_all                699 
_refine_ls_shell.number_reflns_obs                ? 
_refine_ls_shell.number_reflns_R_free             62 
_refine_ls_shell.number_reflns_R_work             637 
_refine_ls_shell.percent_reflns_obs               98.4500 
_refine_ls_shell.percent_reflns_R_free            ? 
_refine_ls_shell.R_factor_all                     ? 
_refine_ls_shell.R_factor_obs                     ? 
_refine_ls_shell.R_factor_R_free                  0.3080 
_refine_ls_shell.R_factor_R_free_error            0.0000 
_refine_ls_shell.R_factor_R_work                  0.2450 
_refine_ls_shell.redundancy_reflns_all            ? 
_refine_ls_shell.redundancy_reflns_obs            ? 
_refine_ls_shell.wR_factor_all                    ? 
_refine_ls_shell.wR_factor_obs                    ? 
_refine_ls_shell.wR_factor_R_free                 ? 
_refine_ls_shell.wR_factor_R_work                 ? 
_refine_ls_shell.pdbx_R_complete                  ? 
_refine_ls_shell.pdbx_total_number_of_bins_used   20 
_refine_ls_shell.pdbx_phase_error                 ? 
_refine_ls_shell.pdbx_fsc_work                    ? 
_refine_ls_shell.pdbx_fsc_free                    ? 
# 
_struct.entry_id                     6WI6 
_struct.title                        'Crystal structure of plantacyclin B21AG' 
_struct.pdbx_model_details           ? 
_struct.pdbx_formula_weight          ? 
_struct.pdbx_formula_weight_method   ? 
_struct.pdbx_model_type_details      ? 
_struct.pdbx_CASP_flag               N 
# 
_struct_keywords.entry_id        6WI6 
_struct_keywords.text            'Circular bacteriocin, antimicrobial peptide, lactic acid bacteria, ANTIMICROBIAL PROTEIN' 
_struct_keywords.pdbx_keywords   'ANTIMICROBIAL PROTEIN' 
# 
loop_
_struct_asym.id 
_struct_asym.pdbx_blank_PDB_chainid_flag 
_struct_asym.pdbx_modified 
_struct_asym.entity_id 
_struct_asym.details 
A N N 1 ? 
B N N 1 ? 
C N N 2 ? 
D N N 3 ? 
E N N 3 ? 
# 
_struct_ref.id                         1 
_struct_ref.db_name                    PDB 
_struct_ref.db_code                    6WI6 
_struct_ref.pdbx_db_accession          6WI6 
_struct_ref.pdbx_db_isoform            ? 
_struct_ref.entity_id                  1 
_struct_ref.pdbx_seq_one_letter_code   ? 
_struct_ref.pdbx_align_begin           1 
# 
loop_
_struct_ref_seq.align_id 
_struct_ref_seq.ref_id 
_struct_ref_seq.pdbx_PDB_id_code 
_struct_ref_seq.pdbx_strand_id 
_struct_ref_seq.seq_align_beg 
_struct_ref_seq.pdbx_seq_align_beg_ins_code 
_struct_ref_seq.seq_align_end 
_struct_ref_seq.pdbx_seq_align_end_ins_code 
_struct_ref_seq.pdbx_db_accession 
_struct_ref_seq.db_align_beg 
_struct_ref_seq.pdbx_db_align_beg_ins_code 
_struct_ref_seq.db_align_end 
_struct_ref_seq.pdbx_db_align_end_ins_code 
_struct_ref_seq.pdbx_auth_seq_align_beg 
_struct_ref_seq.pdbx_auth_seq_align_end 
1 1 6WI6 A 1 ? 58 ? 6WI6 1 ? 58 ? 1 58 
2 1 6WI6 B 1 ? 58 ? 6WI6 1 ? 58 ? 1 58 
# 
loop_
_pdbx_struct_assembly.id 
_pdbx_struct_assembly.details 
_pdbx_struct_assembly.method_details 
_pdbx_struct_assembly.oligomeric_details 
_pdbx_struct_assembly.oligomeric_count 
1 author_and_software_defined_assembly PISA monomeric 1 
2 author_and_software_defined_assembly PISA monomeric 1 
# 
loop_
_pdbx_struct_assembly_gen.assembly_id 
_pdbx_struct_assembly_gen.oper_expression 
_pdbx_struct_assembly_gen.asym_id_list 
1 1 A,D   
2 1 B,C,E 
# 
_pdbx_struct_assembly_auth_evidence.id                     1 
_pdbx_struct_assembly_auth_evidence.assembly_id            1 
_pdbx_struct_assembly_auth_evidence.experimental_support   'mass spectrometry' 
_pdbx_struct_assembly_auth_evidence.details                ? 
# 
_pdbx_struct_oper_list.id                   1 
_pdbx_struct_oper_list.type                 'identity operation' 
_pdbx_struct_oper_list.name                 1_555 
_pdbx_struct_oper_list.symmetry_operation   x,y,z 
_pdbx_struct_oper_list.matrix[1][1]         1.0000000000 
_pdbx_struct_oper_list.matrix[1][2]         0.0000000000 
_pdbx_struct_oper_list.matrix[1][3]         0.0000000000 
_pdbx_struct_oper_list.vector[1]            0.0000000000 
_pdbx_struct_oper_list.matrix[2][1]         0.0000000000 
_pdbx_struct_oper_list.matrix[2][2]         1.0000000000 
_pdbx_struct_oper_list.matrix[2][3]         0.0000000000 
_pdbx_struct_oper_list.vector[2]            0.0000000000 
_pdbx_struct_oper_list.matrix[3][1]         0.0000000000 
_pdbx_struct_oper_list.matrix[3][2]         0.0000000000 
_pdbx_struct_oper_list.matrix[3][3]         1.0000000000 
_pdbx_struct_oper_list.vector[3]            0.0000000000 
# 
loop_
_struct_conf.conf_type_id 
_struct_conf.id 
_struct_conf.pdbx_PDB_helix_id 
_struct_conf.beg_label_comp_id 
_struct_conf.beg_label_asym_id 
_struct_conf.beg_label_seq_id 
_struct_conf.pdbx_beg_PDB_ins_code 
_struct_conf.end_label_comp_id 
_struct_conf.end_label_asym_id 
_struct_conf.end_label_seq_id 
_struct_conf.pdbx_end_PDB_ins_code 
_struct_conf.beg_auth_comp_id 
_struct_conf.beg_auth_asym_id 
_struct_conf.beg_auth_seq_id 
_struct_conf.end_auth_comp_id 
_struct_conf.end_auth_asym_id 
_struct_conf.end_auth_seq_id 
_struct_conf.pdbx_PDB_helix_class 
_struct_conf.details 
_struct_conf.pdbx_PDB_helix_length 
HELX_P HELX_P1 AA1 ILE A 1  ? GLY A 9  ? ILE A 1  GLY A 9  1 ? 9  
HELX_P HELX_P2 AA2 THR A 13 ? GLY A 27 ? THR A 13 GLY A 27 1 ? 15 
HELX_P HELX_P3 AA3 SER A 29 ? ILE A 37 ? SER A 29 ILE A 37 1 ? 9  
HELX_P HELX_P4 AA4 PRO A 43 ? ALA A 52 ? PRO A 43 ALA A 52 1 ? 10 
HELX_P HELX_P5 AA5 VAL B 2  ? GLY B 9  ? VAL B 2  GLY B 9  1 ? 8  
HELX_P HELX_P6 AA6 THR B 13 ? SER B 26 ? THR B 13 SER B 26 1 ? 14 
HELX_P HELX_P7 AA7 SER B 29 ? ILE B 37 ? SER B 29 ILE B 37 1 ? 9  
HELX_P HELX_P8 AA8 PRO B 43 ? ALA B 52 ? PRO B 43 ALA B 52 1 ? 10 
# 
_struct_conf_type.id          HELX_P 
_struct_conf_type.criteria    ? 
_struct_conf_type.reference   ? 
# 
loop_
_struct_conn.id 
_struct_conn.conn_type_id 
_struct_conn.pdbx_leaving_atom_flag 
_struct_conn.pdbx_PDB_id 
_struct_conn.ptnr1_label_asym_id 
_struct_conn.ptnr1_label_comp_id 
_struct_conn.ptnr1_label_seq_id 
_struct_conn.ptnr1_label_atom_id 
_struct_conn.pdbx_ptnr1_label_alt_id 
_struct_conn.pdbx_ptnr1_PDB_ins_code 
_struct_conn.pdbx_ptnr1_standard_comp_id 
_struct_conn.ptnr1_symmetry 
_struct_conn.ptnr2_label_asym_id 
_struct_conn.ptnr2_label_comp_id 
_struct_conn.ptnr2_label_seq_id 
_struct_conn.ptnr2_label_atom_id 
_struct_conn.pdbx_ptnr2_label_alt_id 
_struct_conn.pdbx_ptnr2_PDB_ins_code 
_struct_conn.ptnr1_auth_asym_id 
_struct_conn.ptnr1_auth_comp_id 
_struct_conn.ptnr1_auth_seq_id 
_struct_conn.ptnr2_auth_asym_id 
_struct_conn.ptnr2_auth_comp_id 
_struct_conn.ptnr2_auth_seq_id 
_struct_conn.ptnr2_symmetry 
_struct_conn.pdbx_ptnr3_label_atom_id 
_struct_conn.pdbx_ptnr3_label_seq_id 
_struct_conn.pdbx_ptnr3_label_comp_id 
_struct_conn.pdbx_ptnr3_label_asym_id 
_struct_conn.pdbx_ptnr3_label_alt_id 
_struct_conn.pdbx_ptnr3_PDB_ins_code 
_struct_conn.details 
_struct_conn.pdbx_dist_value 
_struct_conn.pdbx_value_order 
_struct_conn.pdbx_role 
covale1 covale both ? A ILE 1 N ? ? ? 1_555 A ALA 58 C ? ? A ILE 1 A ALA 58 1_555 ? ? ? ? ? ? ? 1.599 sing ? 
covale2 covale both ? B ILE 1 N ? ? ? 1_555 B ALA 58 C ? ? B ILE 1 B ALA 58 1_555 ? ? ? ? ? ? ? 1.573 sing ? 
# 
_struct_conn_type.id          covale 
_struct_conn_type.criteria    ? 
_struct_conn_type.reference   ? 
# 
loop_
_pdbx_modification_feature.ordinal 
_pdbx_modification_feature.label_comp_id 
_pdbx_modification_feature.label_asym_id 
_pdbx_modification_feature.label_seq_id 
_pdbx_modification_feature.label_alt_id 
_pdbx_modification_feature.modified_residue_label_comp_id 
_pdbx_modification_feature.modified_residue_label_asym_id 
_pdbx_modification_feature.modified_residue_label_seq_id 
_pdbx_modification_feature.modified_residue_label_alt_id 
_pdbx_modification_feature.auth_comp_id 
_pdbx_modification_feature.auth_asym_id 
_pdbx_modification_feature.auth_seq_id 
_pdbx_modification_feature.PDB_ins_code 
_pdbx_modification_feature.symmetry 
_pdbx_modification_feature.modified_residue_auth_comp_id 
_pdbx_modification_feature.modified_residue_auth_asym_id 
_pdbx_modification_feature.modified_residue_auth_seq_id 
_pdbx_modification_feature.modified_residue_PDB_ins_code 
_pdbx_modification_feature.modified_residue_symmetry 
_pdbx_modification_feature.comp_id_linking_atom 
_pdbx_modification_feature.modified_residue_id_linking_atom 
_pdbx_modification_feature.modified_residue_id 
_pdbx_modification_feature.ref_pcm_id 
_pdbx_modification_feature.ref_comp_id 
_pdbx_modification_feature.type 
_pdbx_modification_feature.category 
1 ILE A 1 ? ALA A 58 ? ILE A 1 ? 1_555 ALA A 58 ? 1_555 N C . . . None 'Non-standard linkage' 
2 ILE B 1 ? ALA B 58 ? ILE B 1 ? 1_555 ALA B 58 ? 1_555 N C . . . None 'Non-standard linkage' 
# 
_struct_site.id                   AC1 
_struct_site.pdbx_evidence_code   Software 
_struct_site.pdbx_auth_asym_id    B 
_struct_site.pdbx_auth_comp_id    MLI 
_struct_site.pdbx_auth_seq_id     101 
_struct_site.pdbx_auth_ins_code   ? 
_struct_site.pdbx_num_residues    8 
_struct_site.details              'binding site for residue MLI B 101' 
# 
loop_
_struct_site_gen.id 
_struct_site_gen.site_id 
_struct_site_gen.pdbx_num_res 
_struct_site_gen.label_comp_id 
_struct_site_gen.label_asym_id 
_struct_site_gen.label_seq_id 
_struct_site_gen.pdbx_auth_ins_code 
_struct_site_gen.auth_comp_id 
_struct_site_gen.auth_asym_id 
_struct_site_gen.auth_seq_id 
_struct_site_gen.label_atom_id 
_struct_site_gen.label_alt_id 
_struct_site_gen.symmetry 
_struct_site_gen.details 
1 AC1 8 SER A 25 ? SER A 25  . ? 3_555 ? 
2 AC1 8 SER A 25 ? SER A 25  . ? 1_555 ? 
3 AC1 8 THR B 13 ? THR B 13  . ? 3_555 ? 
4 AC1 8 THR B 13 ? THR B 13  . ? 1_555 ? 
5 AC1 8 THR B 14 ? THR B 14  . ? 1_555 ? 
6 AC1 8 THR B 14 ? THR B 14  . ? 3_555 ? 
7 AC1 8 HOH E .  ? HOH B 201 . ? 3_555 ? 
8 AC1 8 HOH E .  ? HOH B 201 . ? 1_555 ? 
# 
_pdbx_entry_details.entry_id                   6WI6 
_pdbx_entry_details.has_ligand_of_interest     N 
_pdbx_entry_details.compound_details           ? 
_pdbx_entry_details.source_details             ? 
_pdbx_entry_details.nonpolymer_details         ? 
_pdbx_entry_details.sequence_details           ? 
_pdbx_entry_details.has_protein_modification   Y 
# 
_pdbx_struct_special_symmetry.id              1 
_pdbx_struct_special_symmetry.PDB_model_num   1 
_pdbx_struct_special_symmetry.auth_asym_id    B 
_pdbx_struct_special_symmetry.auth_comp_id    MLI 
_pdbx_struct_special_symmetry.auth_seq_id     101 
_pdbx_struct_special_symmetry.PDB_ins_code    ? 
_pdbx_struct_special_symmetry.label_asym_id   C 
_pdbx_struct_special_symmetry.label_comp_id   MLI 
_pdbx_struct_special_symmetry.label_seq_id    . 
# 
loop_
_chem_comp_atom.comp_id 
_chem_comp_atom.atom_id 
_chem_comp_atom.type_symbol 
_chem_comp_atom.pdbx_aromatic_flag 
_chem_comp_atom.pdbx_stereo_config 
_chem_comp_atom.pdbx_ordinal 
ALA N    N N N 1   
ALA CA   C N S 2   
ALA C    C N N 3   
ALA O    O N N 4   
ALA CB   C N N 5   
ALA OXT  O N N 6   
ALA H    H N N 7   
ALA H2   H N N 8   
ALA HA   H N N 9   
ALA HB1  H N N 10  
ALA HB2  H N N 11  
ALA HB3  H N N 12  
ALA HXT  H N N 13  
ARG N    N N N 14  
ARG CA   C N S 15  
ARG C    C N N 16  
ARG O    O N N 17  
ARG CB   C N N 18  
ARG CG   C N N 19  
ARG CD   C N N 20  
ARG NE   N N N 21  
ARG CZ   C N N 22  
ARG NH1  N N N 23  
ARG NH2  N N N 24  
ARG OXT  O N N 25  
ARG H    H N N 26  
ARG H2   H N N 27  
ARG HA   H N N 28  
ARG HB2  H N N 29  
ARG HB3  H N N 30  
ARG HG2  H N N 31  
ARG HG3  H N N 32  
ARG HD2  H N N 33  
ARG HD3  H N N 34  
ARG HE   H N N 35  
ARG HH11 H N N 36  
ARG HH12 H N N 37  
ARG HH21 H N N 38  
ARG HH22 H N N 39  
ARG HXT  H N N 40  
ASP N    N N N 41  
ASP CA   C N S 42  
ASP C    C N N 43  
ASP O    O N N 44  
ASP CB   C N N 45  
ASP CG   C N N 46  
ASP OD1  O N N 47  
ASP OD2  O N N 48  
ASP OXT  O N N 49  
ASP H    H N N 50  
ASP H2   H N N 51  
ASP HA   H N N 52  
ASP HB2  H N N 53  
ASP HB3  H N N 54  
ASP HD2  H N N 55  
ASP HXT  H N N 56  
GLN N    N N N 57  
GLN CA   C N S 58  
GLN C    C N N 59  
GLN O    O N N 60  
GLN CB   C N N 61  
GLN CG   C N N 62  
GLN CD   C N N 63  
GLN OE1  O N N 64  
GLN NE2  N N N 65  
GLN OXT  O N N 66  
GLN H    H N N 67  
GLN H2   H N N 68  
GLN HA   H N N 69  
GLN HB2  H N N 70  
GLN HB3  H N N 71  
GLN HG2  H N N 72  
GLN HG3  H N N 73  
GLN HE21 H N N 74  
GLN HE22 H N N 75  
GLN HXT  H N N 76  
GLY N    N N N 77  
GLY CA   C N N 78  
GLY C    C N N 79  
GLY O    O N N 80  
GLY OXT  O N N 81  
GLY H    H N N 82  
GLY H2   H N N 83  
GLY HA2  H N N 84  
GLY HA3  H N N 85  
GLY HXT  H N N 86  
HIS N    N N N 87  
HIS CA   C N S 88  
HIS C    C N N 89  
HIS O    O N N 90  
HIS CB   C N N 91  
HIS CG   C Y N 92  
HIS ND1  N Y N 93  
HIS CD2  C Y N 94  
HIS CE1  C Y N 95  
HIS NE2  N Y N 96  
HIS OXT  O N N 97  
HIS H    H N N 98  
HIS H2   H N N 99  
HIS HA   H N N 100 
HIS HB2  H N N 101 
HIS HB3  H N N 102 
HIS HD1  H N N 103 
HIS HD2  H N N 104 
HIS HE1  H N N 105 
HIS HE2  H N N 106 
HIS HXT  H N N 107 
HOH O    O N N 108 
HOH H1   H N N 109 
HOH H2   H N N 110 
ILE N    N N N 111 
ILE CA   C N S 112 
ILE C    C N N 113 
ILE O    O N N 114 
ILE CB   C N S 115 
ILE CG1  C N N 116 
ILE CG2  C N N 117 
ILE CD1  C N N 118 
ILE OXT  O N N 119 
ILE H    H N N 120 
ILE H2   H N N 121 
ILE HA   H N N 122 
ILE HB   H N N 123 
ILE HG12 H N N 124 
ILE HG13 H N N 125 
ILE HG21 H N N 126 
ILE HG22 H N N 127 
ILE HG23 H N N 128 
ILE HD11 H N N 129 
ILE HD12 H N N 130 
ILE HD13 H N N 131 
ILE HXT  H N N 132 
LEU N    N N N 133 
LEU CA   C N S 134 
LEU C    C N N 135 
LEU O    O N N 136 
LEU CB   C N N 137 
LEU CG   C N N 138 
LEU CD1  C N N 139 
LEU CD2  C N N 140 
LEU OXT  O N N 141 
LEU H    H N N 142 
LEU H2   H N N 143 
LEU HA   H N N 144 
LEU HB2  H N N 145 
LEU HB3  H N N 146 
LEU HG   H N N 147 
LEU HD11 H N N 148 
LEU HD12 H N N 149 
LEU HD13 H N N 150 
LEU HD21 H N N 151 
LEU HD22 H N N 152 
LEU HD23 H N N 153 
LEU HXT  H N N 154 
LYS N    N N N 155 
LYS CA   C N S 156 
LYS C    C N N 157 
LYS O    O N N 158 
LYS CB   C N N 159 
LYS CG   C N N 160 
LYS CD   C N N 161 
LYS CE   C N N 162 
LYS NZ   N N N 163 
LYS OXT  O N N 164 
LYS H    H N N 165 
LYS H2   H N N 166 
LYS HA   H N N 167 
LYS HB2  H N N 168 
LYS HB3  H N N 169 
LYS HG2  H N N 170 
LYS HG3  H N N 171 
LYS HD2  H N N 172 
LYS HD3  H N N 173 
LYS HE2  H N N 174 
LYS HE3  H N N 175 
LYS HZ1  H N N 176 
LYS HZ2  H N N 177 
LYS HZ3  H N N 178 
LYS HXT  H N N 179 
MLI C1   C N N 180 
MLI C2   C N N 181 
MLI C3   C N N 182 
MLI O6   O N N 183 
MLI O7   O N N 184 
MLI O8   O N N 185 
MLI O9   O N N 186 
MLI H11  H N N 187 
MLI H12  H N N 188 
PHE N    N N N 189 
PHE CA   C N S 190 
PHE C    C N N 191 
PHE O    O N N 192 
PHE CB   C N N 193 
PHE CG   C Y N 194 
PHE CD1  C Y N 195 
PHE CD2  C Y N 196 
PHE CE1  C Y N 197 
PHE CE2  C Y N 198 
PHE CZ   C Y N 199 
PHE OXT  O N N 200 
PHE H    H N N 201 
PHE H2   H N N 202 
PHE HA   H N N 203 
PHE HB2  H N N 204 
PHE HB3  H N N 205 
PHE HD1  H N N 206 
PHE HD2  H N N 207 
PHE HE1  H N N 208 
PHE HE2  H N N 209 
PHE HZ   H N N 210 
PHE HXT  H N N 211 
PRO N    N N N 212 
PRO CA   C N S 213 
PRO C    C N N 214 
PRO O    O N N 215 
PRO CB   C N N 216 
PRO CG   C N N 217 
PRO CD   C N N 218 
PRO OXT  O N N 219 
PRO H    H N N 220 
PRO HA   H N N 221 
PRO HB2  H N N 222 
PRO HB3  H N N 223 
PRO HG2  H N N 224 
PRO HG3  H N N 225 
PRO HD2  H N N 226 
PRO HD3  H N N 227 
PRO HXT  H N N 228 
SER N    N N N 229 
SER CA   C N S 230 
SER C    C N N 231 
SER O    O N N 232 
SER CB   C N N 233 
SER OG   O N N 234 
SER OXT  O N N 235 
SER H    H N N 236 
SER H2   H N N 237 
SER HA   H N N 238 
SER HB2  H N N 239 
SER HB3  H N N 240 
SER HG   H N N 241 
SER HXT  H N N 242 
THR N    N N N 243 
THR CA   C N S 244 
THR C    C N N 245 
THR O    O N N 246 
THR CB   C N R 247 
THR OG1  O N N 248 
THR CG2  C N N 249 
THR OXT  O N N 250 
THR H    H N N 251 
THR H2   H N N 252 
THR HA   H N N 253 
THR HB   H N N 254 
THR HG1  H N N 255 
THR HG21 H N N 256 
THR HG22 H N N 257 
THR HG23 H N N 258 
THR HXT  H N N 259 
TRP N    N N N 260 
TRP CA   C N S 261 
TRP C    C N N 262 
TRP O    O N N 263 
TRP CB   C N N 264 
TRP CG   C Y N 265 
TRP CD1  C Y N 266 
TRP CD2  C Y N 267 
TRP NE1  N Y N 268 
TRP CE2  C Y N 269 
TRP CE3  C Y N 270 
TRP CZ2  C Y N 271 
TRP CZ3  C Y N 272 
TRP CH2  C Y N 273 
TRP OXT  O N N 274 
TRP H    H N N 275 
TRP H2   H N N 276 
TRP HA   H N N 277 
TRP HB2  H N N 278 
TRP HB3  H N N 279 
TRP HD1  H N N 280 
TRP HE1  H N N 281 
TRP HE3  H N N 282 
TRP HZ2  H N N 283 
TRP HZ3  H N N 284 
TRP HH2  H N N 285 
TRP HXT  H N N 286 
VAL N    N N N 287 
VAL CA   C N S 288 
VAL C    C N N 289 
VAL O    O N N 290 
VAL CB   C N N 291 
VAL CG1  C N N 292 
VAL CG2  C N N 293 
VAL OXT  O N N 294 
VAL H    H N N 295 
VAL H2   H N N 296 
VAL HA   H N N 297 
VAL HB   H N N 298 
VAL HG11 H N N 299 
VAL HG12 H N N 300 
VAL HG13 H N N 301 
VAL HG21 H N N 302 
VAL HG22 H N N 303 
VAL HG23 H N N 304 
VAL HXT  H N N 305 
# 
loop_
_chem_comp_bond.comp_id 
_chem_comp_bond.atom_id_1 
_chem_comp_bond.atom_id_2 
_chem_comp_bond.value_order 
_chem_comp_bond.pdbx_aromatic_flag 
_chem_comp_bond.pdbx_stereo_config 
_chem_comp_bond.pdbx_ordinal 
ALA N   CA   sing N N 1   
ALA N   H    sing N N 2   
ALA N   H2   sing N N 3   
ALA CA  C    sing N N 4   
ALA CA  CB   sing N N 5   
ALA CA  HA   sing N N 6   
ALA C   O    doub N N 7   
ALA C   OXT  sing N N 8   
ALA CB  HB1  sing N N 9   
ALA CB  HB2  sing N N 10  
ALA CB  HB3  sing N N 11  
ALA OXT HXT  sing N N 12  
ARG N   CA   sing N N 13  
ARG N   H    sing N N 14  
ARG N   H2   sing N N 15  
ARG CA  C    sing N N 16  
ARG CA  CB   sing N N 17  
ARG CA  HA   sing N N 18  
ARG C   O    doub N N 19  
ARG C   OXT  sing N N 20  
ARG CB  CG   sing N N 21  
ARG CB  HB2  sing N N 22  
ARG CB  HB3  sing N N 23  
ARG CG  CD   sing N N 24  
ARG CG  HG2  sing N N 25  
ARG CG  HG3  sing N N 26  
ARG CD  NE   sing N N 27  
ARG CD  HD2  sing N N 28  
ARG CD  HD3  sing N N 29  
ARG NE  CZ   sing N N 30  
ARG NE  HE   sing N N 31  
ARG CZ  NH1  sing N N 32  
ARG CZ  NH2  doub N N 33  
ARG NH1 HH11 sing N N 34  
ARG NH1 HH12 sing N N 35  
ARG NH2 HH21 sing N N 36  
ARG NH2 HH22 sing N N 37  
ARG OXT HXT  sing N N 38  
ASP N   CA   sing N N 39  
ASP N   H    sing N N 40  
ASP N   H2   sing N N 41  
ASP CA  C    sing N N 42  
ASP CA  CB   sing N N 43  
ASP CA  HA   sing N N 44  
ASP C   O    doub N N 45  
ASP C   OXT  sing N N 46  
ASP CB  CG   sing N N 47  
ASP CB  HB2  sing N N 48  
ASP CB  HB3  sing N N 49  
ASP CG  OD1  doub N N 50  
ASP CG  OD2  sing N N 51  
ASP OD2 HD2  sing N N 52  
ASP OXT HXT  sing N N 53  
GLN N   CA   sing N N 54  
GLN N   H    sing N N 55  
GLN N   H2   sing N N 56  
GLN CA  C    sing N N 57  
GLN CA  CB   sing N N 58  
GLN CA  HA   sing N N 59  
GLN C   O    doub N N 60  
GLN C   OXT  sing N N 61  
GLN CB  CG   sing N N 62  
GLN CB  HB2  sing N N 63  
GLN CB  HB3  sing N N 64  
GLN CG  CD   sing N N 65  
GLN CG  HG2  sing N N 66  
GLN CG  HG3  sing N N 67  
GLN CD  OE1  doub N N 68  
GLN CD  NE2  sing N N 69  
GLN NE2 HE21 sing N N 70  
GLN NE2 HE22 sing N N 71  
GLN OXT HXT  sing N N 72  
GLY N   CA   sing N N 73  
GLY N   H    sing N N 74  
GLY N   H2   sing N N 75  
GLY CA  C    sing N N 76  
GLY CA  HA2  sing N N 77  
GLY CA  HA3  sing N N 78  
GLY C   O    doub N N 79  
GLY C   OXT  sing N N 80  
GLY OXT HXT  sing N N 81  
HIS N   CA   sing N N 82  
HIS N   H    sing N N 83  
HIS N   H2   sing N N 84  
HIS CA  C    sing N N 85  
HIS CA  CB   sing N N 86  
HIS CA  HA   sing N N 87  
HIS C   O    doub N N 88  
HIS C   OXT  sing N N 89  
HIS CB  CG   sing N N 90  
HIS CB  HB2  sing N N 91  
HIS CB  HB3  sing N N 92  
HIS CG  ND1  sing Y N 93  
HIS CG  CD2  doub Y N 94  
HIS ND1 CE1  doub Y N 95  
HIS ND1 HD1  sing N N 96  
HIS CD2 NE2  sing Y N 97  
HIS CD2 HD2  sing N N 98  
HIS CE1 NE2  sing Y N 99  
HIS CE1 HE1  sing N N 100 
HIS NE2 HE2  sing N N 101 
HIS OXT HXT  sing N N 102 
HOH O   H1   sing N N 103 
HOH O   H2   sing N N 104 
ILE N   CA   sing N N 105 
ILE N   H    sing N N 106 
ILE N   H2   sing N N 107 
ILE CA  C    sing N N 108 
ILE CA  CB   sing N N 109 
ILE CA  HA   sing N N 110 
ILE C   O    doub N N 111 
ILE C   OXT  sing N N 112 
ILE CB  CG1  sing N N 113 
ILE CB  CG2  sing N N 114 
ILE CB  HB   sing N N 115 
ILE CG1 CD1  sing N N 116 
ILE CG1 HG12 sing N N 117 
ILE CG1 HG13 sing N N 118 
ILE CG2 HG21 sing N N 119 
ILE CG2 HG22 sing N N 120 
ILE CG2 HG23 sing N N 121 
ILE CD1 HD11 sing N N 122 
ILE CD1 HD12 sing N N 123 
ILE CD1 HD13 sing N N 124 
ILE OXT HXT  sing N N 125 
LEU N   CA   sing N N 126 
LEU N   H    sing N N 127 
LEU N   H2   sing N N 128 
LEU CA  C    sing N N 129 
LEU CA  CB   sing N N 130 
LEU CA  HA   sing N N 131 
LEU C   O    doub N N 132 
LEU C   OXT  sing N N 133 
LEU CB  CG   sing N N 134 
LEU CB  HB2  sing N N 135 
LEU CB  HB3  sing N N 136 
LEU CG  CD1  sing N N 137 
LEU CG  CD2  sing N N 138 
LEU CG  HG   sing N N 139 
LEU CD1 HD11 sing N N 140 
LEU CD1 HD12 sing N N 141 
LEU CD1 HD13 sing N N 142 
LEU CD2 HD21 sing N N 143 
LEU CD2 HD22 sing N N 144 
LEU CD2 HD23 sing N N 145 
LEU OXT HXT  sing N N 146 
LYS N   CA   sing N N 147 
LYS N   H    sing N N 148 
LYS N   H2   sing N N 149 
LYS CA  C    sing N N 150 
LYS CA  CB   sing N N 151 
LYS CA  HA   sing N N 152 
LYS C   O    doub N N 153 
LYS C   OXT  sing N N 154 
LYS CB  CG   sing N N 155 
LYS CB  HB2  sing N N 156 
LYS CB  HB3  sing N N 157 
LYS CG  CD   sing N N 158 
LYS CG  HG2  sing N N 159 
LYS CG  HG3  sing N N 160 
LYS CD  CE   sing N N 161 
LYS CD  HD2  sing N N 162 
LYS CD  HD3  sing N N 163 
LYS CE  NZ   sing N N 164 
LYS CE  HE2  sing N N 165 
LYS CE  HE3  sing N N 166 
LYS NZ  HZ1  sing N N 167 
LYS NZ  HZ2  sing N N 168 
LYS NZ  HZ3  sing N N 169 
LYS OXT HXT  sing N N 170 
MLI C1  C2   sing N N 171 
MLI C1  C3   sing N N 172 
MLI C1  H11  sing N N 173 
MLI C1  H12  sing N N 174 
MLI C2  O6   doub N N 175 
MLI C2  O7   sing N N 176 
MLI C3  O8   doub N N 177 
MLI C3  O9   sing N N 178 
PHE N   CA   sing N N 179 
PHE N   H    sing N N 180 
PHE N   H2   sing N N 181 
PHE CA  C    sing N N 182 
PHE CA  CB   sing N N 183 
PHE CA  HA   sing N N 184 
PHE C   O    doub N N 185 
PHE C   OXT  sing N N 186 
PHE CB  CG   sing N N 187 
PHE CB  HB2  sing N N 188 
PHE CB  HB3  sing N N 189 
PHE CG  CD1  doub Y N 190 
PHE CG  CD2  sing Y N 191 
PHE CD1 CE1  sing Y N 192 
PHE CD1 HD1  sing N N 193 
PHE CD2 CE2  doub Y N 194 
PHE CD2 HD2  sing N N 195 
PHE CE1 CZ   doub Y N 196 
PHE CE1 HE1  sing N N 197 
PHE CE2 CZ   sing Y N 198 
PHE CE2 HE2  sing N N 199 
PHE CZ  HZ   sing N N 200 
PHE OXT HXT  sing N N 201 
PRO N   CA   sing N N 202 
PRO N   CD   sing N N 203 
PRO N   H    sing N N 204 
PRO CA  C    sing N N 205 
PRO CA  CB   sing N N 206 
PRO CA  HA   sing N N 207 
PRO C   O    doub N N 208 
PRO C   OXT  sing N N 209 
PRO CB  CG   sing N N 210 
PRO CB  HB2  sing N N 211 
PRO CB  HB3  sing N N 212 
PRO CG  CD   sing N N 213 
PRO CG  HG2  sing N N 214 
PRO CG  HG3  sing N N 215 
PRO CD  HD2  sing N N 216 
PRO CD  HD3  sing N N 217 
PRO OXT HXT  sing N N 218 
SER N   CA   sing N N 219 
SER N   H    sing N N 220 
SER N   H2   sing N N 221 
SER CA  C    sing N N 222 
SER CA  CB   sing N N 223 
SER CA  HA   sing N N 224 
SER C   O    doub N N 225 
SER C   OXT  sing N N 226 
SER CB  OG   sing N N 227 
SER CB  HB2  sing N N 228 
SER CB  HB3  sing N N 229 
SER OG  HG   sing N N 230 
SER OXT HXT  sing N N 231 
THR N   CA   sing N N 232 
THR N   H    sing N N 233 
THR N   H2   sing N N 234 
THR CA  C    sing N N 235 
THR CA  CB   sing N N 236 
THR CA  HA   sing N N 237 
THR C   O    doub N N 238 
THR C   OXT  sing N N 239 
THR CB  OG1  sing N N 240 
THR CB  CG2  sing N N 241 
THR CB  HB   sing N N 242 
THR OG1 HG1  sing N N 243 
THR CG2 HG21 sing N N 244 
THR CG2 HG22 sing N N 245 
THR CG2 HG23 sing N N 246 
THR OXT HXT  sing N N 247 
TRP N   CA   sing N N 248 
TRP N   H    sing N N 249 
TRP N   H2   sing N N 250 
TRP CA  C    sing N N 251 
TRP CA  CB   sing N N 252 
TRP CA  HA   sing N N 253 
TRP C   O    doub N N 254 
TRP C   OXT  sing N N 255 
TRP CB  CG   sing N N 256 
TRP CB  HB2  sing N N 257 
TRP CB  HB3  sing N N 258 
TRP CG  CD1  doub Y N 259 
TRP CG  CD2  sing Y N 260 
TRP CD1 NE1  sing Y N 261 
TRP CD1 HD1  sing N N 262 
TRP CD2 CE2  doub Y N 263 
TRP CD2 CE3  sing Y N 264 
TRP NE1 CE2  sing Y N 265 
TRP NE1 HE1  sing N N 266 
TRP CE2 CZ2  sing Y N 267 
TRP CE3 CZ3  doub Y N 268 
TRP CE3 HE3  sing N N 269 
TRP CZ2 CH2  doub Y N 270 
TRP CZ2 HZ2  sing N N 271 
TRP CZ3 CH2  sing Y N 272 
TRP CZ3 HZ3  sing N N 273 
TRP CH2 HH2  sing N N 274 
TRP OXT HXT  sing N N 275 
VAL N   CA   sing N N 276 
VAL N   H    sing N N 277 
VAL N   H2   sing N N 278 
VAL CA  C    sing N N 279 
VAL CA  CB   sing N N 280 
VAL CA  HA   sing N N 281 
VAL C   O    doub N N 282 
VAL C   OXT  sing N N 283 
VAL CB  CG1  sing N N 284 
VAL CB  CG2  sing N N 285 
VAL CB  HB   sing N N 286 
VAL CG1 HG11 sing N N 287 
VAL CG1 HG12 sing N N 288 
VAL CG1 HG13 sing N N 289 
VAL CG2 HG21 sing N N 290 
VAL CG2 HG22 sing N N 291 
VAL CG2 HG23 sing N N 292 
VAL OXT HXT  sing N N 293 
# 
_pdbx_audit_support.country                ? 
_pdbx_audit_support.funding_organization   'Griffith University Postdoctoral Fellowship in Australia' 
_pdbx_audit_support.grant_number           ? 
_pdbx_audit_support.ordinal                1 
# 
_atom_sites.entry_id                    6WI6 
_atom_sites.Cartn_transf_matrix[1][1]   ? 
_atom_sites.Cartn_transf_matrix[1][2]   ? 
_atom_sites.Cartn_transf_matrix[1][3]   ? 
_atom_sites.Cartn_transf_matrix[2][1]   ? 
_atom_sites.Cartn_transf_matrix[2][2]   ? 
_atom_sites.Cartn_transf_matrix[2][3]   ? 
_atom_sites.Cartn_transf_matrix[3][1]   ? 
_atom_sites.Cartn_transf_matrix[3][2]   ? 
_atom_sites.Cartn_transf_matrix[3][3]   ? 
_atom_sites.Cartn_transf_vector[1]      ? 
_atom_sites.Cartn_transf_vector[2]      ? 
_atom_sites.Cartn_transf_vector[3]      ? 
_atom_sites.fract_transf_matrix[1][1]   -0.00468424 
_atom_sites.fract_transf_matrix[1][2]   0.01017746 
_atom_sites.fract_transf_matrix[1][3]   0.01969652 
_atom_sites.fract_transf_matrix[2][1]   0.00057679 
_atom_sites.fract_transf_matrix[2][2]   0.00957684 
_atom_sites.fract_transf_matrix[2][3]   -0.00481131 
_atom_sites.fract_transf_matrix[3][1]   -0.01973874 
_atom_sites.fract_transf_matrix[3][2]   -0.00092850 
_atom_sites.fract_transf_matrix[3][3]   -0.00421451 
_atom_sites.fract_transf_vector[1]      0.254863 
_atom_sites.fract_transf_vector[2]      0.110117 
_atom_sites.fract_transf_vector[3]      0.254786 
_atom_sites.solution_primary            ? 
_atom_sites.solution_secondary          ? 
_atom_sites.solution_hydrogens          ? 
_atom_sites.special_details             ? 
# 
loop_
_atom_type.symbol 
C 
N 
O 
# 
loop_
_atom_site.group_PDB 
_atom_site.id 
_atom_site.type_symbol 
_atom_site.label_atom_id 
_atom_site.label_alt_id 
_atom_site.label_comp_id 
_atom_site.label_asym_id 
_atom_site.label_entity_id 
_atom_site.label_seq_id 
_atom_site.pdbx_PDB_ins_code 
_atom_site.Cartn_x 
_atom_site.Cartn_y 
_atom_site.Cartn_z 
_atom_site.occupancy 
_atom_site.B_iso_or_equiv 
_atom_site.pdbx_formal_charge 
_atom_site.auth_seq_id 
_atom_site.auth_comp_id 
_atom_site.auth_asym_id 
_atom_site.auth_atom_id 
_atom_site.pdbx_PDB_model_num 
ATOM   1   N N   . ILE A 1 1  ? -4.239  -0.014  -4.483  1.00 19.51 ? 1   ILE A N   1 
ATOM   2   C CA  . ILE A 1 1  ? -5.140  0.156   -3.342  1.00 19.50 ? 1   ILE A CA  1 
ATOM   3   C C   . ILE A 1 1  ? -4.999  1.554   -2.807  1.00 18.66 ? 1   ILE A C   1 
ATOM   4   O O   . ILE A 1 1  ? -5.986  2.180   -2.466  1.00 18.52 ? 1   ILE A O   1 
ATOM   5   C CB  . ILE A 1 1  ? -4.759  -0.936  -2.339  1.00 20.28 ? 1   ILE A CB  1 
ATOM   6   C CG1 . ILE A 1 1  ? -5.152  -2.295  -2.945  1.00 23.61 ? 1   ILE A CG1 1 
ATOM   7   C CG2 . ILE A 1 1  ? -5.497  -0.685  -1.067  1.00 21.19 ? 1   ILE A CG2 1 
ATOM   8   C CD1 . ILE A 1 1  ? -4.363  -3.467  -2.387  1.00 24.50 ? 1   ILE A CD1 1 
ATOM   9   N N   . VAL A 1 2  ? -3.770  2.068   -2.726  1.00 18.65 ? 2   VAL A N   1 
ATOM   10  C CA  . VAL A 1 2  ? -3.559  3.417   -2.293  1.00 19.63 ? 2   VAL A CA  1 
ATOM   11  C C   . VAL A 1 2  ? -4.249  4.456   -3.190  1.00 19.28 ? 2   VAL A C   1 
ATOM   12  O O   . VAL A 1 2  ? -4.927  5.382   -2.698  1.00 19.53 ? 2   VAL A O   1 
ATOM   13  C CB  . VAL A 1 2  ? -2.066  3.726   -2.116  1.00 19.43 ? 2   VAL A CB  1 
ATOM   14  C CG1 . VAL A 1 2  ? -1.862  5.225   -1.799  1.00 19.23 ? 2   VAL A CG1 1 
ATOM   15  C CG2 . VAL A 1 2  ? -1.487  2.828   -1.062  1.00 19.02 ? 2   VAL A CG2 1 
ATOM   16  N N   . TRP A 1 3  ? -4.158  4.261   -4.502  1.00 19.84 ? 3   TRP A N   1 
ATOM   17  C CA  . TRP A 1 3  ? -4.786  5.223   -5.437  1.00 19.19 ? 3   TRP A CA  1 
ATOM   18  C C   . TRP A 1 3  ? -6.299  5.217   -5.265  1.00 19.08 ? 3   TRP A C   1 
ATOM   19  O O   . TRP A 1 3  ? -6.912  6.265   -5.179  1.00 17.43 ? 3   TRP A O   1 
ATOM   20  C CB  . TRP A 1 3  ? -4.343  4.870   -6.849  1.00 21.60 ? 3   TRP A CB  1 
ATOM   21  C CG  . TRP A 1 3  ? -4.866  5.800   -7.899  1.00 23.57 ? 3   TRP A CG  1 
ATOM   22  C CD1 . TRP A 1 3  ? -4.210  6.840   -8.424  1.00 26.44 ? 3   TRP A CD1 1 
ATOM   23  C CD2 . TRP A 1 3  ? -6.122  5.714   -8.556  1.00 21.44 ? 3   TRP A CD2 1 
ATOM   24  N NE1 . TRP A 1 3  ? -4.988  7.453   -9.363  1.00 28.95 ? 3   TRP A NE1 1 
ATOM   25  C CE2 . TRP A 1 3  ? -6.184  6.797   -9.453  1.00 24.87 ? 3   TRP A CE2 1 
ATOM   26  C CE3 . TRP A 1 3  ? -7.233  4.899   -8.419  1.00 23.10 ? 3   TRP A CE3 1 
ATOM   27  C CZ2 . TRP A 1 3  ? -7.268  7.019   -10.266 1.00 25.64 ? 3   TRP A CZ2 1 
ATOM   28  C CZ3 . TRP A 1 3  ? -8.344  5.117   -9.236  1.00 25.13 ? 3   TRP A CZ3 1 
ATOM   29  C CH2 . TRP A 1 3  ? -8.350  6.210   -10.141 1.00 23.74 ? 3   TRP A CH2 1 
ATOM   30  N N   . ILE A 1 4  ? -6.911  4.029   -5.136  1.00 17.71 ? 4   ILE A N   1 
ATOM   31  C CA  . ILE A 1 4  ? -8.329  3.922   -4.890  1.00 20.39 ? 4   ILE A CA  1 
ATOM   32  C C   . ILE A 1 4  ? -8.727  4.653   -3.611  1.00 20.39 ? 4   ILE A C   1 
ATOM   33  O O   . ILE A 1 4  ? -9.651  5.427   -3.616  1.00 20.22 ? 4   ILE A O   1 
ATOM   34  C CB  . ILE A 1 4  ? -8.786  2.442   -4.861  1.00 19.37 ? 4   ILE A CB  1 
ATOM   35  C CG1 . ILE A 1 4  ? -8.651  1.835   -6.266  1.00 19.03 ? 4   ILE A CG1 1 
ATOM   36  C CG2 . ILE A 1 4  ? -10.194 2.322   -4.349  1.00 21.58 ? 4   ILE A CG2 1 
ATOM   37  C CD1 . ILE A 1 4  ? -8.597  0.324   -6.317  1.00 20.18 ? 4   ILE A CD1 1 
ATOM   38  N N   . ALA A 1 5  ? -8.011  4.395   -2.541  1.00 19.87 ? 5   ALA A N   1 
ATOM   39  C CA  . ALA A 1 5  ? -8.320  5.036   -1.234  1.00 22.52 ? 5   ALA A CA  1 
ATOM   40  C C   . ALA A 1 5  ? -8.237  6.567   -1.320  1.00 23.99 ? 5   ALA A C   1 
ATOM   41  O O   . ALA A 1 5  ? -9.084  7.297   -0.784  1.00 23.75 ? 5   ALA A O   1 
ATOM   42  C CB  . ALA A 1 5  ? -7.358  4.550   -0.181  1.00 22.47 ? 5   ALA A CB  1 
ATOM   43  N N   . ARG A 1 6  ? -7.202  7.019   -1.983  1.00 24.93 ? 6   ARG A N   1 
ATOM   44  C CA  . ARG A 1 6  ? -6.989  8.466   -2.231  1.00 28.20 ? 6   ARG A CA  1 
ATOM   45  C C   . ARG A 1 6  ? -8.098  9.113   -3.049  1.00 27.38 ? 6   ARG A C   1 
ATOM   46  O O   . ARG A 1 6  ? -8.685  10.091  -2.597  1.00 26.84 ? 6   ARG A O   1 
ATOM   47  C CB  . ARG A 1 6  ? -5.626  8.747   -2.860  1.00 32.48 ? 6   ARG A CB  1 
ATOM   48  C CG  . ARG A 1 6  ? -5.399  10.233  -3.209  1.00 39.15 ? 6   ARG A CG  1 
ATOM   49  C CD  . ARG A 1 6  ? -3.980  10.505  -3.703  1.00 46.62 ? 6   ARG A CD  1 
ATOM   50  N NE  . ARG A 1 6  ? -3.007  10.108  -2.680  1.00 56.95 ? 6   ARG A NE  1 
ATOM   51  C CZ  . ARG A 1 6  ? -2.045  9.175   -2.788  1.00 63.78 ? 6   ARG A CZ  1 
ATOM   52  N NH1 . ARG A 1 6  ? -1.836  8.482   -3.918  1.00 68.20 ? 6   ARG A NH1 1 
ATOM   53  N NH2 . ARG A 1 6  ? -1.253  8.935   -1.731  1.00 60.23 ? 6   ARG A NH2 1 
ATOM   54  N N   . GLN A 1 7  ? -8.442  8.537   -4.194  1.00 26.51 ? 7   GLN A N   1 
ATOM   55  C CA  . GLN A 1 7  ? -9.418  9.093   -5.101  1.00 27.15 ? 7   GLN A CA  1 
ATOM   56  C C   . GLN A 1 7  ? -10.857 8.951   -4.650  1.00 28.58 ? 7   GLN A C   1 
ATOM   57  O O   . GLN A 1 7  ? -11.680 9.749   -5.078  1.00 28.85 ? 7   GLN A O   1 
ATOM   58  C CB  . GLN A 1 7  ? -9.269  8.549   -6.535  1.00 29.40 ? 7   GLN A CB  1 
ATOM   59  C CG  . GLN A 1 7  ? -7.938  8.901   -7.182  1.00 32.97 ? 7   GLN A CG  1 
ATOM   60  C CD  . GLN A 1 7  ? -7.662  10.412  -7.223  1.00 36.35 ? 7   GLN A CD  1 
ATOM   61  O OE1 . GLN A 1 7  ? -8.590  11.271  -7.395  1.00 35.79 ? 7   GLN A OE1 1 
ATOM   62  N NE2 . GLN A 1 7  ? -6.395  10.747  -7.058  1.00 32.35 ? 7   GLN A NE2 1 
ATOM   63  N N   . PHE A 1 8  ? -11.160 7.963   -3.809  1.00 24.15 ? 8   PHE A N   1 
ATOM   64  C CA  . PHE A 1 8  ? -12.530 7.702   -3.390  1.00 26.28 ? 8   PHE A CA  1 
ATOM   65  C C   . PHE A 1 8  ? -12.769 7.957   -1.915  1.00 27.99 ? 8   PHE A C   1 
ATOM   66  O O   . PHE A 1 8  ? -13.822 7.691   -1.454  1.00 32.53 ? 8   PHE A O   1 
ATOM   67  C CB  . PHE A 1 8  ? -12.979 6.307   -3.810  1.00 26.42 ? 8   PHE A CB  1 
ATOM   68  C CG  . PHE A 1 8  ? -13.112 6.214   -5.275  1.00 27.83 ? 8   PHE A CG  1 
ATOM   69  C CD1 . PHE A 1 8  ? -11.984 6.040   -6.053  1.00 27.19 ? 8   PHE A CD1 1 
ATOM   70  C CD2 . PHE A 1 8  ? -14.336 6.518   -5.892  1.00 30.34 ? 8   PHE A CD2 1 
ATOM   71  C CE1 . PHE A 1 8  ? -12.074 6.055   -7.426  1.00 28.29 ? 8   PHE A CE1 1 
ATOM   72  C CE2 . PHE A 1 8  ? -14.439 6.501   -7.273  1.00 30.99 ? 8   PHE A CE2 1 
ATOM   73  C CZ  . PHE A 1 8  ? -13.300 6.308   -8.045  1.00 30.17 ? 8   PHE A CZ  1 
ATOM   74  N N   . GLY A 1 9  ? -11.779 8.450   -1.198  1.00 27.23 ? 9   GLY A N   1 
ATOM   75  C CA  . GLY A 1 9  ? -11.997 8.931   0.154   1.00 30.45 ? 9   GLY A CA  1 
ATOM   76  C C   . GLY A 1 9  ? -12.057 7.858   1.208   1.00 31.44 ? 9   GLY A C   1 
ATOM   77  O O   . GLY A 1 9  ? -12.744 8.023   2.180   1.00 38.84 ? 9   GLY A O   1 
ATOM   78  N N   . VAL A 1 10 ? -11.278 6.801   1.067   1.00 29.24 ? 10  VAL A N   1 
ATOM   79  C CA  . VAL A 1 10 ? -11.272 5.685   2.000   1.00 29.41 ? 10  VAL A CA  1 
ATOM   80  C C   . VAL A 1 10 ? -10.121 5.862   2.962   1.00 31.31 ? 10  VAL A C   1 
ATOM   81  O O   . VAL A 1 10 ? -8.977  6.084   2.540   1.00 30.18 ? 10  VAL A O   1 
ATOM   82  C CB  . VAL A 1 10 ? -11.026 4.357   1.265   1.00 31.52 ? 10  VAL A CB  1 
ATOM   83  C CG1 . VAL A 1 10 ? -11.020 3.151   2.214   1.00 34.82 ? 10  VAL A CG1 1 
ATOM   84  C CG2 . VAL A 1 10 ? -12.073 4.187   0.194   1.00 32.57 ? 10  VAL A CG2 1 
ATOM   85  N N   . HIS A 1 11 ? -10.412 5.742   4.254   1.00 27.40 ? 11  HIS A N   1 
ATOM   86  C CA  . HIS A 1 11 ? -9.370  5.573   5.253   1.00 25.28 ? 11  HIS A CA  1 
ATOM   87  C C   . HIS A 1 11 ? -8.722  4.237   5.196   1.00 25.64 ? 11  HIS A C   1 
ATOM   88  O O   . HIS A 1 11 ? -9.275  3.233   5.644   1.00 25.73 ? 11  HIS A O   1 
ATOM   89  C CB  . HIS A 1 11 ? -9.869  5.837   6.677   1.00 24.61 ? 11  HIS A CB  1 
ATOM   90  C CG  . HIS A 1 11 ? -8.754  5.837   7.682   1.00 23.92 ? 11  HIS A CG  1 
ATOM   91  N ND1 . HIS A 1 11 ? -7.892  6.903   7.840   1.00 28.43 ? 11  HIS A ND1 1 
ATOM   92  C CD2 . HIS A 1 11 ? -8.337  4.888   8.533   1.00 24.98 ? 11  HIS A CD2 1 
ATOM   93  C CE1 . HIS A 1 11 ? -7.000  6.604   8.764   1.00 30.73 ? 11  HIS A CE1 1 
ATOM   94  N NE2 . HIS A 1 11 ? -7.255  5.391   9.206   1.00 26.82 ? 11  HIS A NE2 1 
ATOM   95  N N   . LEU A 1 12 ? -7.491  4.183   4.694   1.00 23.67 ? 12  LEU A N   1 
ATOM   96  C CA  . LEU A 1 12 ? -6.880  2.925   4.441   1.00 24.00 ? 12  LEU A CA  1 
ATOM   97  C C   . LEU A 1 12 ? -5.990  2.471   5.592   1.00 28.01 ? 12  LEU A C   1 
ATOM   98  O O   . LEU A 1 12 ? -4.937  3.069   5.850   1.00 34.82 ? 12  LEU A O   1 
ATOM   99  C CB  . LEU A 1 12 ? -6.014  3.047   3.179   1.00 23.82 ? 12  LEU A CB  1 
ATOM   100 C CG  . LEU A 1 12 ? -5.404  1.782   2.729   1.00 22.08 ? 12  LEU A CG  1 
ATOM   101 C CD1 . LEU A 1 12 ? -6.448  0.741   2.329   1.00 23.21 ? 12  LEU A CD1 1 
ATOM   102 C CD2 . LEU A 1 12 ? -4.457  2.073   1.567   1.00 23.53 ? 12  LEU A CD2 1 
ATOM   103 N N   . THR A 1 13 ? -6.359  1.387   6.223   1.00 24.62 ? 13  THR A N   1 
ATOM   104 C CA  . THR A 1 13 ? -5.546  0.803   7.275   1.00 25.99 ? 13  THR A CA  1 
ATOM   105 C C   . THR A 1 13 ? -4.683  -0.289  6.772   1.00 28.87 ? 13  THR A C   1 
ATOM   106 O O   . THR A 1 13 ? -4.939  -0.837  5.707   1.00 25.32 ? 13  THR A O   1 
ATOM   107 C CB  . THR A 1 13 ? -6.439  0.296   8.380   1.00 27.12 ? 13  THR A CB  1 
ATOM   108 O OG1 . THR A 1 13 ? -7.233  -0.794  7.903   1.00 27.18 ? 13  THR A OG1 1 
ATOM   109 C CG2 . THR A 1 13 ? -7.362  1.421   8.841   1.00 27.59 ? 13  THR A CG2 1 
ATOM   110 N N   . THR A 1 14 ? -3.706  -0.675  7.577   1.00 29.06 ? 14  THR A N   1 
ATOM   111 C CA  . THR A 1 14 ? -2.766  -1.718  7.170   1.00 30.15 ? 14  THR A CA  1 
ATOM   112 C C   . THR A 1 14 ? -3.540  -3.049  7.073   1.00 26.20 ? 14  THR A C   1 
ATOM   113 O O   . THR A 1 14 ? -3.381  -3.825  6.132   1.00 24.17 ? 14  THR A O   1 
ATOM   114 C CB  . THR A 1 14 ? -1.483  -1.797  8.092   1.00 33.68 ? 14  THR A CB  1 
ATOM   115 O OG1 . THR A 1 14 ? -1.807  -2.374  9.354   1.00 38.28 ? 14  THR A OG1 1 
ATOM   116 C CG2 . THR A 1 14 ? -0.806  -0.414  8.304   1.00 35.27 ? 14  THR A CG2 1 
ATOM   117 N N   . LYS A 1 15 ? -4.506  -3.262  7.958   1.00 22.67 ? 15  LYS A N   1 
ATOM   118 C CA  . LYS A 1 15 ? -5.332  -4.456  7.886   1.00 24.20 ? 15  LYS A CA  1 
ATOM   119 C C   . LYS A 1 15 ? -6.185  -4.578  6.572   1.00 20.58 ? 15  LYS A C   1 
ATOM   120 O O   . LYS A 1 15 ? -6.216  -5.614  5.926   1.00 19.86 ? 15  LYS A O   1 
ATOM   121 C CB  . LYS A 1 15 ? -6.253  -4.499  9.115   1.00 28.63 ? 15  LYS A CB  1 
ATOM   122 C CG  . LYS A 1 15 ? -6.957  -5.798  9.283   1.00 32.74 ? 15  LYS A CG  1 
ATOM   123 C CD  . LYS A 1 15 ? -5.983  -6.937  9.450   1.00 34.53 ? 15  LYS A CD  1 
ATOM   124 C CE  . LYS A 1 15 ? -6.428  -7.795  10.604  1.00 45.94 ? 15  LYS A CE  1 
ATOM   125 N NZ  . LYS A 1 15 ? -5.956  -9.188  10.328  1.00 50.47 ? 15  LYS A NZ  1 
ATOM   126 N N   . LEU A 1 16 ? -6.758  -3.468  6.128   1.00 20.53 ? 16  LEU A N   1 
ATOM   127 C CA  . LEU A 1 16 ? -7.545  -3.442  4.910   1.00 20.01 ? 16  LEU A CA  1 
ATOM   128 C C   . LEU A 1 16 ? -6.604  -3.738  3.749   1.00 19.93 ? 16  LEU A C   1 
ATOM   129 O O   . LEU A 1 16 ? -6.945  -4.495  2.885   1.00 19.83 ? 16  LEU A O   1 
ATOM   130 C CB  . LEU A 1 16 ? -8.288  -2.119  4.761   1.00 21.06 ? 16  LEU A CB  1 
ATOM   131 C CG  . LEU A 1 16 ? -9.434  -1.869  5.759   1.00 24.86 ? 16  LEU A CG  1 
ATOM   132 C CD1 . LEU A 1 16 ? -10.002 -0.464  5.575   1.00 26.89 ? 16  LEU A CD1 1 
ATOM   133 C CD2 . LEU A 1 16 ? -10.525 -2.917  5.567   1.00 27.02 ? 16  LEU A CD2 1 
ATOM   134 N N   . THR A 1 17 ? -5.403  -3.158  3.761   1.00 18.96 ? 17  THR A N   1 
ATOM   135 C CA  . THR A 1 17 ? -4.451  -3.424  2.694   1.00 19.10 ? 17  THR A CA  1 
ATOM   136 C C   . THR A 1 17 ? -4.066  -4.875  2.620   1.00 18.72 ? 17  THR A C   1 
ATOM   137 O O   . THR A 1 17 ? -4.017  -5.465  1.525   1.00 17.50 ? 17  THR A O   1 
ATOM   138 C CB  . THR A 1 17 ? -3.166  -2.572  2.843   1.00 18.30 ? 17  THR A CB  1 
ATOM   139 O OG1 . THR A 1 17 ? -3.594  -1.201  2.883   1.00 19.02 ? 17  THR A OG1 1 
ATOM   140 C CG2 . THR A 1 17 ? -2.264  -2.750  1.689   1.00 17.39 ? 17  THR A CG2 1 
ATOM   141 N N   . GLN A 1 18 ? -3.730  -5.441  3.762   1.00 18.36 ? 18  GLN A N   1 
ATOM   142 C CA  . GLN A 1 18 ? -3.335  -6.835  3.836   1.00 20.85 ? 18  GLN A CA  1 
ATOM   143 C C   . GLN A 1 18 ? -4.419  -7.766  3.263   1.00 19.32 ? 18  GLN A C   1 
ATOM   144 O O   . GLN A 1 18 ? -4.124  -8.595  2.441   1.00 18.27 ? 18  GLN A O   1 
ATOM   145 C CB  . GLN A 1 18 ? -3.020  -7.217  5.266   1.00 24.95 ? 18  GLN A CB  1 
ATOM   146 C CG  . GLN A 1 18 ? -1.776  -6.457  5.774   1.00 33.66 ? 18  GLN A CG  1 
ATOM   147 C CD  . GLN A 1 18 ? -1.082  -7.128  6.955   1.00 41.04 ? 18  GLN A CD  1 
ATOM   148 O OE1 . GLN A 1 18 ? -1.497  -6.924  8.133   1.00 46.80 ? 18  GLN A OE1 1 
ATOM   149 N NE2 . GLN A 1 18 ? 0.048   -7.888  6.650   1.00 38.68 ? 18  GLN A NE2 1 
ATOM   150 N N   . LYS A 1 19 ? -5.666  -7.541  3.662   1.00 17.74 ? 19  LYS A N   1 
ATOM   151 C CA  . LYS A 1 19 ? -6.781  -8.345  3.130   1.00 19.35 ? 19  LYS A CA  1 
ATOM   152 C C   . LYS A 1 19 ? -6.953  -8.156  1.659   1.00 17.64 ? 19  LYS A C   1 
ATOM   153 O O   . LYS A 1 19 ? -7.066  -9.171  0.928   1.00 18.63 ? 19  LYS A O   1 
ATOM   154 C CB  . LYS A 1 19 ? -8.100  -8.048  3.831   1.00 21.22 ? 19  LYS A CB  1 
ATOM   155 C CG  . LYS A 1 19 ? -8.119  -8.401  5.326   1.00 26.10 ? 19  LYS A CG  1 
ATOM   156 C CD  . LYS A 1 19 ? -9.543  -8.062  5.845   1.00 30.93 ? 19  LYS A CD  1 
ATOM   157 C CE  . LYS A 1 19 ? -9.722  -8.195  7.326   1.00 36.29 ? 19  LYS A CE  1 
ATOM   158 N NZ  . LYS A 1 19 ? -9.279  -9.538  7.827   1.00 40.17 ? 19  LYS A NZ  1 
ATOM   159 N N   . ALA A 1 20 ? -6.941  -6.894  1.184   1.00 16.33 ? 20  ALA A N   1 
ATOM   160 C CA  . ALA A 1 20 ? -7.091  -6.644  -0.221  1.00 16.76 ? 20  ALA A CA  1 
ATOM   161 C C   . ALA A 1 20 ? -6.034  -7.287  -1.037  1.00 18.09 ? 20  ALA A C   1 
ATOM   162 O O   . ALA A 1 20 ? -6.324  -7.886  -2.085  1.00 16.80 ? 20  ALA A O   1 
ATOM   163 C CB  . ALA A 1 20 ? -7.151  -5.137  -0.509  1.00 18.26 ? 20  ALA A CB  1 
ATOM   164 N N   . LEU A 1 21 ? -4.769  -7.160  -0.616  1.00 17.19 ? 21  LEU A N   1 
ATOM   165 C CA  . LEU A 1 21 ? -3.687  -7.725  -1.410  1.00 20.59 ? 21  LEU A CA  1 
ATOM   166 C C   . LEU A 1 21 ? -3.749  -9.255  -1.544  1.00 21.44 ? 21  LEU A C   1 
ATOM   167 O O   . LEU A 1 21 ? -3.473  -9.836  -2.650  1.00 18.59 ? 21  LEU A O   1 
ATOM   168 C CB  . LEU A 1 21 ? -2.306  -7.357  -0.872  1.00 24.37 ? 21  LEU A CB  1 
ATOM   169 C CG  . LEU A 1 21 ? -1.760  -5.963  -1.190  1.00 28.30 ? 21  LEU A CG  1 
ATOM   170 C CD1 . LEU A 1 21 ? -0.435  -5.814  -0.456  1.00 27.50 ? 21  LEU A CD1 1 
ATOM   171 C CD2 . LEU A 1 21 ? -1.567  -5.766  -2.709  1.00 28.88 ? 21  LEU A CD2 1 
ATOM   172 N N   . ASP A 1 22 ? -4.030  -9.911  -0.438  1.00 20.91 ? 22  ASP A N   1 
ATOM   173 C CA  . ASP A 1 22 ? -4.107  -11.361 -0.486  1.00 21.07 ? 22  ASP A CA  1 
ATOM   174 C C   . ASP A 1 22 ? -5.247  -11.757 -1.438  1.00 17.68 ? 22  ASP A C   1 
ATOM   175 O O   . ASP A 1 22 ? -5.079  -12.699 -2.191  1.00 18.29 ? 22  ASP A O   1 
ATOM   176 C CB  . ASP A 1 22 ? -4.353  -12.001 0.866   1.00 21.65 ? 22  ASP A CB  1 
ATOM   177 C CG  . ASP A 1 22 ? -3.088  -12.154 1.663   1.00 31.10 ? 22  ASP A CG  1 
ATOM   178 O OD1 . ASP A 1 22 ? -1.957  -12.071 1.097   1.00 31.03 ? 22  ASP A OD1 1 
ATOM   179 O OD2 . ASP A 1 22 ? -3.235  -12.300 2.882   1.00 35.89 ? 22  ASP A OD2 1 
ATOM   180 N N   . LEU A 1 23 ? -6.373  -11.061 -1.362  1.00 17.68 ? 23  LEU A N   1 
ATOM   181 C CA  . LEU A 1 23 ? -7.528  -11.463 -2.164  1.00 18.54 ? 23  LEU A CA  1 
ATOM   182 C C   . LEU A 1 23 ? -7.281  -11.232 -3.648  1.00 18.62 ? 23  LEU A C   1 
ATOM   183 O O   . LEU A 1 23 ? -7.696  -12.047 -4.478  1.00 19.01 ? 23  LEU A O   1 
ATOM   184 C CB  . LEU A 1 23 ? -8.786  -10.775 -1.710  1.00 18.30 ? 23  LEU A CB  1 
ATOM   185 C CG  . LEU A 1 23 ? -9.253  -11.172 -0.308  1.00 19.63 ? 23  LEU A CG  1 
ATOM   186 C CD1 . LEU A 1 23 ? -10.203 -10.132 0.301   1.00 18.66 ? 23  LEU A CD1 1 
ATOM   187 C CD2 . LEU A 1 23 ? -9.883  -12.593 -0.406  1.00 21.52 ? 23  LEU A CD2 1 
ATOM   188 N N   . LEU A 1 24 ? -6.664  -10.094 -3.982  1.00 19.99 ? 24  LEU A N   1 
ATOM   189 C CA  . LEU A 1 24 ? -6.316  -9.779  -5.366  1.00 24.03 ? 24  LEU A CA  1 
ATOM   190 C C   . LEU A 1 24 ? -5.348  -10.786 -5.884  1.00 21.88 ? 24  LEU A C   1 
ATOM   191 O O   . LEU A 1 24 ? -5.495  -11.322 -6.964  1.00 21.55 ? 24  LEU A O   1 
ATOM   192 C CB  . LEU A 1 24 ? -5.608  -8.434  -5.449  1.00 27.45 ? 24  LEU A CB  1 
ATOM   193 C CG  . LEU A 1 24 ? -6.436  -7.202  -5.567  1.00 35.85 ? 24  LEU A CG  1 
ATOM   194 C CD1 . LEU A 1 24 ? -5.476  -6.003  -5.444  1.00 36.10 ? 24  LEU A CD1 1 
ATOM   195 C CD2 . LEU A 1 24 ? -7.188  -7.240  -6.915  1.00 36.37 ? 24  LEU A CD2 1 
ATOM   196 N N   . SER A 1 25 ? -4.347  -11.064 -5.072  1.00 21.26 ? 25  SER A N   1 
ATOM   197 C CA  . SER A 1 25 ? -3.329  -12.019 -5.459  1.00 22.40 ? 25  SER A CA  1 
ATOM   198 C C   . SER A 1 25 ? -3.903  -13.427 -5.716  1.00 23.94 ? 25  SER A C   1 
ATOM   199 O O   . SER A 1 25 ? -3.511  -14.087 -6.682  1.00 25.63 ? 25  SER A O   1 
ATOM   200 C CB  . SER A 1 25 ? -2.263  -12.078 -4.393  1.00 23.56 ? 25  SER A CB  1 
ATOM   201 O OG  . SER A 1 25 ? -1.228  -12.880 -4.859  1.00 27.70 ? 25  SER A OG  1 
ATOM   202 N N   . SER A 1 26 ? -4.875  -13.844 -4.901  1.00 21.64 ? 26  SER A N   1 
ATOM   203 C CA  . SER A 1 26 ? -5.536  -15.136 -5.046  1.00 22.05 ? 26  SER A CA  1 
ATOM   204 C C   . SER A 1 26 ? -6.434  -15.233 -6.287  1.00 25.37 ? 26  SER A C   1 
ATOM   205 O O   . SER A 1 26 ? -6.605  -16.335 -6.819  1.00 25.39 ? 26  SER A O   1 
ATOM   206 C CB  . SER A 1 26 ? -6.347  -15.488 -3.784  1.00 23.09 ? 26  SER A CB  1 
ATOM   207 O OG  . SER A 1 26 ? -6.965  -16.768 -3.874  1.00 24.78 ? 26  SER A OG  1 
ATOM   208 N N   . GLY A 1 27 ? -6.988  -14.107 -6.758  1.00 22.40 ? 27  GLY A N   1 
ATOM   209 C CA  . GLY A 1 27 ? -7.787  -14.064 -7.971  1.00 22.80 ? 27  GLY A CA  1 
ATOM   210 C C   . GLY A 1 27 ? -9.116  -13.338 -7.927  1.00 19.19 ? 27  GLY A C   1 
ATOM   211 O O   . GLY A 1 27 ? -9.871  -13.397 -8.895  1.00 18.90 ? 27  GLY A O   1 
ATOM   212 N N   . ALA A 1 28 ? -9.442  -12.631 -6.844  1.00 19.03 ? 28  ALA A N   1 
ATOM   213 C CA  . ALA A 1 28 ? -10.611 -11.833 -6.884  1.00 19.38 ? 28  ALA A CA  1 
ATOM   214 C C   . ALA A 1 28 ? -10.271 -10.571 -7.727  1.00 20.57 ? 28  ALA A C   1 
ATOM   215 O O   . ALA A 1 28 ? -9.137  -10.096 -7.759  1.00 20.99 ? 28  ALA A O   1 
ATOM   216 C CB  . ALA A 1 28 ? -11.069 -11.479 -5.483  1.00 20.33 ? 28  ALA A CB  1 
ATOM   217 N N   . SER A 1 29 ? -11.262 -10.096 -8.461  1.00 20.01 ? 29  SER A N   1 
ATOM   218 C CA  . SER A 1 29 ? -11.086 -8.927  -9.312  1.00 22.19 ? 29  SER A CA  1 
ATOM   219 C C   . SER A 1 29 ? -10.900 -7.630  -8.474  1.00 25.23 ? 29  SER A C   1 
ATOM   220 O O   . SER A 1 29 ? -11.411 -7.496  -7.344  1.00 23.59 ? 29  SER A O   1 
ATOM   221 C CB  . SER A 1 29 ? -12.275 -8.767  -10.267 1.00 23.95 ? 29  SER A CB  1 
ATOM   222 O OG  . SER A 1 29 ? -13.397 -8.317  -9.517  1.00 27.07 ? 29  SER A OG  1 
ATOM   223 N N   . LEU A 1 30 ? -10.198 -6.675  -9.086  1.00 23.47 ? 30  LEU A N   1 
ATOM   224 C CA  . LEU A 1 30 ? -9.928  -5.404  -8.455  1.00 24.27 ? 30  LEU A CA  1 
ATOM   225 C C   . LEU A 1 30 ? -11.239 -4.705  -8.087  1.00 24.52 ? 30  LEU A C   1 
ATOM   226 O O   . LEU A 1 30 ? -11.386 -4.198  -6.983  1.00 21.85 ? 30  LEU A O   1 
ATOM   227 C CB  . LEU A 1 30 ? -9.016  -4.570  -9.342  1.00 27.22 ? 30  LEU A CB  1 
ATOM   228 C CG  . LEU A 1 30 ? -8.486  -3.269  -8.799  1.00 29.41 ? 30  LEU A CG  1 
ATOM   229 C CD1 . LEU A 1 30 ? -7.710  -3.501  -7.528  1.00 27.18 ? 30  LEU A CD1 1 
ATOM   230 C CD2 . LEU A 1 30 ? -7.571  -2.623  -9.812  1.00 28.64 ? 30  LEU A CD2 1 
ATOM   231 N N   . GLY A 1 31 ? -12.250 -4.779  -8.951  1.00 21.92 ? 31  GLY A N   1 
ATOM   232 C CA  . GLY A 1 31 ? -13.541 -4.211  -8.612  1.00 22.11 ? 31  GLY A CA  1 
ATOM   233 C C   . GLY A 1 31 ? -14.250 -4.794  -7.413  1.00 21.00 ? 31  GLY A C   1 
ATOM   234 O O   . GLY A 1 31 ? -14.876 -4.079  -6.594  1.00 22.34 ? 31  GLY A O   1 
ATOM   235 N N   . THR A 1 32 ? -14.224 -6.129  -7.335  1.00 21.41 ? 32  THR A N   1 
ATOM   236 C CA  . THR A 1 32 ? -14.871 -6.832  -6.235  1.00 21.56 ? 32  THR A CA  1 
ATOM   237 C C   . THR A 1 32 ? -14.101 -6.566  -4.931  1.00 19.85 ? 32  THR A C   1 
ATOM   238 O O   . THR A 1 32 ? -14.705 -6.286  -3.867  1.00 20.74 ? 32  THR A O   1 
ATOM   239 C CB  . THR A 1 32 ? -14.974 -8.355  -6.556  1.00 23.98 ? 32  THR A CB  1 
ATOM   240 O OG1 . THR A 1 32 ? -15.849 -8.502  -7.699  1.00 26.90 ? 32  THR A OG1 1 
ATOM   241 C CG2 . THR A 1 32 ? -15.610 -9.105  -5.400  1.00 24.18 ? 32  THR A CG2 1 
ATOM   242 N N   . VAL A 1 33 ? -12.785 -6.625  -5.026  1.00 17.62 ? 33  VAL A N   1 
ATOM   243 C CA  . VAL A 1 33 ? -11.980 -6.272  -3.814  1.00 19.66 ? 33  VAL A CA  1 
ATOM   244 C C   . VAL A 1 33 ? -12.221 -4.818  -3.317  1.00 18.61 ? 33  VAL A C   1 
ATOM   245 O O   . VAL A 1 33 ? -12.417 -4.533  -2.092  1.00 19.89 ? 33  VAL A O   1 
ATOM   246 C CB  . VAL A 1 33 ? -10.481 -6.548  -4.049  1.00 21.79 ? 33  VAL A CB  1 
ATOM   247 C CG1 . VAL A 1 33 ? -9.679  -6.006  -2.856  1.00 23.12 ? 33  VAL A CG1 1 
ATOM   248 C CG2 . VAL A 1 33 ? -10.231 -8.055  -4.199  1.00 22.14 ? 33  VAL A CG2 1 
ATOM   249 N N   . ALA A 1 34 ? -12.269 -3.884  -4.267  1.00 18.17 ? 34  ALA A N   1 
ATOM   250 C CA  . ALA A 1 34 ? -12.575 -2.535  -3.870  1.00 19.36 ? 34  ALA A CA  1 
ATOM   251 C C   . ALA A 1 34 ? -13.940 -2.417  -3.179  1.00 18.80 ? 34  ALA A C   1 
ATOM   252 O O   . ALA A 1 34 ? -14.094 -1.730  -2.138  1.00 20.69 ? 34  ALA A O   1 
ATOM   253 C CB  . ALA A 1 34 ? -12.448 -1.612  -5.072  1.00 19.29 ? 34  ALA A CB  1 
ATOM   254 N N   . ALA A 1 35 ? -14.953 -3.060  -3.758  1.00 19.06 ? 35  ALA A N   1 
ATOM   255 C CA  . ALA A 1 35 ? -16.274 -3.039  -3.194  1.00 22.48 ? 35  ALA A CA  1 
ATOM   256 C C   . ALA A 1 35 ? -16.380 -3.712  -1.824  1.00 21.83 ? 35  ALA A C   1 
ATOM   257 O O   . ALA A 1 35 ? -16.906 -3.107  -0.864  1.00 22.67 ? 35  ALA A O   1 
ATOM   258 C CB  . ALA A 1 35 ? -17.293 -3.642  -4.168  1.00 23.81 ? 35  ALA A CB  1 
ATOM   259 N N   . VAL A 1 36 ? -15.882 -4.930  -1.766  1.00 20.68 ? 36  VAL A N   1 
ATOM   260 C CA  . VAL A 1 36 ? -16.030 -5.762  -0.575  1.00 22.00 ? 36  VAL A CA  1 
ATOM   261 C C   . VAL A 1 36 ? -15.112 -5.338  0.574   1.00 21.78 ? 36  VAL A C   1 
ATOM   262 O O   . VAL A 1 36 ? -15.536 -5.315  1.755   1.00 22.95 ? 36  VAL A O   1 
ATOM   263 C CB  . VAL A 1 36 ? -15.727 -7.225  -0.958  1.00 25.16 ? 36  VAL A CB  1 
ATOM   264 C CG1 . VAL A 1 36 ? -15.611 -8.101  0.274   1.00 27.65 ? 36  VAL A CG1 1 
ATOM   265 C CG2 . VAL A 1 36 ? -16.794 -7.766  -1.913  1.00 26.53 ? 36  VAL A CG2 1 
ATOM   266 N N   . ILE A 1 37 ? -13.865 -5.019  0.259   1.00 18.84 ? 37  ILE A N   1 
ATOM   267 C CA  . ILE A 1 37 ? -12.887 -4.651  1.298   1.00 20.23 ? 37  ILE A CA  1 
ATOM   268 C C   . ILE A 1 37 ? -12.841 -3.160  1.564   1.00 23.85 ? 37  ILE A C   1 
ATOM   269 O O   . ILE A 1 37 ? -12.910 -2.744  2.734   1.00 22.50 ? 37  ILE A O   1 
ATOM   270 C CB  . ILE A 1 37 ? -11.493 -5.231  1.044   1.00 21.87 ? 37  ILE A CB  1 
ATOM   271 C CG1 . ILE A 1 37 ? -11.576 -6.758  0.843   1.00 22.34 ? 37  ILE A CG1 1 
ATOM   272 C CG2 . ILE A 1 37 ? -10.471 -4.876  2.194   1.00 20.44 ? 37  ILE A CG2 1 
ATOM   273 C CD1 . ILE A 1 37 ? -12.113 -7.476  2.051   1.00 22.52 ? 37  ILE A CD1 1 
ATOM   274 N N   . LEU A 1 38 ? -12.758 -2.357  0.515   1.00 24.33 ? 38  LEU A N   1 
ATOM   275 C CA  . LEU A 1 38 ? -12.577 -0.925  0.689   1.00 26.04 ? 38  LEU A CA  1 
ATOM   276 C C   . LEU A 1 38 ? -13.895 -0.183  0.752   1.00 28.18 ? 38  LEU A C   1 
ATOM   277 O O   . LEU A 1 38 ? -13.905 0.996   1.072   1.00 32.77 ? 38  LEU A O   1 
ATOM   278 C CB  . LEU A 1 38 ? -11.670 -0.349  -0.403  1.00 28.58 ? 38  LEU A CB  1 
ATOM   279 C CG  . LEU A 1 38 ? -10.290 -1.033  -0.517  1.00 31.09 ? 38  LEU A CG  1 
ATOM   280 C CD1 . LEU A 1 38 ? -9.436  -0.438  -1.670  1.00 33.37 ? 38  LEU A CD1 1 
ATOM   281 C CD2 . LEU A 1 38 ? -9.577  -1.008  0.852   1.00 33.13 ? 38  LEU A CD2 1 
ATOM   282 N N   . GLY A 1 39 ? -15.002 -0.848  0.433   1.00 25.49 ? 39  GLY A N   1 
ATOM   283 C CA  . GLY A 1 39 ? -16.328 -0.244  0.554   1.00 27.50 ? 39  GLY A CA  1 
ATOM   284 C C   . GLY A 1 39 ? -16.655 0.716   -0.583  1.00 28.53 ? 39  GLY A C   1 
ATOM   285 O O   . GLY A 1 39 ? -17.451 1.581   -0.415  1.00 28.74 ? 39  GLY A O   1 
ATOM   286 N N   . VAL A 1 40 ? -16.071 0.538   -1.751  1.00 26.10 ? 40  VAL A N   1 
ATOM   287 C CA  . VAL A 1 40 ? -16.115 1.516   -2.826  1.00 27.81 ? 40  VAL A CA  1 
ATOM   288 C C   . VAL A 1 40 ? -16.542 0.780   -4.091  1.00 28.42 ? 40  VAL A C   1 
ATOM   289 O O   . VAL A 1 40 ? -15.870 -0.125  -4.499  1.00 24.94 ? 40  VAL A O   1 
ATOM   290 C CB  . VAL A 1 40 ? -14.699 2.119   -2.980  1.00 31.89 ? 40  VAL A CB  1 
ATOM   291 C CG1 . VAL A 1 40 ? -14.458 2.714   -4.343  1.00 37.54 ? 40  VAL A CG1 1 
ATOM   292 C CG2 . VAL A 1 40 ? -14.495 3.134   -1.867  1.00 36.53 ? 40  VAL A CG2 1 
ATOM   293 N N   . THR A 1 41 ? -17.638 1.204   -4.713  1.00 28.88 ? 41  THR A N   1 
ATOM   294 C CA  . THR A 1 41 ? -18.047 0.693   -6.010  1.00 29.72 ? 41  THR A CA  1 
ATOM   295 C C   . THR A 1 41 ? -17.430 1.471   -7.111  1.00 28.64 ? 41  THR A C   1 
ATOM   296 O O   . THR A 1 41 ? -17.766 2.613   -7.328  1.00 31.16 ? 41  THR A O   1 
ATOM   297 C CB  . THR A 1 41 ? -19.573 0.797   -6.151  1.00 34.98 ? 41  THR A CB  1 
ATOM   298 O OG1 . THR A 1 41 ? -20.146 0.098   -5.058  1.00 39.43 ? 41  THR A OG1 1 
ATOM   299 C CG2 . THR A 1 41 ? -20.037 0.174   -7.453  1.00 37.51 ? 41  THR A CG2 1 
ATOM   300 N N   . LEU A 1 42 ? -16.484 0.893   -7.826  1.00 27.62 ? 42  LEU A N   1 
ATOM   301 C CA  . LEU A 1 42 ? -15.677 1.698   -8.731  1.00 26.71 ? 42  LEU A CA  1 
ATOM   302 C C   . LEU A 1 42 ? -16.291 1.794   -10.095 1.00 30.05 ? 42  LEU A C   1 
ATOM   303 O O   . LEU A 1 42 ? -16.600 0.774   -10.680 1.00 29.21 ? 42  LEU A O   1 
ATOM   304 C CB  . LEU A 1 42 ? -14.299 1.091   -8.962  1.00 29.36 ? 42  LEU A CB  1 
ATOM   305 C CG  . LEU A 1 42 ? -13.294 1.092   -7.792  1.00 31.26 ? 42  LEU A CG  1 
ATOM   306 C CD1 . LEU A 1 42 ? -12.060 0.258   -8.125  1.00 31.39 ? 42  LEU A CD1 1 
ATOM   307 C CD2 . LEU A 1 42 ? -12.924 2.516   -7.453  1.00 33.74 ? 42  LEU A CD2 1 
ATOM   308 N N   . PRO A 1 43 ? -16.296 3.001   -10.676 1.00 30.15 ? 43  PRO A N   1 
ATOM   309 C CA  . PRO A 1 43 ? -16.668 3.033   -12.060 1.00 30.58 ? 43  PRO A CA  1 
ATOM   310 C C   . PRO A 1 43 ? -15.613 2.375   -12.944 1.00 27.32 ? 43  PRO A C   1 
ATOM   311 O O   . PRO A 1 43 ? -14.423 2.216   -12.576 1.00 27.91 ? 43  PRO A O   1 
ATOM   312 C CB  . PRO A 1 43 ? -16.807 4.544   -12.358 1.00 32.01 ? 43  PRO A CB  1 
ATOM   313 C CG  . PRO A 1 43 ? -16.034 5.236   -11.324 1.00 31.79 ? 43  PRO A CG  1 
ATOM   314 C CD  . PRO A 1 43 ? -15.932 4.321   -10.132 1.00 30.04 ? 43  PRO A CD  1 
ATOM   315 N N   . GLY A 1 44 ? -16.029 2.007   -14.144 1.00 28.97 ? 44  GLY A N   1 
ATOM   316 C CA  . GLY A 1 44 ? -15.095 1.405   -15.107 1.00 28.40 ? 44  GLY A CA  1 
ATOM   317 C C   . GLY A 1 44 ? -13.750 2.085   -15.291 1.00 28.63 ? 44  GLY A C   1 
ATOM   318 O O   . GLY A 1 44 ? -12.713 1.420   -15.280 1.00 29.98 ? 44  GLY A O   1 
ATOM   319 N N   . TRP A 1 45 ? -13.762 3.410   -15.497 1.00 27.42 ? 45  TRP A N   1 
ATOM   320 C CA  . TRP A 1 45 ? -12.546 4.161   -15.710 1.00 25.75 ? 45  TRP A CA  1 
ATOM   321 C C   . TRP A 1 45 ? -11.627 4.073   -14.497 1.00 24.80 ? 45  TRP A C   1 
ATOM   322 O O   . TRP A 1 45 ? -10.439 4.099   -14.671 1.00 24.96 ? 45  TRP A O   1 
ATOM   323 C CB  . TRP A 1 45 ? -12.816 5.667   -16.039 1.00 24.14 ? 45  TRP A CB  1 
ATOM   324 C CG  . TRP A 1 45 ? -13.510 6.439   -14.927 1.00 22.78 ? 45  TRP A CG  1 
ATOM   325 C CD1 . TRP A 1 45 ? -14.826 6.663   -14.820 1.00 23.71 ? 45  TRP A CD1 1 
ATOM   326 C CD2 . TRP A 1 45 ? -12.913 7.054   -13.766 1.00 21.64 ? 45  TRP A CD2 1 
ATOM   327 N NE1 . TRP A 1 45 ? -15.098 7.332   -13.646 1.00 23.64 ? 45  TRP A NE1 1 
ATOM   328 C CE2 . TRP A 1 45 ? -13.934 7.602   -13.008 1.00 21.99 ? 45  TRP A CE2 1 
ATOM   329 C CE3 . TRP A 1 45 ? -11.619 7.180   -13.300 1.00 23.17 ? 45  TRP A CE3 1 
ATOM   330 C CZ2 . TRP A 1 45 ? -13.708 8.257   -11.800 1.00 22.66 ? 45  TRP A CZ2 1 
ATOM   331 C CZ3 . TRP A 1 45 ? -11.402 7.812   -12.110 1.00 21.71 ? 45  TRP A CZ3 1 
ATOM   332 C CH2 . TRP A 1 45 ? -12.434 8.349   -11.380 1.00 22.06 ? 45  TRP A CH2 1 
ATOM   333 N N   . ALA A 1 46 ? -12.187 3.970   -13.286 1.00 25.02 ? 46  ALA A N   1 
ATOM   334 C CA  . ALA A 1 46 ? -11.343 3.913   -12.090 1.00 24.53 ? 46  ALA A CA  1 
ATOM   335 C C   . ALA A 1 46 ? -10.725 2.486   -11.944 1.00 22.28 ? 46  ALA A C   1 
ATOM   336 O O   . ALA A 1 46 ? -9.602  2.366   -11.621 1.00 22.52 ? 46  ALA A O   1 
ATOM   337 C CB  . ALA A 1 46 ? -12.131 4.334   -10.849 1.00 23.02 ? 46  ALA A CB  1 
ATOM   338 N N   . VAL A 1 47 ? -11.433 1.445   -12.345 1.00 24.22 ? 47  VAL A N   1 
ATOM   339 C CA  . VAL A 1 47 ? -10.906 0.070   -12.311 1.00 26.78 ? 47  VAL A CA  1 
ATOM   340 C C   . VAL A 1 47 ? -9.705  -0.030  -13.243 1.00 26.46 ? 47  VAL A C   1 
ATOM   341 O O   . VAL A 1 47 ? -8.660  -0.529  -12.862 1.00 25.58 ? 47  VAL A O   1 
ATOM   342 C CB  . VAL A 1 47 ? -11.961 -0.972  -12.752 1.00 28.74 ? 47  VAL A CB  1 
ATOM   343 C CG1 . VAL A 1 47 ? -11.350 -2.371  -12.745 1.00 29.84 ? 47  VAL A CG1 1 
ATOM   344 C CG2 . VAL A 1 47 ? -13.161 -0.908  -11.860 1.00 33.25 ? 47  VAL A CG2 1 
ATOM   345 N N   . ALA A 1 48 ? -9.834  0.537   -14.446 1.00 26.86 ? 48  ALA A N   1 
ATOM   346 C CA  . ALA A 1 48 ? -8.731  0.623   -15.399 1.00 26.39 ? 48  ALA A CA  1 
ATOM   347 C C   . ALA A 1 48 ? -7.575  1.478   -14.942 1.00 26.45 ? 48  ALA A C   1 
ATOM   348 O O   . ALA A 1 48 ? -6.433  1.078   -15.086 1.00 25.21 ? 48  ALA A O   1 
ATOM   349 C CB  . ALA A 1 48 ? -9.224  1.170   -16.738 1.00 29.81 ? 48  ALA A CB  1 
ATOM   350 N N   . ALA A 1 49 ? -7.834  2.681   -14.432 1.00 23.48 ? 49  ALA A N   1 
ATOM   351 C CA  . ALA A 1 49 ? -6.746  3.538   -14.038 1.00 25.41 ? 49  ALA A CA  1 
ATOM   352 C C   . ALA A 1 49 ? -5.922  2.885   -12.865 1.00 23.85 ? 49  ALA A C   1 
ATOM   353 O O   . ALA A 1 49 ? -4.672  2.853   -12.883 1.00 23.91 ? 49  ALA A O   1 
ATOM   354 C CB  . ALA A 1 49 ? -7.289  4.913   -13.650 1.00 26.89 ? 49  ALA A CB  1 
ATOM   355 N N   . ALA A 1 50 ? -6.626  2.416   -11.829 1.00 24.58 ? 50  ALA A N   1 
ATOM   356 C CA  . ALA A 1 50 ? -5.970  1.710   -10.678 1.00 24.60 ? 50  ALA A CA  1 
ATOM   357 C C   . ALA A 1 50 ? -5.236  0.469   -11.138 1.00 24.49 ? 50  ALA A C   1 
ATOM   358 O O   . ALA A 1 50 ? -4.100  0.252   -10.725 1.00 24.49 ? 50  ALA A O   1 
ATOM   359 C CB  . ALA A 1 50 ? -6.971  1.324   -9.597  1.00 27.63 ? 50  ALA A CB  1 
ATOM   360 N N   . GLY A 1 51 ? -5.852  -0.305  -12.031 1.00 23.33 ? 51  GLY A N   1 
ATOM   361 C CA  . GLY A 1 51 ? -5.238  -1.555  -12.517 1.00 25.89 ? 51  GLY A CA  1 
ATOM   362 C C   . GLY A 1 51 ? -3.939  -1.463  -13.278 1.00 26.02 ? 51  GLY A C   1 
ATOM   363 O O   . GLY A 1 51 ? -3.217  -2.475  -13.399 1.00 29.04 ? 51  GLY A O   1 
ATOM   364 N N   . ALA A 1 52 ? -3.677  -0.280  -13.821 1.00 25.30 ? 52  ALA A N   1 
ATOM   365 C CA  . ALA A 1 52 ? -2.395  0.017   -14.415 1.00 26.95 ? 52  ALA A CA  1 
ATOM   366 C C   . ALA A 1 52 ? -1.263  0.067   -13.384 1.00 32.34 ? 52  ALA A C   1 
ATOM   367 O O   . ALA A 1 52 ? -0.123  -0.076  -13.753 1.00 32.93 ? 52  ALA A O   1 
ATOM   368 C CB  . ALA A 1 52 ? -2.449  1.344   -15.176 1.00 28.36 ? 52  ALA A CB  1 
ATOM   369 N N   . LEU A 1 53 ? -1.533  0.247   -12.098 1.00 27.70 ? 53  LEU A N   1 
ATOM   370 C CA  . LEU A 1 53 ? -0.423  0.270   -11.118 1.00 28.63 ? 53  LEU A CA  1 
ATOM   371 C C   . LEU A 1 53 ? -0.157  -1.115  -10.524 1.00 27.65 ? 53  LEU A C   1 
ATOM   372 O O   . LEU A 1 53 ? -1.006  -2.003  -10.630 1.00 27.32 ? 53  LEU A O   1 
ATOM   373 C CB  . LEU A 1 53 ? -0.835  1.236   -10.003 1.00 28.67 ? 53  LEU A CB  1 
ATOM   374 C CG  . LEU A 1 53 ? -1.262  2.626   -10.490 1.00 28.05 ? 53  LEU A CG  1 
ATOM   375 C CD1 . LEU A 1 53 ? -1.876  3.477   -9.370  1.00 28.83 ? 53  LEU A CD1 1 
ATOM   376 C CD2 . LEU A 1 53 ? -0.077  3.301   -11.098 1.00 30.70 ? 53  LEU A CD2 1 
ATOM   377 N N   . GLY A 1 54 ? 0.954   -1.274  -9.784  1.00 24.80 ? 54  GLY A N   1 
ATOM   378 C CA  . GLY A 1 54 ? 1.153   -2.491  -8.977  1.00 25.08 ? 54  GLY A CA  1 
ATOM   379 C C   . GLY A 1 54 ? 0.079   -2.557  -7.934  1.00 24.79 ? 54  GLY A C   1 
ATOM   380 O O   . GLY A 1 54 ? -0.590  -1.550  -7.648  1.00 24.64 ? 54  GLY A O   1 
ATOM   381 N N   . GLY A 1 55 ? -0.141  -3.720  -7.338  1.00 22.68 ? 55  GLY A N   1 
ATOM   382 C CA  . GLY A 1 55 ? -1.311  -3.861  -6.481  1.00 21.10 ? 55  GLY A CA  1 
ATOM   383 C C   . GLY A 1 55 ? -1.366  -2.949  -5.269  1.00 19.21 ? 55  GLY A C   1 
ATOM   384 O O   . GLY A 1 55 ? -2.441  -2.411  -4.962  1.00 20.45 ? 55  GLY A O   1 
ATOM   385 N N   . THR A 1 56 ? -0.214  -2.765  -4.590  1.00 18.14 ? 56  THR A N   1 
ATOM   386 C CA  . THR A 1 56 ? -0.198  -1.926  -3.385  1.00 17.75 ? 56  THR A CA  1 
ATOM   387 C C   . THR A 1 56 ? -0.522  -0.468  -3.768  1.00 17.92 ? 56  THR A C   1 
ATOM   388 O O   . THR A 1 56 ? -1.372  0.203   -3.161  1.00 19.65 ? 56  THR A O   1 
ATOM   389 C CB  . THR A 1 56 ? 1.185   -1.993  -2.658  1.00 19.06 ? 56  THR A CB  1 
ATOM   390 O OG1 . THR A 1 56 ? 1.579   -3.384  -2.472  1.00 19.40 ? 56  THR A OG1 1 
ATOM   391 C CG2 . THR A 1 56 ? 1.049   -1.287  -1.291  1.00 19.27 ? 56  THR A CG2 1 
ATOM   392 N N   . ALA A 1 57 ? 0.104   -0.019  -4.837  1.00 17.31 ? 57  ALA A N   1 
ATOM   393 C CA  . ALA A 1 57 ? -0.133  1.363   -5.372  1.00 17.96 ? 57  ALA A CA  1 
ATOM   394 C C   . ALA A 1 57 ? -1.553  1.543   -5.842  1.00 17.95 ? 57  ALA A C   1 
ATOM   395 O O   . ALA A 1 57 ? -2.169  2.573   -5.573  1.00 17.69 ? 57  ALA A O   1 
ATOM   396 C CB  . ALA A 1 57 ? 0.876   1.660   -6.467  1.00 20.25 ? 57  ALA A CB  1 
ATOM   397 N N   . ALA A 1 58 ? -2.114  0.512   -6.494  1.00 18.26 ? 58  ALA A N   1 
ATOM   398 C CA  . ALA A 1 58 ? -3.504  0.546   -6.943  1.00 18.14 ? 58  ALA A CA  1 
ATOM   399 C C   . ALA A 1 58 ? -4.462  0.789   -5.848  1.00 18.02 ? 58  ALA A C   1 
ATOM   400 O O   . ALA A 1 58 ? -5.382  1.625   -5.765  1.00 18.38 ? 58  ALA A O   1 
ATOM   401 C CB  . ALA A 1 58 ? -3.857  -0.776  -7.573  1.00 19.66 ? 58  ALA A CB  1 
ATOM   402 N N   . ILE B 1 1  ? 4.786   3.174   2.689   1.00 16.55 ? 1   ILE B N   1 
ATOM   403 C CA  . ILE B 1 1  ? 5.578   2.187   1.964   1.00 17.77 ? 1   ILE B CA  1 
ATOM   404 C C   . ILE B 1 1  ? 5.632   2.484   0.468   1.00 16.42 ? 1   ILE B C   1 
ATOM   405 O O   . ILE B 1 1  ? 6.683   2.397   -0.144  1.00 17.68 ? 1   ILE B O   1 
ATOM   406 C CB  . ILE B 1 1  ? 4.964   0.804   2.299   1.00 18.87 ? 1   ILE B CB  1 
ATOM   407 C CG1 . ILE B 1 1  ? 5.213   0.540   3.786   1.00 22.67 ? 1   ILE B CG1 1 
ATOM   408 C CG2 . ILE B 1 1  ? 5.543   -0.253  1.382   1.00 18.05 ? 1   ILE B CG2 1 
ATOM   409 C CD1 . ILE B 1 1  ? 4.234   -0.490  4.375   1.00 26.65 ? 1   ILE B CD1 1 
ATOM   410 N N   . VAL B 1 2  ? 4.491   2.834   -0.137  1.00 17.61 ? 2   VAL B N   1 
ATOM   411 C CA  . VAL B 1 2  ? 4.431   3.129   -1.540  1.00 18.50 ? 2   VAL B CA  1 
ATOM   412 C C   . VAL B 1 2  ? 5.287   4.377   -1.881  1.00 19.33 ? 2   VAL B C   1 
ATOM   413 O O   . VAL B 1 2  ? 6.032   4.366   -2.845  1.00 20.91 ? 2   VAL B O   1 
ATOM   414 C CB  . VAL B 1 2  ? 2.948   3.276   -2.005  1.00 17.35 ? 2   VAL B CB  1 
ATOM   415 C CG1 . VAL B 1 2  ? 2.862   3.898   -3.378  1.00 20.90 ? 2   VAL B CG1 1 
ATOM   416 C CG2 . VAL B 1 2  ? 2.236   1.952   -1.898  1.00 18.01 ? 2   VAL B CG2 1 
ATOM   417 N N   . TRP B 1 3  ? 5.188   5.403   -1.051  1.00 19.81 ? 3   TRP B N   1 
ATOM   418 C CA  . TRP B 1 3  ? 5.976   6.636   -1.267  1.00 19.86 ? 3   TRP B CA  1 
ATOM   419 C C   . TRP B 1 3  ? 7.466   6.297   -1.198  1.00 19.69 ? 3   TRP B C   1 
ATOM   420 O O   . TRP B 1 3  ? 8.179   6.730   -2.031  1.00 20.42 ? 3   TRP B O   1 
ATOM   421 C CB  . TRP B 1 3  ? 5.586   7.728   -0.271  1.00 22.74 ? 3   TRP B CB  1 
ATOM   422 C CG  . TRP B 1 3  ? 6.337   9.015   -0.453  1.00 23.99 ? 3   TRP B CG  1 
ATOM   423 C CD1 . TRP B 1 3  ? 5.962   10.089  -1.197  1.00 30.33 ? 3   TRP B CD1 1 
ATOM   424 C CD2 . TRP B 1 3  ? 7.604   9.368   0.125   1.00 22.86 ? 3   TRP B CD2 1 
ATOM   425 N NE1 . TRP B 1 3  ? 6.898   11.075  -1.119  1.00 29.26 ? 3   TRP B NE1 1 
ATOM   426 C CE2 . TRP B 1 3  ? 7.914   10.667  -0.311  1.00 29.27 ? 3   TRP B CE2 1 
ATOM   427 C CE3 . TRP B 1 3  ? 8.497   8.719   0.966   1.00 23.82 ? 3   TRP B CE3 1 
ATOM   428 C CZ2 . TRP B 1 3  ? 9.087   11.315  0.061   1.00 26.40 ? 3   TRP B CZ2 1 
ATOM   429 C CZ3 . TRP B 1 3  ? 9.647   9.363   1.348   1.00 24.02 ? 3   TRP B CZ3 1 
ATOM   430 C CH2 . TRP B 1 3  ? 9.938   10.641  0.896   1.00 25.42 ? 3   TRP B CH2 1 
ATOM   431 N N   . ILE B 1 4  ? 7.882   5.515   -0.210  1.00 18.85 ? 4   ILE B N   1 
ATOM   432 C CA  . ILE B 1 4  ? 9.281   5.134   -0.101  1.00 18.24 ? 4   ILE B CA  1 
ATOM   433 C C   . ILE B 1 4  ? 9.729   4.332   -1.300  1.00 20.33 ? 4   ILE B C   1 
ATOM   434 O O   . ILE B 1 4  ? 10.806  4.530   -1.872  1.00 20.17 ? 4   ILE B O   1 
ATOM   435 C CB  . ILE B 1 4  ? 9.563   4.361   1.189   1.00 18.57 ? 4   ILE B CB  1 
ATOM   436 C CG1 . ILE B 1 4  ? 9.449   5.299   2.379   1.00 16.83 ? 4   ILE B CG1 1 
ATOM   437 C CG2 . ILE B 1 4  ? 10.939  3.721   1.158   1.00 20.01 ? 4   ILE B CG2 1 
ATOM   438 C CD1 . ILE B 1 4  ? 9.167   4.550   3.652   1.00 20.95 ? 4   ILE B CD1 1 
ATOM   439 N N   . ALA B 1 5  ? 8.911   3.378   -1.673  1.00 20.17 ? 5   ALA B N   1 
ATOM   440 C CA  . ALA B 1 5  ? 9.280   2.552   -2.855  1.00 21.94 ? 5   ALA B CA  1 
ATOM   441 C C   . ALA B 1 5  ? 9.459   3.390   -4.147  1.00 22.46 ? 5   ALA B C   1 
ATOM   442 O O   . ALA B 1 5  ? 10.399  3.171   -4.933  1.00 23.82 ? 5   ALA B O   1 
ATOM   443 C CB  . ALA B 1 5  ? 8.230   1.482   -3.048  1.00 21.44 ? 5   ALA B CB  1 
ATOM   444 N N   . ARG B 1 6  ? 8.557   4.342   -4.325  1.00 23.30 ? 6   ARG B N   1 
ATOM   445 C CA  . ARG B 1 6  ? 8.573   5.253   -5.502  1.00 28.58 ? 6   ARG B CA  1 
ATOM   446 C C   . ARG B 1 6  ? 9.777   6.163   -5.454  1.00 28.68 ? 6   ARG B C   1 
ATOM   447 O O   . ARG B 1 6  ? 10.527  6.226   -6.405  1.00 31.78 ? 6   ARG B O   1 
ATOM   448 C CB  . ARG B 1 6  ? 7.298   6.057   -5.533  1.00 34.38 ? 6   ARG B CB  1 
ATOM   449 C CG  . ARG B 1 6  ? 7.082   6.972   -6.727  1.00 46.38 ? 6   ARG B CG  1 
ATOM   450 C CD  . ARG B 1 6  ? 5.871   7.893   -6.501  1.00 56.96 ? 6   ARG B CD  1 
ATOM   451 N NE  . ARG B 1 6  ? 4.578   7.178   -6.664  1.00 69.77 ? 6   ARG B NE  1 
ATOM   452 C CZ  . ARG B 1 6  ? 3.560   7.094   -5.778  1.00 73.42 ? 6   ARG B CZ  1 
ATOM   453 N NH1 . ARG B 1 6  ? 3.598   7.673   -4.565  1.00 70.38 ? 6   ARG B NH1 1 
ATOM   454 N NH2 . ARG B 1 6  ? 2.460   6.405   -6.124  1.00 72.36 ? 6   ARG B NH2 1 
ATOM   455 N N   . GLN B 1 7  ? 10.014  6.822   -4.330  1.00 27.60 ? 7   GLN B N   1 
ATOM   456 C CA  . GLN B 1 7  ? 11.139  7.753   -4.209  1.00 29.39 ? 7   GLN B CA  1 
ATOM   457 C C   . GLN B 1 7  ? 12.536  7.089   -4.208  1.00 27.41 ? 7   GLN B C   1 
ATOM   458 O O   . GLN B 1 7  ? 13.510  7.731   -4.645  1.00 26.98 ? 7   GLN B O   1 
ATOM   459 C CB  . GLN B 1 7  ? 10.977  8.617   -2.971  1.00 31.08 ? 7   GLN B CB  1 
ATOM   460 C CG  . GLN B 1 7  ? 11.986  9.749   -2.874  1.00 35.08 ? 7   GLN B CG  1 
ATOM   461 C CD  . GLN B 1 7  ? 11.836  10.874  -3.936  1.00 35.87 ? 7   GLN B CD  1 
ATOM   462 O OE1 . GLN B 1 7  ? 10.743  11.129  -4.442  1.00 36.61 ? 7   GLN B OE1 1 
ATOM   463 N NE2 . GLN B 1 7  ? 12.927  11.582  -4.204  1.00 40.86 ? 7   GLN B NE2 1 
ATOM   464 N N   . PHE B 1 8  ? 12.658  5.856   -3.695  1.00 25.34 ? 8   PHE B N   1 
ATOM   465 C CA  . PHE B 1 8  ? 13.963  5.154   -3.575  1.00 24.73 ? 8   PHE B CA  1 
ATOM   466 C C   . PHE B 1 8  ? 14.150  3.958   -4.526  1.00 26.76 ? 8   PHE B C   1 
ATOM   467 O O   . PHE B 1 8  ? 15.147  3.284   -4.449  1.00 24.95 ? 8   PHE B O   1 
ATOM   468 C CB  . PHE B 1 8  ? 14.259  4.798   -2.126  1.00 24.60 ? 8   PHE B CB  1 
ATOM   469 C CG  . PHE B 1 8  ? 14.451  6.018   -1.278  1.00 25.28 ? 8   PHE B CG  1 
ATOM   470 C CD1 . PHE B 1 8  ? 13.387  6.621   -0.663  1.00 25.54 ? 8   PHE B CD1 1 
ATOM   471 C CD2 . PHE B 1 8  ? 15.710  6.618   -1.167  1.00 29.95 ? 8   PHE B CD2 1 
ATOM   472 C CE1 . PHE B 1 8  ? 13.527  7.804   0.033   1.00 27.85 ? 8   PHE B CE1 1 
ATOM   473 C CE2 . PHE B 1 8  ? 15.884  7.776   -0.411  1.00 30.35 ? 8   PHE B CE2 1 
ATOM   474 C CZ  . PHE B 1 8  ? 14.782  8.381   0.183   1.00 31.50 ? 8   PHE B CZ  1 
ATOM   475 N N   . GLY B 1 9  ? 13.184  3.700   -5.391  1.00 27.16 ? 9   GLY B N   1 
ATOM   476 C CA  . GLY B 1 9  ? 13.348  2.753   -6.489  1.00 25.74 ? 9   GLY B CA  1 
ATOM   477 C C   . GLY B 1 9  ? 13.197  1.287   -6.090  1.00 29.04 ? 9   GLY B C   1 
ATOM   478 O O   . GLY B 1 9  ? 13.879  0.438   -6.628  1.00 27.24 ? 9   GLY B O   1 
ATOM   479 N N   . VAL B 1 10 ? 12.283  0.974   -5.196  1.00 24.08 ? 10  VAL B N   1 
ATOM   480 C CA  . VAL B 1 10 ? 12.089  -0.424  -4.731  1.00 24.32 ? 10  VAL B CA  1 
ATOM   481 C C   . VAL B 1 10 ? 10.949  -1.063  -5.507  1.00 22.80 ? 10  VAL B C   1 
ATOM   482 O O   . VAL B 1 10 ? 9.916   -0.436  -5.729  1.00 23.85 ? 10  VAL B O   1 
ATOM   483 C CB  . VAL B 1 10 ? 11.721  -0.434  -3.259  1.00 26.83 ? 10  VAL B CB  1 
ATOM   484 C CG1 . VAL B 1 10 ? 11.452  -1.834  -2.711  1.00 28.83 ? 10  VAL B CG1 1 
ATOM   485 C CG2 . VAL B 1 10 ? 12.853  0.251   -2.493  1.00 27.72 ? 10  VAL B CG2 1 
ATOM   486 N N   . HIS B 1 11 ? 11.164  -2.305  -5.934  1.00 23.91 ? 11  HIS B N   1 
ATOM   487 C CA  . HIS B 1 11 ? 10.140  -3.058  -6.618  1.00 22.53 ? 11  HIS B CA  1 
ATOM   488 C C   . HIS B 1 11 ? 9.276   -3.724  -5.564  1.00 20.94 ? 11  HIS B C   1 
ATOM   489 O O   . HIS B 1 11 ? 9.690   -4.719  -4.956  1.00 19.92 ? 11  HIS B O   1 
ATOM   490 C CB  . HIS B 1 11 ? 10.725  -4.122  -7.564  1.00 24.08 ? 11  HIS B CB  1 
ATOM   491 C CG  . HIS B 1 11 ? 9.648   -4.882  -8.289  1.00 24.68 ? 11  HIS B CG  1 
ATOM   492 N ND1 . HIS B 1 11 ? 8.759   -4.253  -9.133  1.00 25.66 ? 11  HIS B ND1 1 
ATOM   493 C CD2 . HIS B 1 11 ? 9.315   -6.191  -8.295  1.00 29.35 ? 11  HIS B CD2 1 
ATOM   494 C CE1 . HIS B 1 11 ? 7.904   -5.143  -9.608  1.00 30.11 ? 11  HIS B CE1 1 
ATOM   495 N NE2 . HIS B 1 11 ? 8.205   -6.324  -9.096  1.00 28.76 ? 11  HIS B NE2 1 
ATOM   496 N N   . LEU B 1 12 ? 8.077   -3.188  -5.314  1.00 21.88 ? 12  LEU B N   1 
ATOM   497 C CA  . LEU B 1 12 ? 7.172   -3.819  -4.343  1.00 25.37 ? 12  LEU B CA  1 
ATOM   498 C C   . LEU B 1 12 ? 6.556   -5.131  -4.875  1.00 26.73 ? 12  LEU B C   1 
ATOM   499 O O   . LEU B 1 12 ? 6.185   -5.215  -6.014  1.00 37.22 ? 12  LEU B O   1 
ATOM   500 C CB  . LEU B 1 12 ? 6.051   -2.895  -3.930  1.00 24.94 ? 12  LEU B CB  1 
ATOM   501 C CG  . LEU B 1 12 ? 6.394   -1.826  -2.950  1.00 24.98 ? 12  LEU B CG  1 
ATOM   502 C CD1 . LEU B 1 12 ? 5.083   -1.126  -2.594  1.00 21.96 ? 12  LEU B CD1 1 
ATOM   503 C CD2 . LEU B 1 12 ? 7.100   -2.333  -1.684  1.00 24.67 ? 12  LEU B CD2 1 
ATOM   504 N N   . THR B 1 13 ? 6.564   -6.174  -4.083  1.00 25.20 ? 13  THR B N   1 
ATOM   505 C CA  . THR B 1 13 ? 5.861   -7.381  -4.395  1.00 22.96 ? 13  THR B CA  1 
ATOM   506 C C   . THR B 1 13 ? 4.831   -7.551  -3.310  1.00 23.10 ? 13  THR B C   1 
ATOM   507 O O   . THR B 1 13 ? 4.925   -6.939  -2.233  1.00 19.60 ? 13  THR B O   1 
ATOM   508 C CB  . THR B 1 13 ? 6.767   -8.607  -4.368  1.00 23.54 ? 13  THR B CB  1 
ATOM   509 O OG1 . THR B 1 13 ? 7.380   -8.751  -3.065  1.00 21.20 ? 13  THR B OG1 1 
ATOM   510 C CG2 . THR B 1 13 ? 7.836   -8.518  -5.434  1.00 26.39 ? 13  THR B CG2 1 
ATOM   511 N N   . THR B 1 14 ? 3.918   -8.490  -3.492  1.00 20.85 ? 14  THR B N   1 
ATOM   512 C CA  . THR B 1 14 ? 2.890   -8.754  -2.447  1.00 23.43 ? 14  THR B CA  1 
ATOM   513 C C   . THR B 1 14 ? 3.576   -9.169  -1.142  1.00 22.02 ? 14  THR B C   1 
ATOM   514 O O   . THR B 1 14 ? 3.239   -8.684  -0.114  1.00 22.73 ? 14  THR B O   1 
ATOM   515 C CB  . THR B 1 14 ? 1.963   -9.870  -2.926  1.00 27.13 ? 14  THR B CB  1 
ATOM   516 O OG1 . THR B 1 14 ? 1.346   -9.340  -4.085  1.00 37.18 ? 14  THR B OG1 1 
ATOM   517 C CG2 . THR B 1 14 ? 0.967   -10.303 -1.884  1.00 20.52 ? 14  THR B CG2 1 
ATOM   518 N N   . LYS B 1 15 ? 4.556   -10.037 -1.249  1.00 21.96 ? 15  LYS B N   1 
ATOM   519 C CA  . LYS B 1 15 ? 5.271   -10.540 -0.099  1.00 25.44 ? 15  LYS B CA  1 
ATOM   520 C C   . LYS B 1 15 ? 5.986   -9.404  0.622   1.00 21.67 ? 15  LYS B C   1 
ATOM   521 O O   . LYS B 1 15 ? 5.891   -9.336  1.837   1.00 20.67 ? 15  LYS B O   1 
ATOM   522 C CB  . LYS B 1 15 ? 6.252   -11.629 -0.571  1.00 31.13 ? 15  LYS B CB  1 
ATOM   523 C CG  . LYS B 1 15 ? 6.783   -12.587 0.456   1.00 37.54 ? 15  LYS B CG  1 
ATOM   524 C CD  . LYS B 1 15 ? 7.348   -13.830 -0.245  1.00 41.47 ? 15  LYS B CD  1 
ATOM   525 C CE  . LYS B 1 15 ? 8.277   -14.640 0.658   1.00 48.36 ? 15  LYS B CE  1 
ATOM   526 N NZ  . LYS B 1 15 ? 8.785   -15.886 -0.014  1.00 50.14 ? 15  LYS B NZ  1 
ATOM   527 N N   . LEU B 1 16 ? 6.675   -8.497  -0.098  1.00 20.27 ? 16  LEU B N   1 
ATOM   528 C CA  . LEU B 1 16 ? 7.373   -7.390  0.565   1.00 21.65 ? 16  LEU B CA  1 
ATOM   529 C C   . LEU B 1 16 ? 6.381   -6.501  1.273   1.00 21.38 ? 16  LEU B C   1 
ATOM   530 O O   . LEU B 1 16 ? 6.591   -6.140  2.415   1.00 19.05 ? 16  LEU B O   1 
ATOM   531 C CB  . LEU B 1 16 ? 8.174   -6.505  -0.404  1.00 23.71 ? 16  LEU B CB  1 
ATOM   532 C CG  . LEU B 1 16 ? 9.550   -7.025  -0.809  1.00 30.15 ? 16  LEU B CG  1 
ATOM   533 C CD1 . LEU B 1 16 ? 10.167  -6.013  -1.758  1.00 29.68 ? 16  LEU B CD1 1 
ATOM   534 C CD2 . LEU B 1 16 ? 10.434  -7.296  0.417   1.00 27.82 ? 16  LEU B CD2 1 
ATOM   535 N N   . THR B 1 17 ? 5.313   -6.098  0.582   1.00 19.61 ? 17  THR B N   1 
ATOM   536 C CA  . THR B 1 17 ? 4.312   -5.279  1.236   1.00 19.45 ? 17  THR B CA  1 
ATOM   537 C C   . THR B 1 17 ? 3.737   -5.916  2.494   1.00 18.42 ? 17  THR B C   1 
ATOM   538 O O   . THR B 1 17 ? 3.657   -5.254  3.583   1.00 17.64 ? 17  THR B O   1 
ATOM   539 C CB  . THR B 1 17 ? 3.204   -4.850  0.235   1.00 22.36 ? 17  THR B CB  1 
ATOM   540 O OG1 . THR B 1 17 ? 3.785   -4.093  -0.845  1.00 22.12 ? 17  THR B OG1 1 
ATOM   541 C CG2 . THR B 1 17 ? 2.191   -4.019  0.902   1.00 24.20 ? 17  THR B CG2 1 
ATOM   542 N N   . GLN B 1 18 ? 3.375   -7.193  2.411   1.00 19.75 ? 18  GLN B N   1 
ATOM   543 C CA  . GLN B 1 18 ? 2.737   -7.859  3.545   1.00 22.11 ? 18  GLN B CA  1 
ATOM   544 C C   . GLN B 1 18 ? 3.728   -7.920  4.685   1.00 20.14 ? 18  GLN B C   1 
ATOM   545 O O   . GLN B 1 18 ? 3.339   -7.717  5.811   1.00 20.14 ? 18  GLN B O   1 
ATOM   546 C CB  . GLN B 1 18 ? 2.288   -9.255  3.198   1.00 24.08 ? 18  GLN B CB  1 
ATOM   547 C CG  . GLN B 1 18 ? 1.200   -9.291  2.090   1.00 27.04 ? 18  GLN B CG  1 
ATOM   548 C CD  . GLN B 1 18 ? -0.185  -8.962  2.610   1.00 29.17 ? 18  GLN B CD  1 
ATOM   549 O OE1 . GLN B 1 18 ? -0.326  -8.284  3.633   1.00 30.88 ? 18  GLN B OE1 1 
ATOM   550 N NE2 . GLN B 1 18 ? -1.224  -9.503  1.948   1.00 26.43 ? 18  GLN B NE2 1 
ATOM   551 N N   . LYS B 1 19 ? 4.982   -8.217  4.391   1.00 17.30 ? 19  LYS B N   1 
ATOM   552 C CA  . LYS B 1 19 ? 5.980   -8.185  5.488   1.00 18.21 ? 19  LYS B CA  1 
ATOM   553 C C   . LYS B 1 19 ? 6.166   -6.808  6.132   1.00 18.54 ? 19  LYS B C   1 
ATOM   554 O O   . LYS B 1 19 ? 6.215   -6.691  7.375   1.00 19.19 ? 19  LYS B O   1 
ATOM   555 C CB  . LYS B 1 19 ? 7.302   -8.737  5.004   1.00 17.71 ? 19  LYS B CB  1 
ATOM   556 C CG  . LYS B 1 19 ? 7.307   -10.219 4.780   1.00 22.34 ? 19  LYS B CG  1 
ATOM   557 C CD  . LYS B 1 19 ? 8.562   -10.575 3.997   1.00 25.44 ? 19  LYS B CD  1 
ATOM   558 C CE  . LYS B 1 19 ? 8.639   -12.047 3.664   1.00 31.30 ? 19  LYS B CE  1 
ATOM   559 N NZ  . LYS B 1 19 ? 8.649   -12.914 4.858   1.00 36.70 ? 19  LYS B NZ  1 
ATOM   560 N N   . ALA B 1 20 ? 6.229   -5.756  5.300   1.00 18.67 ? 20  ALA B N   1 
ATOM   561 C CA  . ALA B 1 20 ? 6.299   -4.408  5.795   1.00 19.14 ? 20  ALA B CA  1 
ATOM   562 C C   . ALA B 1 20 ? 5.138   -4.047  6.677   1.00 18.80 ? 20  ALA B C   1 
ATOM   563 O O   . ALA B 1 20 ? 5.308   -3.479  7.751   1.00 18.75 ? 20  ALA B O   1 
ATOM   564 C CB  . ALA B 1 20 ? 6.451   -3.429  4.648   1.00 19.17 ? 20  ALA B CB  1 
ATOM   565 N N   . LEU B 1 21 ? 3.947   -4.374  6.263   1.00 19.05 ? 21  LEU B N   1 
ATOM   566 C CA  . LEU B 1 21 ? 2.738   -4.002  7.008   1.00 22.27 ? 21  LEU B CA  1 
ATOM   567 C C   . LEU B 1 21 ? 2.621   -4.808  8.317   1.00 22.84 ? 21  LEU B C   1 
ATOM   568 O O   . LEU B 1 21 ? 2.192   -4.271  9.348   1.00 23.94 ? 21  LEU B O   1 
ATOM   569 C CB  . LEU B 1 21 ? 1.517   -4.240  6.151   1.00 23.85 ? 21  LEU B CB  1 
ATOM   570 C CG  . LEU B 1 21 ? 1.366   -3.357  4.909   1.00 30.14 ? 21  LEU B CG  1 
ATOM   571 C CD1 . LEU B 1 21 ? 0.167   -3.817  4.101   1.00 33.75 ? 21  LEU B CD1 1 
ATOM   572 C CD2 . LEU B 1 21 ? 1.215   -1.912  5.300   1.00 33.57 ? 21  LEU B CD2 1 
ATOM   573 N N   . ASP B 1 22 ? 3.024   -6.084  8.276   1.00 21.29 ? 22  ASP B N   1 
ATOM   574 C CA  . ASP B 1 22 ? 3.128   -6.889  9.531   1.00 22.29 ? 22  ASP B CA  1 
ATOM   575 C C   . ASP B 1 22 ? 4.057   -6.245  10.553  1.00 21.21 ? 22  ASP B C   1 
ATOM   576 O O   . ASP B 1 22 ? 3.677   -6.100  11.695  1.00 21.81 ? 22  ASP B O   1 
ATOM   577 C CB  . ASP B 1 22 ? 3.610   -8.278  9.263   1.00 26.63 ? 22  ASP B CB  1 
ATOM   578 C CG  . ASP B 1 22 ? 2.521   -9.187  8.780   1.00 35.21 ? 22  ASP B CG  1 
ATOM   579 O OD1 . ASP B 1 22 ? 1.342   -8.889  9.046   1.00 43.64 ? 22  ASP B OD1 1 
ATOM   580 O OD2 . ASP B 1 22 ? 2.836   -10.230 8.171   1.00 43.53 ? 22  ASP B OD2 1 
ATOM   581 N N   . LEU B 1 23 ? 5.188   -5.760  10.114  1.00 21.70 ? 23  LEU B N   1 
ATOM   582 C CA  . LEU B 1 23 ? 6.129   -5.073  11.038  1.00 26.91 ? 23  LEU B CA  1 
ATOM   583 C C   . LEU B 1 23 ? 5.585   -3.787  11.608  1.00 27.15 ? 23  LEU B C   1 
ATOM   584 O O   . LEU B 1 23 ? 5.656   -3.557  12.810  1.00 26.33 ? 23  LEU B O   1 
ATOM   585 C CB  . LEU B 1 23 ? 7.441   -4.830  10.360  1.00 29.04 ? 23  LEU B CB  1 
ATOM   586 C CG  . LEU B 1 23 ? 8.293   -6.045  10.260  1.00 32.04 ? 23  LEU B CG  1 
ATOM   587 C CD1 . LEU B 1 23 ? 9.613   -5.539  9.681   1.00 29.48 ? 23  LEU B CD1 1 
ATOM   588 C CD2 . LEU B 1 23 ? 8.512   -6.683  11.665  1.00 34.88 ? 23  LEU B CD2 1 
ATOM   589 N N   . LEU B 1 24 ? 4.899   -2.993  10.780  1.00 28.79 ? 24  LEU B N   1 
ATOM   590 C CA  . LEU B 1 24 ? 4.292   -1.778  11.280  1.00 26.77 ? 24  LEU B CA  1 
ATOM   591 C C   . LEU B 1 24 ? 3.173   -2.071  12.253  1.00 28.71 ? 24  LEU B C   1 
ATOM   592 O O   . LEU B 1 24 ? 3.017   -1.396  13.313  1.00 26.42 ? 24  LEU B O   1 
ATOM   593 C CB  . LEU B 1 24 ? 3.743   -0.888  10.155  1.00 28.81 ? 24  LEU B CB  1 
ATOM   594 C CG  . LEU B 1 24 ? 4.685   -0.106  9.291   1.00 30.18 ? 24  LEU B CG  1 
ATOM   595 C CD1 . LEU B 1 24 ? 3.879   0.619   8.194   1.00 32.81 ? 24  LEU B CD1 1 
ATOM   596 C CD2 . LEU B 1 24 ? 5.508   0.913   10.059  1.00 26.26 ? 24  LEU B CD2 1 
ATOM   597 N N   . SER B 1 25 ? 2.405   -3.084  11.924  1.00 26.60 ? 25  SER B N   1 
ATOM   598 C CA  . SER B 1 25 ? 1.357   -3.505  12.812  1.00 30.57 ? 25  SER B CA  1 
ATOM   599 C C   . SER B 1 25 ? 1.913   -3.972  14.180  1.00 30.71 ? 25  SER B C   1 
ATOM   600 O O   . SER B 1 25 ? 1.225   -3.845  15.201  1.00 31.55 ? 25  SER B O   1 
ATOM   601 C CB  . SER B 1 25 ? 0.533   -4.586  12.121  1.00 32.68 ? 25  SER B CB  1 
ATOM   602 O OG  . SER B 1 25 ? -0.381  -5.133  13.030  1.00 48.97 ? 25  SER B OG  1 
ATOM   603 N N   . SER B 1 26 ? 3.136   -4.518  14.191  1.00 29.63 ? 26  SER B N   1 
ATOM   604 C CA  . SER B 1 26 ? 3.720   -5.096  15.385  1.00 28.31 ? 26  SER B CA  1 
ATOM   605 C C   . SER B 1 26 ? 4.364   -4.083  16.292  1.00 29.14 ? 26  SER B C   1 
ATOM   606 O O   . SER B 1 26 ? 4.899   -4.450  17.360  1.00 28.98 ? 26  SER B O   1 
ATOM   607 C CB  . SER B 1 26 ? 4.776   -6.109  15.001  1.00 29.03 ? 26  SER B CB  1 
ATOM   608 O OG  . SER B 1 26 ? 5.950   -5.447  14.550  1.00 34.16 ? 26  SER B OG  1 
ATOM   609 N N   . GLY B 1 27 ? 4.449   -2.845  15.839  1.00 27.83 ? 27  GLY B N   1 
ATOM   610 C CA  . GLY B 1 27 ? 5.063   -1.786  16.605  1.00 29.77 ? 27  GLY B CA  1 
ATOM   611 C C   . GLY B 1 27 ? 6.457   -1.352  16.156  1.00 28.04 ? 27  GLY B C   1 
ATOM   612 O O   . GLY B 1 27 ? 7.033   -0.539  16.818  1.00 26.66 ? 27  GLY B O   1 
ATOM   613 N N   . ALA B 1 28 ? 6.959   -1.785  14.985  1.00 26.78 ? 28  ALA B N   1 
ATOM   614 C CA  . ALA B 1 28 ? 8.283   -1.365  14.544  1.00 26.66 ? 28  ALA B CA  1 
ATOM   615 C C   . ALA B 1 28 ? 8.110   0.002   13.916  1.00 26.87 ? 28  ALA B C   1 
ATOM   616 O O   . ALA B 1 28 ? 6.992   0.342   13.441  1.00 26.84 ? 28  ALA B O   1 
ATOM   617 C CB  . ALA B 1 28 ? 8.912   -2.328  13.530  1.00 29.34 ? 28  ALA B CB  1 
ATOM   618 N N   . SER B 1 29 ? 9.191   0.775   13.914  1.00 25.51 ? 29  SER B N   1 
ATOM   619 C CA  . SER B 1 29 ? 9.197   2.139   13.350  1.00 26.62 ? 29  SER B CA  1 
ATOM   620 C C   . SER B 1 29 ? 9.264   2.054   11.824  1.00 27.70 ? 29  SER B C   1 
ATOM   621 O O   . SER B 1 29 ? 9.778   1.089   11.219  1.00 25.80 ? 29  SER B O   1 
ATOM   622 C CB  . SER B 1 29 ? 10.358  2.952   13.895  1.00 27.72 ? 29  SER B CB  1 
ATOM   623 O OG  . SER B 1 29 ? 11.598  2.523   13.306  1.00 28.43 ? 29  SER B OG  1 
ATOM   624 N N   . LEU B 1 30 ? 8.758   3.093   11.170  1.00 27.12 ? 30  LEU B N   1 
ATOM   625 C CA  . LEU B 1 30 ? 8.945   3.178   9.747   1.00 24.64 ? 30  LEU B CA  1 
ATOM   626 C C   . LEU B 1 30 ? 10.407  3.044   9.293   1.00 23.17 ? 30  LEU B C   1 
ATOM   627 O O   . LEU B 1 30 ? 10.683  2.411   8.261   1.00 23.14 ? 30  LEU B O   1 
ATOM   628 C CB  . LEU B 1 30 ? 8.282   4.437   9.204   1.00 25.19 ? 30  LEU B CB  1 
ATOM   629 C CG  . LEU B 1 30 ? 8.233   4.614   7.705   1.00 24.87 ? 30  LEU B CG  1 
ATOM   630 C CD1 . LEU B 1 30 ? 7.372   3.545   7.046   1.00 24.06 ? 30  LEU B CD1 1 
ATOM   631 C CD2 . LEU B 1 30 ? 7.708   6.024   7.426   1.00 25.53 ? 30  LEU B CD2 1 
ATOM   632 N N   . GLY B 1 31 ? 11.353  3.664   9.980   1.00 22.63 ? 31  GLY B N   1 
ATOM   633 C CA  . GLY B 1 31 ? 12.722  3.592   9.509   1.00 22.59 ? 31  GLY B CA  1 
ATOM   634 C C   . GLY B 1 31 ? 13.291  2.160   9.551   1.00 23.41 ? 31  GLY B C   1 
ATOM   635 O O   . GLY B 1 31 ? 14.053  1.747   8.673   1.00 23.69 ? 31  GLY B O   1 
ATOM   636 N N   . THR B 1 32 ? 12.901  1.438   10.586  1.00 24.42 ? 32  THR B N   1 
ATOM   637 C CA  . THR B 1 32 ? 13.248  0.001   10.739  1.00 24.05 ? 32  THR B CA  1 
ATOM   638 C C   . THR B 1 32 ? 12.665  -0.829  9.596   1.00 22.64 ? 32  THR B C   1 
ATOM   639 O O   . THR B 1 32 ? 13.364  -1.555  8.925   1.00 21.23 ? 32  THR B O   1 
ATOM   640 C CB  . THR B 1 32 ? 12.730  -0.516  12.047  1.00 27.34 ? 32  THR B CB  1 
ATOM   641 O OG1 . THR B 1 32 ? 13.488  0.127   13.082  1.00 27.04 ? 32  THR B OG1 1 
ATOM   642 C CG2 . THR B 1 32 ? 12.925  -2.046  12.135  1.00 26.36 ? 32  THR B CG2 1 
ATOM   643 N N   . VAL B 1 33 ? 11.394  -0.591  9.333   1.00 20.10 ? 33  VAL B N   1 
ATOM   644 C CA  . VAL B 1 33 ? 10.733  -1.276  8.213   1.00 20.87 ? 33  VAL B CA  1 
ATOM   645 C C   . VAL B 1 33 ? 11.415  -1.012  6.855   1.00 20.36 ? 33  VAL B C   1 
ATOM   646 O O   . VAL B 1 33 ? 11.679  -1.959  6.071   1.00 21.54 ? 33  VAL B O   1 
ATOM   647 C CB  . VAL B 1 33 ? 9.219   -0.973  8.194   1.00 21.16 ? 33  VAL B CB  1 
ATOM   648 C CG1 . VAL B 1 33 ? 8.542   -1.654  6.960   1.00 23.25 ? 33  VAL B CG1 1 
ATOM   649 C CG2 . VAL B 1 33 ? 8.540   -1.445  9.456   1.00 24.02 ? 33  VAL B CG2 1 
ATOM   650 N N   . ALA B 1 34 ? 11.712  0.260   6.534   1.00 18.34 ? 34  ALA B N   1 
ATOM   651 C CA  . ALA B 1 34 ? 12.358  0.568   5.297   1.00 18.61 ? 34  ALA B CA  1 
ATOM   652 C C   . ALA B 1 34 ? 13.707  -0.115  5.123   1.00 21.62 ? 34  ALA B C   1 
ATOM   653 O O   . ALA B 1 34 ? 14.059  -0.548  4.043   1.00 21.59 ? 34  ALA B O   1 
ATOM   654 C CB  . ALA B 1 34 ? 12.513  2.081   5.117   1.00 19.25 ? 34  ALA B CB  1 
ATOM   655 N N   . ALA B 1 35 ? 14.478  -0.127  6.184   1.00 25.21 ? 35  ALA B N   1 
ATOM   656 C CA  . ALA B 1 35 ? 15.818  -0.688  6.132   1.00 26.00 ? 35  ALA B CA  1 
ATOM   657 C C   . ALA B 1 35 ? 15.757  -2.225  6.048   1.00 24.26 ? 35  ALA B C   1 
ATOM   658 O O   . ALA B 1 35 ? 16.342  -2.822  5.160   1.00 23.94 ? 35  ALA B O   1 
ATOM   659 C CB  . ALA B 1 35 ? 16.604  -0.219  7.366   1.00 27.87 ? 35  ALA B CB  1 
ATOM   660 N N   . VAL B 1 36 ? 14.975  -2.847  6.922   1.00 24.09 ? 36  VAL B N   1 
ATOM   661 C CA  . VAL B 1 36 ? 15.006  -4.303  6.995   1.00 23.90 ? 36  VAL B CA  1 
ATOM   662 C C   . VAL B 1 36 ? 14.218  -4.937  5.823   1.00 23.75 ? 36  VAL B C   1 
ATOM   663 O O   . VAL B 1 36 ? 14.670  -5.892  5.257   1.00 24.25 ? 36  VAL B O   1 
ATOM   664 C CB  . VAL B 1 36 ? 14.436  -4.776  8.335   1.00 23.77 ? 36  VAL B CB  1 
ATOM   665 C CG1 . VAL B 1 36 ? 14.320  -6.303  8.395   1.00 27.65 ? 36  VAL B CG1 1 
ATOM   666 C CG2 . VAL B 1 36 ? 15.327  -4.287  9.459   1.00 25.59 ? 36  VAL B CG2 1 
ATOM   667 N N   . ILE B 1 37 ? 13.022  -4.440  5.517   1.00 19.53 ? 37  ILE B N   1 
ATOM   668 C CA  . ILE B 1 37 ? 12.184  -5.069  4.462   1.00 20.10 ? 37  ILE B CA  1 
ATOM   669 C C   . ILE B 1 37 ? 12.451  -4.503  3.074   1.00 23.70 ? 37  ILE B C   1 
ATOM   670 O O   . ILE B 1 37 ? 12.558  -5.266  2.118   1.00 22.29 ? 37  ILE B O   1 
ATOM   671 C CB  . ILE B 1 37 ? 10.688  -4.965  4.803   1.00 22.19 ? 37  ILE B CB  1 
ATOM   672 C CG1 . ILE B 1 37 ? 10.415  -5.563  6.183   1.00 25.39 ? 37  ILE B CG1 1 
ATOM   673 C CG2 . ILE B 1 37 ? 9.831   -5.638  3.730   1.00 21.07 ? 37  ILE B CG2 1 
ATOM   674 C CD1 . ILE B 1 37 ? 10.803  -7.030  6.379   1.00 27.99 ? 37  ILE B CD1 1 
ATOM   675 N N   . LEU B 1 38 ? 12.533  -3.173  2.953   1.00 22.57 ? 38  LEU B N   1 
ATOM   676 C CA  . LEU B 1 38 ? 12.673  -2.532  1.652   1.00 24.14 ? 38  LEU B CA  1 
ATOM   677 C C   . LEU B 1 38 ? 14.101  -2.306  1.243   1.00 27.08 ? 38  LEU B C   1 
ATOM   678 O O   . LEU B 1 38 ? 14.310  -1.965  0.110   1.00 31.23 ? 38  LEU B O   1 
ATOM   679 C CB  . LEU B 1 38 ? 11.924  -1.208  1.596   1.00 24.09 ? 38  LEU B CB  1 
ATOM   680 C CG  . LEU B 1 38 ? 10.460  -1.269  2.063   1.00 26.22 ? 38  LEU B CG  1 
ATOM   681 C CD1 . LEU B 1 38 ? 9.822   0.102   1.991   1.00 28.15 ? 38  LEU B CD1 1 
ATOM   682 C CD2 . LEU B 1 38 ? 9.707   -2.277  1.175   1.00 27.71 ? 38  LEU B CD2 1 
ATOM   683 N N   . GLY B 1 39 ? 15.045  -2.483  2.155   1.00 24.17 ? 39  GLY B N   1 
ATOM   684 C CA  . GLY B 1 39 ? 16.444  -2.361  1.841   1.00 28.39 ? 39  GLY B CA  1 
ATOM   685 C C   . GLY B 1 39 ? 16.876  -0.897  1.675   1.00 29.80 ? 39  GLY B C   1 
ATOM   686 O O   . GLY B 1 39 ? 17.833  -0.626  0.992   1.00 32.56 ? 39  GLY B O   1 
ATOM   687 N N   . VAL B 1 40 ? 16.186  0.035   2.322   1.00 27.04 ? 40  VAL B N   1 
ATOM   688 C CA  . VAL B 1 40 ? 16.481  1.458   2.197   1.00 29.50 ? 40  VAL B CA  1 
ATOM   689 C C   . VAL B 1 40 ? 16.775  2.045   3.555   1.00 27.25 ? 40  VAL B C   1 
ATOM   690 O O   . VAL B 1 40 ? 15.909  2.075   4.437   1.00 30.03 ? 40  VAL B O   1 
ATOM   691 C CB  . VAL B 1 40 ? 15.260  2.234   1.599   1.00 30.76 ? 40  VAL B CB  1 
ATOM   692 C CG1 . VAL B 1 40 ? 15.502  3.749   1.602   1.00 31.20 ? 40  VAL B CG1 1 
ATOM   693 C CG2 . VAL B 1 40 ? 14.990  1.763   0.200   1.00 34.85 ? 40  VAL B CG2 1 
ATOM   694 N N   . THR B 1 41 ? 17.983  2.595   3.702   1.00 30.70 ? 41  THR B N   1 
ATOM   695 C CA  . THR B 1 41 ? 18.265  3.464   4.818   1.00 31.76 ? 41  THR B CA  1 
ATOM   696 C C   . THR B 1 41 ? 17.747  4.855   4.521   1.00 29.18 ? 41  THR B C   1 
ATOM   697 O O   . THR B 1 41 ? 18.324  5.580   3.690   1.00 31.19 ? 41  THR B O   1 
ATOM   698 C CB  . THR B 1 41 ? 19.777  3.596   5.092   1.00 38.39 ? 41  THR B CB  1 
ATOM   699 O OG1 . THR B 1 41 ? 20.350  2.290   5.098   1.00 41.30 ? 41  THR B OG1 1 
ATOM   700 C CG2 . THR B 1 41 ? 19.991  4.323   6.473   1.00 36.26 ? 41  THR B CG2 1 
ATOM   701 N N   . LEU B 1 42 ? 16.705  5.233   5.244   1.00 27.41 ? 42  LEU B N   1 
ATOM   702 C CA  . LEU B 1 42 ? 16.005  6.500   5.012   1.00 28.61 ? 42  LEU B CA  1 
ATOM   703 C C   . LEU B 1 42 ? 16.763  7.706   5.592   1.00 30.20 ? 42  LEU B C   1 
ATOM   704 O O   . LEU B 1 42 ? 16.965  7.764   6.793   1.00 27.62 ? 42  LEU B O   1 
ATOM   705 C CB  . LEU B 1 42 ? 14.621  6.468   5.641   1.00 30.40 ? 42  LEU B CB  1 
ATOM   706 C CG  . LEU B 1 42 ? 13.461  5.680   4.979   1.00 31.32 ? 42  LEU B CG  1 
ATOM   707 C CD1 . LEU B 1 42 ? 12.168  5.852   5.747   1.00 31.00 ? 42  LEU B CD1 1 
ATOM   708 C CD2 . LEU B 1 42 ? 13.257  6.067   3.532   1.00 32.04 ? 42  LEU B CD2 1 
ATOM   709 N N   . PRO B 1 43 ? 17.094  8.709   4.761   1.00 30.02 ? 43  PRO B N   1 
ATOM   710 C CA  . PRO B 1 43 ? 17.557  9.936   5.431   1.00 29.66 ? 43  PRO B CA  1 
ATOM   711 C C   . PRO B 1 43 ? 16.438  10.587  6.263   1.00 29.53 ? 43  PRO B C   1 
ATOM   712 O O   . PRO B 1 43 ? 15.240  10.299  6.089   1.00 26.20 ? 43  PRO B O   1 
ATOM   713 C CB  . PRO B 1 43 ? 18.007  10.808  4.257   1.00 30.74 ? 43  PRO B CB  1 
ATOM   714 C CG  . PRO B 1 43 ? 17.326  10.289  3.065   1.00 30.30 ? 43  PRO B CG  1 
ATOM   715 C CD  . PRO B 1 43 ? 17.044  8.850   3.298   1.00 28.78 ? 43  PRO B CD  1 
ATOM   716 N N   . GLY B 1 44 ? 16.794  11.478  7.164   1.00 31.78 ? 44  GLY B N   1 
ATOM   717 C CA  . GLY B 1 44 ? 15.784  12.067  8.075   1.00 33.27 ? 44  GLY B CA  1 
ATOM   718 C C   . GLY B 1 44 ? 14.676  12.867  7.391   1.00 31.15 ? 44  GLY B C   1 
ATOM   719 O O   . GLY B 1 44 ? 13.504  12.875  7.844   1.00 29.68 ? 44  GLY B O   1 
ATOM   720 N N   . TRP B 1 45 ? 15.009  13.517  6.290   1.00 29.18 ? 45  TRP B N   1 
ATOM   721 C CA  . TRP B 1 45 ? 13.964  14.267  5.554   1.00 29.53 ? 45  TRP B CA  1 
ATOM   722 C C   . TRP B 1 45 ? 12.909  13.303  5.011   1.00 27.81 ? 45  TRP B C   1 
ATOM   723 O O   . TRP B 1 45 ? 11.761  13.668  4.973   1.00 28.49 ? 45  TRP B O   1 
ATOM   724 C CB  . TRP B 1 45 ? 14.557  15.111  4.428   1.00 27.40 ? 45  TRP B CB  1 
ATOM   725 C CG  . TRP B 1 45 ? 15.311  14.372  3.380   1.00 22.45 ? 45  TRP B CG  1 
ATOM   726 C CD1 . TRP B 1 45 ? 16.657  14.209  3.309   1.00 24.34 ? 45  TRP B CD1 1 
ATOM   727 C CD2 . TRP B 1 45 ? 14.775  13.733  2.219   1.00 22.69 ? 45  TRP B CD2 1 
ATOM   728 N NE1 . TRP B 1 45 ? 16.994  13.497  2.205   1.00 22.35 ? 45  TRP B NE1 1 
ATOM   729 C CE2 . TRP B 1 45 ? 15.861  13.196  1.512   1.00 21.32 ? 45  TRP B CE2 1 
ATOM   730 C CE3 . TRP B 1 45 ? 13.493  13.546  1.717   1.00 21.10 ? 45  TRP B CE3 1 
ATOM   731 C CZ2 . TRP B 1 45 ? 15.695  12.483  0.337   1.00 22.26 ? 45  TRP B CZ2 1 
ATOM   732 C CZ3 . TRP B 1 45 ? 13.335  12.853  0.550   1.00 22.37 ? 45  TRP B CZ3 1 
ATOM   733 C CH2 . TRP B 1 45 ? 14.420  12.320  -0.123  1.00 21.89 ? 45  TRP B CH2 1 
ATOM   734 N N   . ALA B 1 46 ? 13.328  12.102  4.649   1.00 25.60 ? 46  ALA B N   1 
ATOM   735 C CA  . ALA B 1 46 ? 12.446  11.126  4.046   1.00 24.01 ? 46  ALA B CA  1 
ATOM   736 C C   . ALA B 1 46 ? 11.611  10.478  5.131   1.00 27.38 ? 46  ALA B C   1 
ATOM   737 O O   . ALA B 1 46 ? 10.428  10.344  4.992   1.00 26.35 ? 46  ALA B O   1 
ATOM   738 C CB  . ALA B 1 46 ? 13.269  10.105  3.280   1.00 25.41 ? 46  ALA B CB  1 
ATOM   739 N N   . VAL B 1 47 ? 12.186  10.229  6.282   1.00 30.47 ? 47  VAL B N   1 
ATOM   740 C CA  . VAL B 1 47 ? 11.342  9.749   7.409   1.00 35.01 ? 47  VAL B CA  1 
ATOM   741 C C   . VAL B 1 47 ? 10.237  10.724  7.735   1.00 36.44 ? 47  VAL B C   1 
ATOM   742 O O   . VAL B 1 47 ? 9.085   10.328  7.962   1.00 38.83 ? 47  VAL B O   1 
ATOM   743 C CB  . VAL B 1 47 ? 12.139  9.593   8.714   1.00 37.78 ? 47  VAL B CB  1 
ATOM   744 C CG1 . VAL B 1 47 ? 11.189  9.182   9.850   1.00 38.57 ? 47  VAL B CG1 1 
ATOM   745 C CG2 . VAL B 1 47 ? 13.259  8.577   8.529   1.00 34.12 ? 47  VAL B CG2 1 
ATOM   746 N N   . ALA B 1 48 ? 10.606  11.986  7.799   1.00 33.80 ? 48  ALA B N   1 
ATOM   747 C CA  . ALA B 1 48 ? 9.694   13.056  8.100   1.00 38.37 ? 48  ALA B CA  1 
ATOM   748 C C   . ALA B 1 48 ? 8.604   13.174  7.053   1.00 37.45 ? 48  ALA B C   1 
ATOM   749 O O   . ALA B 1 48 ? 7.437   13.203  7.401   1.00 36.34 ? 48  ALA B O   1 
ATOM   750 C CB  . ALA B 1 48 ? 10.447  14.364  8.228   1.00 37.54 ? 48  ALA B CB  1 
ATOM   751 N N   . ALA B 1 49 ? 8.984   13.247  5.770   1.00 31.62 ? 49  ALA B N   1 
ATOM   752 C CA  . ALA B 1 49 ? 7.997   13.346  4.686   1.00 28.79 ? 49  ALA B CA  1 
ATOM   753 C C   . ALA B 1 49 ? 7.001   12.188  4.688   1.00 30.60 ? 49  ALA B C   1 
ATOM   754 O O   . ALA B 1 49 ? 5.798   12.371  4.525   1.00 32.07 ? 49  ALA B O   1 
ATOM   755 C CB  . ALA B 1 49 ? 8.716   13.401  3.337   1.00 26.51 ? 49  ALA B CB  1 
ATOM   756 N N   . ALA B 1 50 ? 7.502   10.973  4.859   1.00 28.26 ? 50  ALA B N   1 
ATOM   757 C CA  . ALA B 1 50 ? 6.650   9.781   4.755   1.00 33.14 ? 50  ALA B CA  1 
ATOM   758 C C   . ALA B 1 50 ? 5.908   9.511   6.032   1.00 37.91 ? 50  ALA B C   1 
ATOM   759 O O   . ALA B 1 50 ? 4.830   8.930   6.008   1.00 37.04 ? 50  ALA B O   1 
ATOM   760 C CB  . ALA B 1 50 ? 7.453   8.559   4.370   1.00 33.39 ? 50  ALA B CB  1 
ATOM   761 N N   . GLY B 1 51 ? 6.459   9.961   7.143   1.00 41.31 ? 51  GLY B N   1 
ATOM   762 C CA  . GLY B 1 51 ? 5.854   9.766   8.462   1.00 42.45 ? 51  GLY B CA  1 
ATOM   763 C C   . GLY B 1 51 ? 4.501   10.402  8.644   1.00 40.67 ? 51  GLY B C   1 
ATOM   764 O O   . GLY B 1 51 ? 3.702   9.926   9.436   1.00 43.07 ? 51  GLY B O   1 
ATOM   765 N N   . ALA B 1 52 ? 4.281   11.469  7.900   1.00 37.34 ? 52  ALA B N   1 
ATOM   766 C CA  . ALA B 1 52 ? 3.019   12.121  7.719   1.00 38.68 ? 52  ALA B CA  1 
ATOM   767 C C   . ALA B 1 52 ? 1.862   11.195  7.186   1.00 39.32 ? 52  ALA B C   1 
ATOM   768 O O   . ALA B 1 52 ? 0.696   11.306  7.592   1.00 41.54 ? 52  ALA B O   1 
ATOM   769 C CB  . ALA B 1 52 ? 3.252   13.259  6.740   1.00 39.07 ? 52  ALA B CB  1 
ATOM   770 N N   . LEU B 1 53 ? 2.208   10.271  6.307   1.00 31.85 ? 53  LEU B N   1 
ATOM   771 C CA  . LEU B 1 53 ? 1.236   9.460   5.561   1.00 28.09 ? 53  LEU B CA  1 
ATOM   772 C C   . LEU B 1 53 ? 0.789   8.272   6.389   1.00 25.87 ? 53  LEU B C   1 
ATOM   773 O O   . LEU B 1 53 ? 1.476   7.884   7.381   1.00 24.41 ? 53  LEU B O   1 
ATOM   774 C CB  . LEU B 1 53 ? 1.924   8.947   4.318   1.00 26.86 ? 53  LEU B CB  1 
ATOM   775 C CG  . LEU B 1 53 ? 2.474   9.979   3.381   1.00 27.40 ? 53  LEU B CG  1 
ATOM   776 C CD1 . LEU B 1 53 ? 3.165   9.303   2.227   1.00 28.82 ? 53  LEU B CD1 1 
ATOM   777 C CD2 . LEU B 1 53 ? 1.345   10.841  2.877   1.00 31.63 ? 53  LEU B CD2 1 
ATOM   778 N N   . GLY B 1 54 ? -0.323  7.638   5.998   1.00 24.42 ? 54  GLY B N   1 
ATOM   779 C CA  . GLY B 1 54 ? -0.684  6.330   6.575   1.00 23.77 ? 54  GLY B CA  1 
ATOM   780 C C   . GLY B 1 54 ? 0.333   5.266   6.213   1.00 21.37 ? 54  GLY B C   1 
ATOM   781 O O   . GLY B 1 54 ? 1.123   5.440   5.282   1.00 20.17 ? 54  GLY B O   1 
ATOM   782 N N   . GLY B 1 55 ? 0.322   4.123   6.898   1.00 20.10 ? 55  GLY B N   1 
ATOM   783 C CA  . GLY B 1 55 ? 1.411   3.177   6.706   1.00 17.73 ? 55  GLY B CA  1 
ATOM   784 C C   . GLY B 1 55 ? 1.526   2.645   5.290   1.00 17.12 ? 55  GLY B C   1 
ATOM   785 O O   . GLY B 1 55 ? 2.639   2.557   4.725   1.00 18.83 ? 55  GLY B O   1 
ATOM   786 N N   . THR B 1 56 ? 0.394   2.267   4.687   1.00 16.74 ? 56  THR B N   1 
ATOM   787 C CA  . THR B 1 56 ? 0.462   1.770   3.299   1.00 16.14 ? 56  THR B CA  1 
ATOM   788 C C   . THR B 1 56 ? 0.994   2.835   2.321   1.00 15.88 ? 56  THR B C   1 
ATOM   789 O O   . THR B 1 56 ? 1.893   2.560   1.519   1.00 15.96 ? 56  THR B O   1 
ATOM   790 C CB  . THR B 1 56 ? -0.902  1.252   2.805   1.00 16.89 ? 56  THR B CB  1 
ATOM   791 O OG1 . THR B 1 56 ? -1.384  0.254   3.720   1.00 17.58 ? 56  THR B OG1 1 
ATOM   792 C CG2 . THR B 1 56 ? -0.684  0.578   1.453   1.00 16.51 ? 56  THR B CG2 1 
ATOM   793 N N   . ALA B 1 57 ? 0.454   4.039   2.409   1.00 16.48 ? 57  ALA B N   1 
ATOM   794 C CA  . ALA B 1 57 ? 0.859   5.157   1.543   1.00 17.30 ? 57  ALA B CA  1 
ATOM   795 C C   . ALA B 1 57 ? 2.368   5.422   1.742   1.00 17.32 ? 57  ALA B C   1 
ATOM   796 O O   . ALA B 1 57 ? 3.070   5.741   0.788   1.00 17.63 ? 57  ALA B O   1 
ATOM   797 C CB  . ALA B 1 57 ? 0.027   6.426   1.832   1.00 19.46 ? 57  ALA B CB  1 
ATOM   798 N N   . ALA B 1 58 ? 2.822   5.320   2.991   1.00 18.24 ? 58  ALA B N   1 
ATOM   799 C CA  . ALA B 1 58 ? 4.233   5.651   3.368   1.00 18.52 ? 58  ALA B CA  1 
ATOM   800 C C   . ALA B 1 58 ? 5.144   4.705   2.657   1.00 16.36 ? 58  ALA B C   1 
ATOM   801 O O   . ALA B 1 58 ? 6.187   5.016   2.044   1.00 18.82 ? 58  ALA B O   1 
ATOM   802 C CB  . ALA B 1 58 ? 4.488   5.558   4.877   1.00 20.04 ? 58  ALA B CB  1 
HETATM 803 C C1  . MLI C 2 .  ? 2.446   -10.098 -7.117  0.50 21.96 ? 101 MLI B C1  1 
HETATM 804 C C2  . MLI C 2 .  ? 3.370   -11.089 -6.360  0.50 21.99 ? 101 MLI B C2  1 
HETATM 805 C C3  . MLI C 2 .  ? 1.029   -10.666 -7.065  0.50 23.90 ? 101 MLI B C3  1 
HETATM 806 O O6  . MLI C 2 .  ? 4.164   -10.660 -5.490  0.50 19.74 ? 101 MLI B O6  1 
HETATM 807 O O7  . MLI C 2 .  ? 3.355   -12.325 -6.604  0.50 20.84 ? 101 MLI B O7  1 
HETATM 808 O O8  . MLI C 2 .  ? 0.500   -10.819 -5.937  0.50 20.75 ? 101 MLI B O8  1 
HETATM 809 O O9  . MLI C 2 .  ? 0.412   -10.978 -8.116  0.50 22.25 ? 101 MLI B O9  1 
HETATM 810 O O   . HOH D 3 .  ? -9.067  -1.171  9.617   1.00 28.02 ? 101 HOH A O   1 
HETATM 811 O O   . HOH D 3 .  ? -7.033  -10.354 -9.216  1.00 39.09 ? 102 HOH A O   1 
HETATM 812 O O   . HOH D 3 .  ? -15.752 -1.674  -6.972  1.00 34.04 ? 103 HOH A O   1 
HETATM 813 O O   . HOH D 3 .  ? -2.212  -5.002  9.742   1.00 52.60 ? 104 HOH A O   1 
HETATM 814 O O   . HOH D 3 .  ? -3.364  4.995   -13.597 1.00 43.40 ? 105 HOH A O   1 
HETATM 815 O O   . HOH D 3 .  ? -8.015  -2.927  -13.726 1.00 34.90 ? 106 HOH A O   1 
HETATM 816 O O   . HOH D 3 .  ? 2.525   -4.214  -4.788  1.00 31.35 ? 107 HOH A O   1 
HETATM 817 O O   . HOH D 3 .  ? -7.794  8.324   1.811   1.00 35.58 ? 108 HOH A O   1 
HETATM 818 O O   . HOH D 3 .  ? -16.382 4.242   -16.224 1.00 43.59 ? 109 HOH A O   1 
HETATM 819 O O   . HOH D 3 .  ? -4.805  -18.613 -3.526  1.00 34.81 ? 110 HOH A O   1 
HETATM 820 O O   . HOH D 3 .  ? -12.559 -5.583  -11.693 1.00 35.76 ? 111 HOH A O   1 
HETATM 821 O O   . HOH D 3 .  ? -8.946  -7.364  -11.621 1.00 28.54 ? 112 HOH A O   1 
HETATM 822 O O   . HOH D 3 .  ? -3.476  10.687  -7.026  1.00 55.49 ? 113 HOH A O   1 
HETATM 823 O O   . HOH D 3 .  ? -18.767 2.849   -15.111 1.00 49.13 ? 114 HOH A O   1 
HETATM 824 O O   . HOH D 3 .  ? -5.499  3.440   10.804  1.00 40.62 ? 115 HOH A O   1 
HETATM 825 O O   . HOH D 3 .  ? -4.953  -1.701  10.575  1.00 30.41 ? 116 HOH A O   1 
HETATM 826 O O   . HOH D 3 .  ? 2.595   -1.493  -5.933  1.00 27.06 ? 117 HOH A O   1 
HETATM 827 O O   . HOH D 3 .  ? -0.405  5.178   -5.484  1.00 37.32 ? 118 HOH A O   1 
HETATM 828 O O   . HOH D 3 .  ? -16.760 -2.354  -10.377 1.00 46.22 ? 119 HOH A O   1 
HETATM 829 O O   . HOH D 3 .  ? -2.847  -15.067 -1.828  1.00 37.00 ? 120 HOH A O   1 
HETATM 830 O O   . HOH D 3 .  ? -4.354  6.556   0.587   1.00 45.30 ? 121 HOH A O   1 
HETATM 831 O O   . HOH D 3 .  ? -2.727  6.615   -12.083 1.00 49.26 ? 122 HOH A O   1 
HETATM 832 O O   . HOH D 3 .  ? -6.280  -15.694 -10.993 1.00 44.34 ? 123 HOH A O   1 
HETATM 833 O O   . HOH D 3 .  ? -3.559  6.206   2.861   1.00 31.40 ? 124 HOH A O   1 
HETATM 834 O O   . HOH E 3 .  ? 5.230   -11.732 -3.669  1.00 22.11 ? 201 HOH B O   1 
HETATM 835 O O   . HOH E 3 .  ? 4.621   -11.648 7.152   1.00 47.39 ? 202 HOH B O   1 
HETATM 836 O O   . HOH E 3 .  ? 2.295   9.686   11.523  1.00 28.50 ? 203 HOH B O   1 
HETATM 837 O O   . HOH E 3 .  ? 9.356   1.496   -7.285  1.00 38.56 ? 204 HOH B O   1 
HETATM 838 O O   . HOH E 3 .  ? 8.020   -5.347  16.249  1.00 39.00 ? 205 HOH B O   1 
HETATM 839 O O   . HOH E 3 .  ? 9.105   -10.850 -3.003  1.00 32.42 ? 206 HOH B O   1 
HETATM 840 O O   . HOH E 3 .  ? -2.145  1.733   5.875   1.00 31.15 ? 207 HOH B O   1 
HETATM 841 O O   . HOH E 3 .  ? 15.661  3.391   7.211   1.00 34.29 ? 208 HOH B O   1 
HETATM 842 O O   . HOH E 3 .  ? 19.944  2.631   1.768   1.00 44.59 ? 209 HOH B O   1 
HETATM 843 O O   . HOH E 3 .  ? 13.245  -7.900  2.558   1.00 43.63 ? 210 HOH B O   1 
HETATM 844 O O   . HOH E 3 .  ? 11.356  5.698   11.866  1.00 35.86 ? 211 HOH B O   1 
HETATM 845 O O   . HOH E 3 .  ? 15.862  9.046   -3.938  1.00 47.54 ? 212 HOH B O   1 
HETATM 846 O O   . HOH E 3 .  ? 11.503  -0.222  15.145  1.00 30.43 ? 213 HOH B O   1 
HETATM 847 O O   . HOH E 3 .  ? -1.526  -3.427  15.579  1.00 40.44 ? 214 HOH B O   1 
HETATM 848 O O   . HOH E 3 .  ? 11.558  -6.743  -5.508  1.00 36.09 ? 215 HOH B O   1 
HETATM 849 O O   . HOH E 3 .  ? 11.538  -16.457 0.369   1.00 46.70 ? 216 HOH B O   1 
HETATM 850 O O   . HOH E 3 .  ? 16.756  5.931   8.956   1.00 48.37 ? 217 HOH B O   1 
HETATM 851 O O   . HOH E 3 .  ? 6.927   -1.256  -7.077  1.00 28.71 ? 218 HOH B O   1 
HETATM 852 O O   . HOH E 3 .  ? 17.702  14.501  6.493   1.00 33.43 ? 219 HOH B O   1 
HETATM 853 O O   . HOH E 3 .  ? 5.993   -8.193  -9.055  1.00 37.72 ? 220 HOH B O   1 
HETATM 854 O O   . HOH E 3 .  ? 19.667  11.987  7.286   1.00 48.96 ? 221 HOH B O   1 
HETATM 855 O O   . HOH E 3 .  ? 9.371   1.161   17.300  1.00 41.17 ? 222 HOH B O   1 
HETATM 856 O O   . HOH E 3 .  ? -1.985  8.676   3.781   1.00 28.63 ? 223 HOH B O   1 
HETATM 857 O O   . HOH E 3 .  ? -2.050  4.486   3.924   1.00 21.85 ? 224 HOH B O   1 
HETATM 858 O O   . HOH E 3 .  ? 1.841   7.234   -1.479  1.00 34.44 ? 225 HOH B O   1 
HETATM 859 O O   . HOH E 3 .  ? 13.549  -3.493  -4.582  1.00 36.97 ? 226 HOH B O   1 
HETATM 860 O O   . HOH E 3 .  ? 17.032  8.797   9.831   1.00 54.43 ? 227 HOH B O   1 
HETATM 861 O O   . HOH E 3 .  ? -1.711  -8.390  -5.902  1.00 50.11 ? 228 HOH B O   1 
HETATM 862 O O   . HOH E 3 .  ? 19.833  13.051  0.544   1.00 54.09 ? 229 HOH B O   1 
HETATM 863 O O   . HOH E 3 .  ? 1.619   -6.279  -5.349  1.00 46.52 ? 230 HOH B O   1 
HETATM 864 O O   . HOH E 3 .  ? 14.438  -3.745  -6.708  1.00 43.76 ? 231 HOH B O   1 
HETATM 865 O O   . HOH E 3 .  ? 19.877  -1.624  4.478   1.00 53.56 ? 232 HOH B O   1 
# 
